data_3TPQ
#
_entry.id   3TPQ
#
_cell.length_a   180.737
_cell.length_b   180.737
_cell.length_c   382.279
_cell.angle_alpha   90.00
_cell.angle_beta   90.00
_cell.angle_gamma   120.00
#
_symmetry.space_group_name_H-M   'P 65 2 2'
#
loop_
_entity.id
_entity.type
_entity.pdbx_description
1 polymer 'Actin, alpha skeletal muscle'
2 polymer MAL
3 non-polymer "ADENOSINE-5'-TRIPHOSPHATE"
4 non-polymer 'CALCIUM ION'
#
loop_
_entity_poly.entity_id
_entity_poly.type
_entity_poly.pdbx_seq_one_letter_code
_entity_poly.pdbx_strand_id
1 'polypeptide(L)'
;DEDETTALVCDNGSGLVKAGFAGDDAPRAVFPSIVGRPRHQGVMVGMGQKDSYVGDEAQSKRGILTLKYPIEHGIITNWD
DMEKIWHHTFYNELRVAPEEHPTLLTEAPLNPKANREKMTQIMFETFNVPAMYVAIQAVLSLYASGRTTGIVLDSGDGVT
HNVPIYEGYALPHAIMRLDLAGRDLTDYLMKILTERGYSFVTTAEREIVRDIKEKLCYVALDFENEMATAASSSSLEKSY
ELPDGQVITIGNERFRCPETLFQPSFIGMESAGIHETTYNSIMKCDIDIRKDLYANNVMSGGTTMYPGIADRMQKEITAL
APSTMKIKIIAPPERKYSVWIGGSILASLSTFQQMWITKQEYDEAGPSIVHRKCF
;
A,B,C,D,E
2 'polypeptide(L)'
;LSERKNVLQLKLQQRRTREELVSQGIMPPLKSPAAFHEQRRSLERARTEDYLKRKIRSRPERAELVRMHILEETSAEPSL
QAKQLKLKRARLADDLNEKIAQRPGPMELVEKNILPV
;
M
#
loop_
_chem_comp.id
_chem_comp.type
_chem_comp.name
_chem_comp.formula
ATP non-polymer ADENOSINE-5'-TRIPHOSPHATE 'C10 H16 N5 O13 P3'
CA non-polymer 'CALCIUM ION' 'Ca 2'
#
# COMPACT_ATOMS: atom_id res chain seq x y z
N THR A 5 -7.79 5.85 -25.89
CA THR A 5 -8.72 4.75 -25.45
C THR A 5 -8.25 4.00 -24.18
N THR A 6 -7.18 4.48 -23.58
CA THR A 6 -6.70 3.98 -22.30
C THR A 6 -7.77 4.04 -21.22
N ALA A 7 -7.84 3.00 -20.41
CA ALA A 7 -8.73 2.96 -19.27
C ALA A 7 -8.53 4.13 -18.32
N LEU A 8 -9.62 4.51 -17.66
CA LEU A 8 -9.61 5.65 -16.74
C LEU A 8 -9.75 5.24 -15.30
N VAL A 9 -9.14 6.00 -14.41
CA VAL A 9 -9.14 5.69 -12.99
C VAL A 9 -9.55 6.88 -12.13
N CYS A 10 -10.51 6.64 -11.26
CA CYS A 10 -11.06 7.69 -10.44
C CYS A 10 -11.33 7.33 -8.96
N ASP A 11 -10.54 7.94 -8.08
CA ASP A 11 -10.67 7.80 -6.63
C ASP A 11 -11.53 8.92 -6.12
N ASN A 12 -12.72 8.60 -5.70
CA ASN A 12 -13.58 9.60 -5.13
C ASN A 12 -13.48 9.68 -3.63
N GLY A 13 -12.75 10.68 -3.18
CA GLY A 13 -12.70 11.02 -1.77
C GLY A 13 -13.68 12.09 -1.34
N SER A 14 -13.86 12.18 -0.02
CA SER A 14 -14.73 13.17 0.59
C SER A 14 -14.23 14.55 0.25
N GLY A 15 -12.89 14.69 0.18
CA GLY A 15 -12.24 15.96 -0.05
C GLY A 15 -11.83 16.08 -1.49
N LEU A 16 -11.10 15.11 -2.00
CA LEU A 16 -10.56 15.29 -3.31
C LEU A 16 -10.88 14.14 -4.19
N VAL A 17 -11.15 14.48 -5.41
CA VAL A 17 -11.11 13.56 -6.50
C VAL A 17 -9.67 13.47 -6.96
N LYS A 18 -9.21 12.24 -7.11
CA LYS A 18 -7.94 11.90 -7.74
C LYS A 18 -8.28 11.11 -9.03
N ALA A 19 -7.89 11.63 -10.20
CA ALA A 19 -8.26 11.02 -11.48
C ALA A 19 -7.12 10.97 -12.50
N GLY A 20 -7.11 9.95 -13.34
CA GLY A 20 -6.10 9.78 -14.38
C GLY A 20 -6.29 8.56 -15.25
N PHE A 21 -5.17 8.12 -15.82
CA PHE A 21 -5.19 7.01 -16.76
C PHE A 21 -4.47 5.80 -16.17
N ALA A 22 -4.99 4.61 -16.45
CA ALA A 22 -4.31 3.38 -16.06
C ALA A 22 -2.91 3.38 -16.63
N GLY A 23 -1.94 3.13 -15.76
CA GLY A 23 -0.56 3.02 -16.19
C GLY A 23 0.25 4.25 -15.90
N ASP A 24 -0.43 5.32 -15.50
CA ASP A 24 0.27 6.50 -15.03
C ASP A 24 0.77 6.24 -13.64
N ASP A 25 1.84 6.95 -13.30
CA ASP A 25 2.56 6.77 -12.05
C ASP A 25 1.85 7.37 -10.85
N ALA A 26 1.02 8.37 -11.15
CA ALA A 26 0.08 8.97 -10.22
C ALA A 26 -1.02 9.70 -11.05
N PRO A 27 -2.03 10.25 -10.37
CA PRO A 27 -3.18 10.79 -11.09
C PRO A 27 -2.79 11.95 -11.98
N ARG A 28 -3.32 11.96 -13.18
CA ARG A 28 -3.18 13.15 -13.99
C ARG A 28 -3.80 14.42 -13.35
N ALA A 29 -4.90 14.28 -12.60
CA ALA A 29 -5.57 15.46 -12.02
C ALA A 29 -6.13 15.29 -10.62
N VAL A 30 -6.01 16.34 -9.81
CA VAL A 30 -6.58 16.36 -8.47
C VAL A 30 -7.24 17.69 -8.24
N PHE A 31 -8.45 17.65 -7.73
CA PHE A 31 -9.19 18.86 -7.47
C PHE A 31 -10.21 18.60 -6.36
N PRO A 32 -10.66 19.66 -5.67
CA PRO A 32 -11.65 19.50 -4.62
C PRO A 32 -13.03 18.98 -5.07
N SER A 33 -13.68 18.22 -4.19
CA SER A 33 -14.98 17.58 -4.44
C SER A 33 -16.18 18.42 -3.94
N ILE A 34 -16.47 19.52 -4.65
CA ILE A 34 -17.42 20.56 -4.20
C ILE A 34 -18.20 21.19 -5.35
N VAL A 35 -19.43 21.60 -5.07
CA VAL A 35 -20.20 22.35 -6.04
C VAL A 35 -20.79 23.65 -5.44
N VAL A 54 -18.23 23.60 -10.04
CA VAL A 54 -17.57 22.33 -9.78
C VAL A 54 -16.05 22.47 -9.62
N GLY A 55 -15.57 22.00 -8.47
CA GLY A 55 -14.15 21.85 -8.20
C GLY A 55 -13.47 23.18 -8.09
N ASP A 56 -12.50 23.41 -8.96
CA ASP A 56 -11.78 24.68 -8.92
C ASP A 56 -12.54 25.91 -9.44
N GLU A 57 -13.68 25.64 -10.09
CA GLU A 57 -14.66 26.70 -10.42
C GLU A 57 -15.13 27.36 -9.14
N ALA A 58 -15.40 26.56 -8.11
CA ALA A 58 -15.90 27.08 -6.85
C ALA A 58 -14.80 27.68 -6.01
N GLN A 59 -13.55 27.49 -6.42
CA GLN A 59 -12.48 28.13 -5.70
C GLN A 59 -12.28 29.63 -6.04
N SER A 60 -12.08 30.01 -7.32
CA SER A 60 -11.84 31.46 -7.63
C SER A 60 -13.03 32.37 -7.30
N LYS A 68 -21.88 22.94 -1.69
CA LYS A 68 -22.13 21.54 -1.29
C LYS A 68 -20.96 20.55 -1.55
N TYR A 69 -20.73 19.63 -0.59
CA TYR A 69 -19.85 18.47 -0.78
C TYR A 69 -20.68 17.23 -1.06
N PRO A 70 -20.63 16.71 -2.30
CA PRO A 70 -21.42 15.52 -2.58
C PRO A 70 -20.97 14.26 -1.84
N ILE A 71 -19.72 14.24 -1.33
CA ILE A 71 -19.25 13.08 -0.57
C ILE A 71 -18.94 13.44 0.88
N GLU A 72 -19.62 12.74 1.80
CA GLU A 72 -19.44 12.95 3.22
C GLU A 72 -19.05 11.67 3.86
N HIS A 73 -18.01 11.73 4.66
CA HIS A 73 -17.47 10.54 5.33
C HIS A 73 -17.27 9.36 4.39
N GLY A 74 -16.86 9.67 3.15
CA GLY A 74 -16.44 8.65 2.18
C GLY A 74 -17.56 8.15 1.31
N ILE A 75 -18.78 8.51 1.69
CA ILE A 75 -19.99 8.07 1.01
C ILE A 75 -20.57 9.18 0.12
N ILE A 76 -20.85 8.83 -1.12
CA ILE A 76 -21.62 9.66 -1.99
C ILE A 76 -23.01 9.73 -1.38
N THR A 77 -23.43 10.95 -1.08
CA THR A 77 -24.74 11.20 -0.53
C THR A 77 -25.54 12.13 -1.47
N ASN A 78 -24.85 12.88 -2.33
CA ASN A 78 -25.48 13.83 -3.25
C ASN A 78 -25.22 13.47 -4.70
N TRP A 79 -26.20 12.79 -5.28
CA TRP A 79 -26.03 12.11 -6.54
C TRP A 79 -25.93 13.06 -7.70
N ASP A 80 -26.71 14.13 -7.63
CA ASP A 80 -26.73 15.11 -8.69
C ASP A 80 -25.42 15.85 -8.76
N ASP A 81 -24.93 16.30 -7.61
CA ASP A 81 -23.66 17.01 -7.59
C ASP A 81 -22.54 16.06 -7.92
N MET A 82 -22.68 14.81 -7.47
CA MET A 82 -21.66 13.82 -7.74
C MET A 82 -21.57 13.61 -9.26
N GLU A 83 -22.72 13.59 -9.92
CA GLU A 83 -22.76 13.44 -11.36
C GLU A 83 -22.04 14.61 -12.03
N LYS A 84 -22.24 15.79 -11.45
CA LYS A 84 -21.53 16.97 -11.90
C LYS A 84 -20.02 16.84 -11.69
N ILE A 85 -19.64 16.22 -10.56
CA ILE A 85 -18.24 15.94 -10.22
C ILE A 85 -17.60 15.09 -11.29
N TRP A 86 -18.27 14.01 -11.65
CA TRP A 86 -17.78 13.14 -12.69
C TRP A 86 -17.76 13.78 -14.03
N HIS A 87 -18.83 14.51 -14.32
CA HIS A 87 -18.88 15.23 -15.56
C HIS A 87 -17.66 16.11 -15.72
N HIS A 88 -17.37 16.88 -14.68
CA HIS A 88 -16.19 17.78 -14.66
C HIS A 88 -14.96 17.00 -14.93
N THR A 89 -14.90 15.85 -14.27
CA THR A 89 -13.76 14.99 -14.39
C THR A 89 -13.48 14.59 -15.84
N PHE A 90 -14.48 14.06 -16.53
CA PHE A 90 -14.26 13.54 -17.87
C PHE A 90 -13.96 14.67 -18.81
N TYR A 91 -14.76 15.71 -18.70
CA TYR A 91 -14.84 16.70 -19.73
C TYR A 91 -13.96 17.89 -19.48
N ASN A 92 -13.77 18.25 -18.22
CA ASN A 92 -12.98 19.44 -17.94
C ASN A 92 -11.59 19.10 -17.51
N GLU A 93 -11.47 17.98 -16.79
CA GLU A 93 -10.18 17.60 -16.29
C GLU A 93 -9.45 16.69 -17.25
N LEU A 94 -10.02 15.53 -17.55
CA LEU A 94 -9.28 14.54 -18.33
C LEU A 94 -9.40 14.71 -19.81
N ARG A 95 -10.53 15.32 -20.19
CA ARG A 95 -10.80 15.67 -21.58
C ARG A 95 -10.77 14.43 -22.45
N VAL A 96 -11.79 13.61 -22.20
CA VAL A 96 -11.97 12.34 -22.84
C VAL A 96 -13.44 12.12 -23.07
N ALA A 97 -13.75 11.39 -24.13
CA ALA A 97 -15.11 10.97 -24.38
C ALA A 97 -15.31 9.67 -23.63
N PRO A 98 -16.23 9.65 -22.65
CA PRO A 98 -16.40 8.50 -21.75
C PRO A 98 -16.66 7.13 -22.44
N GLU A 99 -17.34 7.14 -23.58
CA GLU A 99 -17.65 5.93 -24.33
C GLU A 99 -16.41 5.25 -24.85
N GLU A 100 -15.28 5.96 -24.91
CA GLU A 100 -14.04 5.44 -25.50
C GLU A 100 -13.07 4.81 -24.49
N HIS A 101 -13.47 4.81 -23.22
CA HIS A 101 -12.59 4.42 -22.13
C HIS A 101 -13.28 3.60 -21.06
N PRO A 102 -12.84 2.36 -20.85
CA PRO A 102 -13.34 1.62 -19.69
C PRO A 102 -12.94 2.36 -18.43
N THR A 103 -13.76 2.29 -17.40
CA THR A 103 -13.52 3.14 -16.23
C THR A 103 -13.58 2.44 -14.87
N LEU A 104 -12.54 2.61 -14.05
CA LEU A 104 -12.58 2.07 -12.70
C LEU A 104 -12.81 3.15 -11.68
N LEU A 105 -13.74 2.87 -10.77
CA LEU A 105 -14.02 3.79 -9.67
C LEU A 105 -13.60 3.21 -8.35
N THR A 106 -13.51 4.06 -7.33
CA THR A 106 -13.24 3.55 -6.01
C THR A 106 -14.34 3.88 -5.12
N GLU A 107 -14.42 3.09 -4.07
CA GLU A 107 -15.48 3.19 -3.13
C GLU A 107 -14.96 3.04 -1.74
N ALA A 108 -15.73 3.55 -0.81
CA ALA A 108 -15.39 3.37 0.55
C ALA A 108 -15.69 1.95 0.94
N PRO A 109 -15.00 1.51 1.97
CA PRO A 109 -15.31 0.28 2.67
C PRO A 109 -16.76 0.32 3.16
N LEU A 110 -17.43 -0.82 3.19
CA LEU A 110 -18.80 -0.90 3.73
C LEU A 110 -19.81 -0.05 2.96
N ASN A 111 -19.44 0.35 1.75
CA ASN A 111 -20.36 1.03 0.88
C ASN A 111 -21.67 0.23 0.76
N PRO A 112 -22.83 0.88 0.99
CA PRO A 112 -24.10 0.21 0.74
C PRO A 112 -24.24 -0.34 -0.67
N LYS A 113 -24.87 -1.51 -0.78
CA LYS A 113 -25.11 -2.13 -2.07
C LYS A 113 -25.79 -1.13 -3.01
N ALA A 114 -26.75 -0.39 -2.46
CA ALA A 114 -27.43 0.78 -3.08
C ALA A 114 -26.46 1.68 -3.88
N ASN A 115 -25.37 2.06 -3.23
CA ASN A 115 -24.42 3.01 -3.77
C ASN A 115 -23.69 2.46 -4.94
N ARG A 116 -23.28 1.21 -4.77
CA ARG A 116 -22.55 0.52 -5.79
C ARG A 116 -23.41 0.53 -7.06
N GLU A 117 -24.69 0.19 -6.92
CA GLU A 117 -25.53 -0.02 -8.09
C GLU A 117 -25.75 1.28 -8.79
N LYS A 118 -26.00 2.31 -8.00
CA LYS A 118 -26.39 3.60 -8.57
C LYS A 118 -25.19 4.15 -9.30
N MET A 119 -24.05 3.98 -8.68
CA MET A 119 -22.81 4.46 -9.24
C MET A 119 -22.53 3.76 -10.57
N THR A 120 -22.90 2.49 -10.61
CA THR A 120 -22.79 1.70 -11.84
C THR A 120 -23.76 2.20 -12.89
N GLN A 121 -25.01 2.40 -12.49
CA GLN A 121 -26.00 2.82 -13.44
C GLN A 121 -25.59 4.11 -14.10
N ILE A 122 -25.10 5.03 -13.30
CA ILE A 122 -24.78 6.35 -13.79
C ILE A 122 -23.70 6.24 -14.83
N MET A 123 -22.70 5.45 -14.55
CA MET A 123 -21.59 5.35 -15.46
C MET A 123 -22.03 4.81 -16.82
N PHE A 124 -22.86 3.78 -16.80
CA PHE A 124 -23.24 3.11 -18.02
C PHE A 124 -24.34 3.85 -18.71
N GLU A 125 -25.26 4.40 -17.93
CA GLU A 125 -26.45 5.01 -18.51
C GLU A 125 -26.32 6.49 -18.81
N THR A 126 -25.61 7.21 -17.93
CA THR A 126 -25.39 8.66 -18.11
C THR A 126 -24.14 8.91 -18.94
N PHE A 127 -23.08 8.17 -18.61
CA PHE A 127 -21.83 8.41 -19.25
C PHE A 127 -21.53 7.41 -20.36
N ASN A 128 -22.33 6.35 -20.48
CA ASN A 128 -22.24 5.38 -21.59
C ASN A 128 -20.87 4.78 -21.73
N VAL A 129 -20.25 4.49 -20.60
CA VAL A 129 -18.92 3.89 -20.61
C VAL A 129 -19.00 2.48 -21.23
N PRO A 130 -17.93 2.03 -21.91
CA PRO A 130 -17.95 0.72 -22.57
C PRO A 130 -17.79 -0.44 -21.58
N ALA A 131 -17.24 -0.11 -20.42
CA ALA A 131 -16.93 -1.07 -19.35
C ALA A 131 -16.50 -0.31 -18.07
N MET A 132 -16.74 -0.91 -16.91
CA MET A 132 -16.32 -0.30 -15.65
C MET A 132 -16.15 -1.31 -14.51
N TYR A 133 -15.55 -0.84 -13.41
CA TYR A 133 -15.31 -1.65 -12.23
C TYR A 133 -15.33 -0.74 -11.00
N VAL A 134 -15.74 -1.31 -9.87
CA VAL A 134 -15.66 -0.63 -8.56
C VAL A 134 -14.79 -1.43 -7.58
N ALA A 135 -13.73 -0.79 -7.11
CA ALA A 135 -12.80 -1.40 -6.20
C ALA A 135 -12.77 -0.63 -4.91
N ILE A 136 -12.57 -1.32 -3.80
CA ILE A 136 -12.46 -0.58 -2.56
C ILE A 136 -11.17 0.18 -2.42
N GLN A 137 -11.28 1.42 -1.95
CA GLN A 137 -10.15 2.29 -1.76
C GLN A 137 -9.01 1.56 -1.08
N ALA A 138 -9.27 1.06 0.14
CA ALA A 138 -8.22 0.40 0.94
C ALA A 138 -7.52 -0.73 0.22
N VAL A 139 -8.27 -1.51 -0.55
CA VAL A 139 -7.68 -2.63 -1.19
C VAL A 139 -6.75 -2.16 -2.30
N LEU A 140 -7.12 -1.10 -2.99
CA LEU A 140 -6.23 -0.60 -4.02
C LEU A 140 -4.93 -0.15 -3.43
N SER A 141 -5.02 0.50 -2.27
CA SER A 141 -3.83 0.87 -1.52
C SER A 141 -3.03 -0.35 -1.13
N LEU A 142 -3.70 -1.40 -0.67
CA LEU A 142 -2.98 -2.60 -0.30
C LEU A 142 -2.24 -3.17 -1.46
N TYR A 143 -2.91 -3.35 -2.59
CA TYR A 143 -2.22 -3.86 -3.76
C TYR A 143 -1.03 -3.00 -4.12
N ALA A 144 -1.18 -1.70 -3.95
CA ALA A 144 -0.16 -0.78 -4.39
C ALA A 144 1.12 -1.06 -3.64
N SER A 145 0.98 -1.49 -2.40
CA SER A 145 2.13 -1.81 -1.56
C SER A 145 2.71 -3.17 -1.86
N GLY A 146 2.16 -3.85 -2.87
CA GLY A 146 2.60 -5.18 -3.21
C GLY A 146 2.05 -6.28 -2.30
N ARG A 147 1.03 -6.00 -1.51
CA ARG A 147 0.38 -7.04 -0.74
C ARG A 147 -1.00 -7.39 -1.31
N THR A 148 -1.52 -8.58 -1.00
CA THR A 148 -2.96 -8.76 -1.17
C THR A 148 -3.61 -9.06 0.15
N THR A 149 -2.82 -9.11 1.21
CA THR A 149 -3.37 -9.28 2.53
C THR A 149 -2.71 -8.34 3.52
N GLY A 150 -3.47 -7.81 4.48
CA GLY A 150 -2.90 -7.02 5.55
C GLY A 150 -4.01 -6.19 6.14
N ILE A 151 -3.69 -5.16 6.88
CA ILE A 151 -4.70 -4.30 7.44
C ILE A 151 -4.31 -2.88 7.11
N VAL A 152 -5.19 -2.19 6.42
CA VAL A 152 -4.96 -0.82 6.01
C VAL A 152 -5.49 0.21 7.00
N LEU A 153 -4.72 1.25 7.17
CA LEU A 153 -5.21 2.47 7.77
C LEU A 153 -5.30 3.55 6.67
N ASP A 154 -6.54 3.81 6.25
CA ASP A 154 -6.86 4.85 5.27
C ASP A 154 -7.59 6.04 5.90
N SER A 155 -6.94 7.19 5.81
CA SER A 155 -7.45 8.40 6.42
C SER A 155 -7.23 9.54 5.46
N GLY A 156 -8.31 10.14 5.01
CA GLY A 156 -8.25 11.21 4.07
C GLY A 156 -8.76 12.43 4.72
N ASP A 157 -9.68 13.07 4.05
CA ASP A 157 -10.11 14.34 4.53
C ASP A 157 -11.27 14.21 5.48
N GLY A 158 -12.10 13.19 5.27
CA GLY A 158 -13.41 13.15 5.91
C GLY A 158 -13.74 11.92 6.72
N VAL A 159 -12.98 10.86 6.50
CA VAL A 159 -13.20 9.67 7.26
C VAL A 159 -11.88 8.93 7.39
N THR A 160 -11.78 8.15 8.46
CA THR A 160 -10.66 7.26 8.72
C THR A 160 -11.21 5.84 8.91
N HIS A 161 -10.54 4.81 8.37
CA HIS A 161 -10.96 3.41 8.57
C HIS A 161 -9.81 2.53 8.90
N ASN A 162 -10.04 1.49 9.70
CA ASN A 162 -9.12 0.33 9.69
C ASN A 162 -9.78 -0.73 8.86
N VAL A 163 -9.09 -1.21 7.82
CA VAL A 163 -9.66 -2.21 6.90
C VAL A 163 -8.80 -3.47 6.77
N PRO A 164 -9.13 -4.50 7.54
CA PRO A 164 -8.39 -5.74 7.32
C PRO A 164 -8.83 -6.39 6.03
N ILE A 165 -7.88 -6.84 5.24
CA ILE A 165 -8.13 -7.39 3.92
C ILE A 165 -7.36 -8.68 3.75
N TYR A 166 -7.99 -9.67 3.11
CA TYR A 166 -7.36 -10.95 2.95
C TYR A 166 -7.51 -11.41 1.52
N GLU A 167 -6.41 -11.71 0.85
CA GLU A 167 -6.40 -11.93 -0.59
C GLU A 167 -7.34 -11.03 -1.38
N GLY A 168 -7.43 -9.76 -0.99
CA GLY A 168 -8.29 -8.81 -1.67
C GLY A 168 -9.67 -8.62 -1.05
N TYR A 169 -10.01 -9.51 -0.13
CA TYR A 169 -11.29 -9.43 0.56
C TYR A 169 -11.26 -8.59 1.85
N ALA A 170 -11.83 -7.40 1.83
CA ALA A 170 -12.04 -6.67 3.07
C ALA A 170 -12.85 -7.53 4.04
N LEU A 171 -12.50 -7.62 5.31
CA LEU A 171 -13.30 -8.39 6.27
C LEU A 171 -14.33 -7.54 7.00
N PRO A 172 -15.60 -7.60 6.56
CA PRO A 172 -16.47 -6.51 6.90
C PRO A 172 -16.72 -6.39 8.39
N HIS A 173 -16.79 -7.51 9.10
CA HIS A 173 -17.14 -7.39 10.52
C HIS A 173 -16.06 -6.75 11.33
N ALA A 174 -14.89 -6.63 10.74
CA ALA A 174 -13.75 -6.17 11.48
C ALA A 174 -13.35 -4.75 11.10
N ILE A 175 -14.01 -4.21 10.07
CA ILE A 175 -13.75 -2.85 9.63
C ILE A 175 -14.13 -1.76 10.67
N MET A 176 -13.23 -0.81 10.93
CA MET A 176 -13.46 0.19 11.96
C MET A 176 -13.49 1.56 11.37
N ARG A 177 -14.52 2.31 11.74
CA ARG A 177 -14.78 3.65 11.19
C ARG A 177 -14.61 4.77 12.24
N LEU A 178 -13.85 5.81 11.86
CA LEU A 178 -13.66 6.99 12.69
C LEU A 178 -13.93 8.28 11.90
N ASP A 179 -14.86 9.11 12.41
CA ASP A 179 -15.26 10.26 11.63
C ASP A 179 -14.23 11.39 11.62
N LEU A 180 -13.39 11.45 12.66
CA LEU A 180 -12.28 12.41 12.70
C LEU A 180 -11.27 12.18 11.55
N ALA A 181 -10.96 13.21 10.78
CA ALA A 181 -10.02 13.09 9.67
C ALA A 181 -9.25 14.38 9.40
N GLY A 182 -8.72 14.53 8.18
CA GLY A 182 -7.83 15.66 7.86
C GLY A 182 -8.50 17.01 8.07
N ARG A 183 -9.76 17.11 7.65
CA ARG A 183 -10.47 18.33 7.73
C ARG A 183 -10.55 18.78 9.16
N ASP A 184 -10.88 17.84 10.04
CA ASP A 184 -11.03 18.15 11.46
C ASP A 184 -9.76 18.64 12.08
N LEU A 185 -8.66 18.08 11.60
CA LEU A 185 -7.36 18.43 12.11
C LEU A 185 -7.01 19.86 11.78
N THR A 186 -7.31 20.28 10.55
CA THR A 186 -7.11 21.67 10.14
C THR A 186 -7.90 22.58 11.06
N ASP A 187 -9.17 22.22 11.24
CA ASP A 187 -10.06 23.00 12.03
C ASP A 187 -9.58 23.12 13.46
N TYR A 188 -9.11 22.01 14.01
CA TYR A 188 -8.57 22.07 15.34
C TYR A 188 -7.28 22.90 15.40
N LEU A 189 -6.48 22.88 14.34
CA LEU A 189 -5.27 23.71 14.32
C LEU A 189 -5.61 25.21 14.32
N MET A 190 -6.65 25.55 13.55
CA MET A 190 -7.17 26.90 13.57
C MET A 190 -7.53 27.32 15.00
N LYS A 191 -8.19 26.42 15.74
CA LYS A 191 -8.65 26.65 17.12
C LYS A 191 -7.52 26.83 18.14
N ILE A 192 -6.49 26.01 18.04
CA ILE A 192 -5.40 26.11 19.00
C ILE A 192 -4.40 27.21 18.66
N LEU A 193 -4.30 27.58 17.39
CA LEU A 193 -3.50 28.76 17.03
C LEU A 193 -4.16 30.06 17.53
N THR A 194 -5.46 29.97 17.73
CA THR A 194 -6.25 30.94 18.43
C THR A 194 -5.74 31.20 19.83
N GLU A 195 -5.18 30.19 20.50
CA GLU A 195 -4.67 30.36 21.85
C GLU A 195 -3.46 31.28 21.84
N ARG A 196 -2.57 31.08 20.87
CA ARG A 196 -1.44 31.99 20.64
C ARG A 196 -1.88 33.35 20.17
N GLY A 197 -3.20 33.50 20.01
CA GLY A 197 -3.78 34.76 19.62
C GLY A 197 -3.49 35.08 18.18
N TYR A 198 -3.24 34.05 17.38
CA TYR A 198 -3.23 34.23 15.95
C TYR A 198 -4.64 33.90 15.48
N SER A 199 -5.23 34.88 14.80
CA SER A 199 -6.57 34.74 14.29
C SER A 199 -6.63 34.23 12.89
N PHE A 200 -7.18 33.01 12.79
CA PHE A 200 -7.59 32.35 11.56
C PHE A 200 -9.03 31.93 11.71
N VAL A 201 -9.85 32.39 10.77
CA VAL A 201 -11.27 32.25 10.86
C VAL A 201 -11.87 32.04 9.48
N THR A 202 -11.46 32.85 8.52
CA THR A 202 -12.13 32.89 7.21
C THR A 202 -11.80 31.69 6.35
N THR A 203 -12.60 31.54 5.28
CA THR A 203 -12.35 30.73 4.08
C THR A 203 -10.84 30.63 3.73
N ALA A 204 -10.24 31.78 3.42
CA ALA A 204 -8.86 31.87 2.94
C ALA A 204 -7.90 31.60 4.08
N GLU A 205 -8.28 31.97 5.30
CA GLU A 205 -7.48 31.63 6.49
C GLU A 205 -7.42 30.12 6.82
N ARG A 206 -8.55 29.44 6.61
CA ARG A 206 -8.65 27.98 6.76
C ARG A 206 -7.55 27.39 5.92
N GLU A 207 -7.42 27.87 4.69
CA GLU A 207 -6.41 27.41 3.71
C GLU A 207 -4.95 27.63 4.12
N ILE A 208 -4.70 28.76 4.75
CA ILE A 208 -3.37 29.02 5.26
C ILE A 208 -3.04 27.95 6.32
N VAL A 209 -3.98 27.76 7.25
CA VAL A 209 -3.78 26.85 8.38
C VAL A 209 -3.58 25.41 7.89
N ARG A 210 -4.33 24.99 6.89
CA ARG A 210 -4.14 23.69 6.25
C ARG A 210 -2.72 23.55 5.72
N ASP A 211 -2.18 24.58 5.09
CA ASP A 211 -0.82 24.49 4.62
C ASP A 211 0.16 24.35 5.77
N ILE A 212 -0.10 25.11 6.84
CA ILE A 212 0.74 25.09 8.03
C ILE A 212 0.76 23.67 8.60
N LYS A 213 -0.42 23.08 8.69
CA LYS A 213 -0.59 21.69 9.13
C LYS A 213 0.29 20.75 8.33
N GLU A 214 0.13 20.83 7.00
CA GLU A 214 0.81 19.95 6.08
C GLU A 214 2.32 20.11 6.16
N LYS A 215 2.75 21.33 6.45
CA LYS A 215 4.15 21.65 6.44
C LYS A 215 4.88 21.49 7.75
N LEU A 216 4.20 21.65 8.87
CA LEU A 216 4.94 21.80 10.10
C LEU A 216 4.56 20.85 11.21
N CYS A 217 3.43 20.20 11.02
CA CYS A 217 2.97 19.29 12.02
C CYS A 217 3.79 18.00 11.99
N TYR A 218 3.77 17.31 13.12
CA TYR A 218 4.37 16.01 13.25
C TYR A 218 3.79 15.26 14.43
N VAL A 219 4.01 13.95 14.48
CA VAL A 219 3.52 13.17 15.60
C VAL A 219 4.61 12.86 16.61
N ALA A 220 4.31 13.16 17.87
CA ALA A 220 5.25 12.99 18.96
C ALA A 220 5.40 11.55 19.27
N LEU A 221 6.62 11.09 19.54
CA LEU A 221 6.76 9.72 19.95
C LEU A 221 6.20 9.57 21.34
N ASP A 222 6.50 10.55 22.18
CA ASP A 222 6.00 10.54 23.52
C ASP A 222 5.34 11.88 23.74
N PHE A 223 4.02 11.90 23.73
CA PHE A 223 3.30 13.15 23.76
C PHE A 223 3.54 13.96 25.03
N GLU A 224 3.34 13.32 26.18
CA GLU A 224 3.47 13.97 27.48
C GLU A 224 4.87 14.59 27.62
N ASN A 225 5.86 13.87 27.13
CA ASN A 225 7.22 14.32 27.18
C ASN A 225 7.48 15.48 26.23
N GLU A 226 6.84 15.43 25.07
CA GLU A 226 7.04 16.45 24.08
C GLU A 226 6.43 17.76 24.55
N MET A 227 5.33 17.64 25.29
CA MET A 227 4.72 18.78 25.94
C MET A 227 5.66 19.40 26.99
N ALA A 228 6.20 18.54 27.84
CA ALA A 228 7.13 18.91 28.91
C ALA A 228 8.38 19.57 28.33
N THR A 229 8.71 19.21 27.09
CA THR A 229 9.89 19.68 26.33
C THR A 229 9.72 21.08 25.74
N ALA A 230 8.54 21.32 25.18
CA ALA A 230 8.18 22.58 24.54
C ALA A 230 8.34 23.69 25.53
N ALA A 231 7.72 23.42 26.68
CA ALA A 231 7.66 24.27 27.86
C ALA A 231 9.02 24.58 28.43
N SER A 232 10.05 23.96 27.89
CA SER A 232 11.38 24.18 28.37
C SER A 232 12.19 24.78 27.24
N SER A 233 12.74 23.90 26.41
CA SER A 233 13.73 24.21 25.41
C SER A 233 13.20 25.06 24.29
N SER A 234 13.72 24.68 23.15
CA SER A 234 13.01 24.73 21.94
C SER A 234 14.03 24.58 20.85
N SER A 235 14.12 23.36 20.35
CA SER A 235 14.35 23.16 18.94
C SER A 235 12.91 23.09 18.42
N LEU A 236 11.98 23.11 19.36
CA LEU A 236 10.58 22.84 19.11
C LEU A 236 9.88 23.86 18.20
N GLU A 237 10.05 25.14 18.50
CA GLU A 237 9.25 26.16 17.87
C GLU A 237 9.74 26.39 16.45
N LYS A 238 8.79 26.60 15.53
CA LYS A 238 9.09 26.88 14.14
C LYS A 238 8.38 28.10 13.63
N SER A 239 8.90 28.68 12.58
CA SER A 239 8.36 29.93 12.08
C SER A 239 7.79 29.75 10.69
N TYR A 240 6.76 30.52 10.37
CA TYR A 240 6.09 30.42 9.09
C TYR A 240 5.75 31.82 8.58
N GLU A 241 6.10 32.09 7.34
CA GLU A 241 5.84 33.40 6.75
C GLU A 241 4.49 33.47 6.05
N LEU A 242 3.63 34.38 6.51
CA LEU A 242 2.29 34.49 5.98
C LEU A 242 2.28 35.19 4.61
N PRO A 243 1.17 35.07 3.84
CA PRO A 243 1.08 35.71 2.50
C PRO A 243 1.35 37.20 2.54
N ASP A 244 0.91 37.86 3.61
CA ASP A 244 1.03 39.30 3.79
C ASP A 244 2.43 39.76 4.24
N GLY A 245 3.35 38.82 4.44
CA GLY A 245 4.75 39.14 4.70
C GLY A 245 5.21 38.82 6.10
N GLN A 246 4.34 39.09 7.07
CA GLN A 246 4.67 38.95 8.50
C GLN A 246 4.86 37.49 8.88
N VAL A 247 5.62 37.27 9.96
CA VAL A 247 5.94 35.90 10.42
C VAL A 247 5.30 35.55 11.77
N ILE A 248 4.77 34.33 11.85
CA ILE A 248 4.21 33.79 13.09
C ILE A 248 5.09 32.66 13.58
N THR A 249 5.00 32.36 14.87
CA THR A 249 5.83 31.33 15.43
C THR A 249 4.98 30.31 16.22
N ILE A 250 5.22 29.03 15.91
CA ILE A 250 4.38 27.89 16.35
C ILE A 250 5.19 26.82 17.09
N GLY A 251 4.62 26.29 18.16
CA GLY A 251 5.36 25.39 19.01
C GLY A 251 4.66 24.07 19.15
N ASN A 252 3.99 23.89 20.28
CA ASN A 252 3.35 22.61 20.60
C ASN A 252 2.18 22.28 19.71
N GLU A 253 1.67 23.29 19.02
CA GLU A 253 0.61 23.08 18.04
C GLU A 253 1.07 22.12 16.92
N ARG A 254 2.37 22.12 16.61
CA ARG A 254 2.92 21.18 15.61
C ARG A 254 2.50 19.74 15.89
N PHE A 255 2.63 19.31 17.13
CA PHE A 255 2.33 17.94 17.47
C PHE A 255 1.00 17.71 18.15
N ARG A 256 0.45 18.77 18.72
CA ARG A 256 -0.86 18.72 19.34
C ARG A 256 -1.94 18.51 18.30
N CYS A 257 -1.73 19.04 17.09
CA CYS A 257 -2.70 18.87 16.02
C CYS A 257 -2.92 17.40 15.69
N PRO A 258 -1.84 16.71 15.27
CA PRO A 258 -2.10 15.34 14.94
C PRO A 258 -2.29 14.45 16.18
N GLU A 259 -1.88 14.88 17.35
CA GLU A 259 -2.13 14.07 18.55
C GLU A 259 -3.59 13.65 18.70
N THR A 260 -4.47 14.47 18.14
CA THR A 260 -5.92 14.21 18.14
C THR A 260 -6.30 12.82 17.62
N LEU A 261 -5.49 12.32 16.70
CA LEU A 261 -5.69 11.01 16.09
C LEU A 261 -5.54 9.90 17.13
N PHE A 262 -4.75 10.15 18.16
CA PHE A 262 -4.55 9.13 19.17
C PHE A 262 -5.37 9.45 20.37
N GLN A 263 -5.79 10.72 20.47
CA GLN A 263 -6.64 11.23 21.55
C GLN A 263 -7.82 12.05 21.04
N PRO A 264 -8.86 11.38 20.53
CA PRO A 264 -9.97 12.11 19.92
C PRO A 264 -10.80 12.93 20.91
N SER A 265 -10.59 12.69 22.20
CA SER A 265 -11.19 13.55 23.22
C SER A 265 -10.70 15.00 23.09
N PHE A 266 -9.57 15.21 22.39
CA PHE A 266 -9.07 16.54 22.04
C PHE A 266 -10.07 17.39 21.30
N ILE A 267 -10.90 16.76 20.47
CA ILE A 267 -12.00 17.47 19.86
C ILE A 267 -13.34 16.93 20.37
N GLY A 268 -13.35 16.48 21.63
CA GLY A 268 -14.57 16.10 22.34
C GLY A 268 -15.31 14.88 21.82
N MET A 269 -14.60 14.04 21.06
CA MET A 269 -15.16 12.78 20.57
C MET A 269 -14.90 11.67 21.58
N GLU A 270 -15.90 10.80 21.78
CA GLU A 270 -15.80 9.72 22.76
C GLU A 270 -15.02 8.56 22.23
N SER A 271 -14.64 8.64 20.96
CA SER A 271 -13.89 7.60 20.28
C SER A 271 -12.50 7.28 20.90
N ALA A 272 -12.09 6.02 20.79
CA ALA A 272 -10.69 5.65 21.05
C ALA A 272 -9.82 6.04 19.84
N GLY A 273 -8.52 6.21 20.07
CA GLY A 273 -7.60 6.69 19.03
C GLY A 273 -7.33 5.68 17.94
N ILE A 274 -6.67 6.12 16.87
CA ILE A 274 -6.43 5.24 15.71
C ILE A 274 -5.55 4.04 16.03
N HIS A 275 -4.75 4.17 17.08
CA HIS A 275 -3.92 3.06 17.50
C HIS A 275 -4.85 2.02 18.00
N GLU A 276 -5.83 2.49 18.78
CA GLU A 276 -6.71 1.61 19.49
C GLU A 276 -7.60 0.89 18.50
N THR A 277 -8.04 1.61 17.48
CA THR A 277 -8.95 1.03 16.53
C THR A 277 -8.29 -0.03 15.66
N THR A 278 -6.98 0.16 15.41
CA THR A 278 -6.21 -0.82 14.67
C THR A 278 -6.12 -2.11 15.46
N TYR A 279 -5.81 -2.00 16.74
CA TYR A 279 -5.80 -3.16 17.63
C TYR A 279 -7.13 -3.86 17.60
N ASN A 280 -8.19 -3.11 17.84
CA ASN A 280 -9.53 -3.68 17.91
C ASN A 280 -9.94 -4.34 16.61
N SER A 281 -9.54 -3.74 15.50
CA SER A 281 -9.81 -4.26 14.17
C SER A 281 -9.18 -5.65 13.93
N ILE A 282 -7.89 -5.77 14.23
CA ILE A 282 -7.17 -7.04 14.12
C ILE A 282 -7.83 -8.11 14.97
N MET A 283 -8.22 -7.71 16.17
CA MET A 283 -8.80 -8.64 17.15
C MET A 283 -10.18 -9.18 16.74
N LYS A 284 -10.77 -8.53 15.76
CA LYS A 284 -12.08 -8.89 15.24
C LYS A 284 -11.96 -9.87 14.09
N CYS A 285 -10.72 -10.06 13.62
CA CYS A 285 -10.42 -11.02 12.55
C CYS A 285 -10.07 -12.35 13.12
N ASP A 286 -10.35 -13.39 12.33
CA ASP A 286 -9.96 -14.74 12.71
C ASP A 286 -8.50 -14.84 13.20
N ILE A 287 -8.28 -15.53 14.32
CA ILE A 287 -6.98 -15.54 14.96
C ILE A 287 -5.86 -16.09 14.06
N ASP A 288 -6.21 -16.95 13.12
CA ASP A 288 -5.22 -17.50 12.20
C ASP A 288 -4.60 -16.50 11.18
N ILE A 289 -5.18 -15.32 11.04
CA ILE A 289 -4.57 -14.38 10.13
C ILE A 289 -3.98 -13.21 10.86
N ARG A 290 -4.18 -13.13 12.16
CA ARG A 290 -3.71 -11.97 12.92
C ARG A 290 -2.21 -11.65 12.75
N LYS A 291 -1.39 -12.68 12.77
CA LYS A 291 0.02 -12.46 12.69
C LYS A 291 0.33 -11.76 11.38
N ASP A 292 -0.37 -12.13 10.31
CA ASP A 292 -0.15 -11.56 9.01
C ASP A 292 -0.62 -10.15 8.97
N LEU A 293 -1.54 -9.83 9.84
CA LEU A 293 -2.10 -8.50 9.77
C LEU A 293 -1.16 -7.63 10.50
N TYR A 294 -0.72 -8.07 11.68
CA TYR A 294 0.22 -7.29 12.45
C TYR A 294 1.48 -6.99 11.64
N ALA A 295 1.84 -7.92 10.79
CA ALA A 295 3.05 -7.85 10.04
C ALA A 295 2.87 -7.06 8.79
N ASN A 296 1.66 -6.62 8.55
CA ASN A 296 1.35 -5.98 7.30
C ASN A 296 0.34 -4.89 7.48
N ASN A 297 0.75 -3.92 8.28
CA ASN A 297 -0.11 -2.86 8.60
C ASN A 297 0.26 -1.63 7.76
N VAL A 298 -0.51 -1.39 6.70
CA VAL A 298 -0.17 -0.41 5.68
C VAL A 298 -0.97 0.83 5.88
N MET A 299 -0.30 1.97 5.73
CA MET A 299 -0.90 3.29 5.86
C MET A 299 -1.08 3.98 4.50
N SER A 300 -2.23 4.66 4.36
CA SER A 300 -2.56 5.33 3.11
C SER A 300 -3.47 6.51 3.35
N GLY A 301 -3.46 7.46 2.42
CA GLY A 301 -4.32 8.65 2.51
C GLY A 301 -3.52 9.82 3.03
N GLY A 302 -3.95 11.02 2.70
CA GLY A 302 -3.23 12.21 3.11
C GLY A 302 -3.01 12.39 4.61
N THR A 303 -3.95 11.96 5.43
CA THR A 303 -3.86 12.25 6.86
C THR A 303 -2.85 11.33 7.57
N THR A 304 -2.30 10.37 6.84
CA THR A 304 -1.27 9.49 7.40
C THR A 304 0.12 10.02 7.09
N MET A 305 0.17 11.23 6.56
CA MET A 305 1.39 11.79 6.06
C MET A 305 2.30 12.44 7.11
N TYR A 306 1.93 12.45 8.38
CA TYR A 306 2.77 13.16 9.32
C TYR A 306 4.10 12.45 9.60
N PRO A 307 5.19 13.22 9.60
CA PRO A 307 6.40 12.71 10.16
C PRO A 307 6.17 12.19 11.57
N GLY A 308 6.72 11.01 11.83
CA GLY A 308 6.70 10.43 13.14
C GLY A 308 5.59 9.42 13.30
N ILE A 309 4.61 9.46 12.40
CA ILE A 309 3.35 8.71 12.58
C ILE A 309 3.56 7.20 12.57
N ALA A 310 4.46 6.81 11.67
CA ALA A 310 4.85 5.45 11.47
C ALA A 310 5.32 4.90 12.81
N ASP A 311 6.33 5.60 13.33
CA ASP A 311 7.05 5.20 14.49
C ASP A 311 6.16 5.18 15.71
N ARG A 312 5.24 6.13 15.79
CA ARG A 312 4.36 6.25 16.92
C ARG A 312 3.43 5.08 16.92
N MET A 313 2.95 4.73 15.74
CA MET A 313 1.96 3.69 15.65
C MET A 313 2.54 2.40 16.22
N GLN A 314 3.69 2.03 15.69
CA GLN A 314 4.40 0.90 16.18
C GLN A 314 4.48 0.97 17.70
N LYS A 315 4.99 2.07 18.22
CA LYS A 315 5.13 2.17 19.65
C LYS A 315 3.85 1.69 20.28
N GLU A 316 2.74 2.27 19.84
CA GLU A 316 1.47 2.05 20.49
C GLU A 316 0.94 0.65 20.26
N ILE A 317 1.09 0.15 19.04
CA ILE A 317 0.60 -1.17 18.69
C ILE A 317 1.39 -2.23 19.46
N THR A 318 2.69 -2.01 19.51
CA THR A 318 3.60 -2.88 20.20
C THR A 318 3.17 -3.00 21.65
N ALA A 319 2.84 -1.90 22.29
CA ALA A 319 2.41 -1.92 23.69
C ALA A 319 1.11 -2.69 23.95
N LEU A 320 0.26 -2.80 22.94
CA LEU A 320 -1.03 -3.44 23.12
C LEU A 320 -1.02 -4.92 22.88
N ALA A 321 -0.25 -5.33 21.88
CA ALA A 321 -0.33 -6.67 21.27
C ALA A 321 0.29 -7.80 22.11
N PRO A 322 0.00 -9.07 21.77
CA PRO A 322 0.77 -10.16 22.37
C PRO A 322 2.26 -9.94 22.13
N SER A 323 3.06 -10.09 23.17
CA SER A 323 4.42 -9.56 23.15
C SER A 323 5.40 -10.27 22.21
N THR A 324 5.07 -11.48 21.75
CA THR A 324 5.88 -12.18 20.75
C THR A 324 5.64 -11.67 19.35
N MET A 325 4.61 -10.82 19.18
CA MET A 325 4.10 -10.42 17.89
C MET A 325 5.04 -9.58 17.02
N LYS A 326 5.16 -9.99 15.77
CA LYS A 326 5.84 -9.19 14.77
C LYS A 326 4.88 -8.13 14.27
N ILE A 327 5.25 -6.87 14.50
CA ILE A 327 4.50 -5.68 14.11
C ILE A 327 5.26 -4.95 13.05
N LYS A 328 4.68 -4.71 11.90
CA LYS A 328 5.37 -3.89 10.95
C LYS A 328 4.37 -2.83 10.53
N ILE A 329 4.81 -1.58 10.51
CA ILE A 329 3.97 -0.56 9.98
C ILE A 329 4.57 -0.21 8.66
N ILE A 330 3.77 -0.20 7.61
CA ILE A 330 4.32 0.18 6.32
C ILE A 330 3.71 1.46 5.77
N ALA A 331 4.54 2.47 5.51
CA ALA A 331 4.02 3.76 5.04
C ALA A 331 4.78 4.26 3.81
N PRO A 332 4.32 3.92 2.62
CA PRO A 332 5.06 4.31 1.42
C PRO A 332 4.99 5.80 1.24
N PRO A 333 6.04 6.40 0.68
CA PRO A 333 6.02 7.85 0.70
C PRO A 333 4.85 8.43 -0.13
N GLU A 334 4.41 7.70 -1.15
CA GLU A 334 3.37 8.19 -2.04
C GLU A 334 2.00 7.75 -1.55
N ARG A 335 1.88 7.49 -0.26
CA ARG A 335 0.65 6.95 0.24
C ARG A 335 -0.54 7.91 0.18
N LYS A 336 -0.25 9.18 -0.08
CA LYS A 336 -1.27 10.18 -0.29
C LYS A 336 -2.16 9.69 -1.39
N TYR A 337 -1.57 8.98 -2.35
CA TYR A 337 -2.27 8.58 -3.54
C TYR A 337 -2.30 7.09 -3.70
N SER A 338 -2.04 6.38 -2.61
CA SER A 338 -1.90 4.94 -2.62
C SER A 338 -3.04 4.33 -3.36
N VAL A 339 -4.20 4.86 -3.03
CA VAL A 339 -5.42 4.32 -3.56
C VAL A 339 -5.44 4.52 -5.06
N TRP A 340 -5.19 5.75 -5.52
CA TRP A 340 -5.31 5.93 -6.94
C TRP A 340 -4.35 5.07 -7.65
N ILE A 341 -3.15 5.01 -7.09
CA ILE A 341 -2.10 4.30 -7.75
C ILE A 341 -2.47 2.84 -7.92
N GLY A 342 -2.98 2.24 -6.84
CA GLY A 342 -3.50 0.88 -6.84
C GLY A 342 -4.49 0.66 -7.97
N GLY A 343 -5.36 1.63 -8.15
CA GLY A 343 -6.27 1.58 -9.28
C GLY A 343 -5.57 1.59 -10.62
N SER A 344 -4.63 2.53 -10.80
CA SER A 344 -3.89 2.64 -12.03
C SER A 344 -3.33 1.29 -12.37
N ILE A 345 -2.73 0.66 -11.37
CA ILE A 345 -2.04 -0.58 -11.62
C ILE A 345 -2.97 -1.69 -11.99
N LEU A 346 -4.05 -1.82 -11.23
CA LEU A 346 -4.96 -2.93 -11.40
C LEU A 346 -5.54 -2.97 -12.79
N ALA A 347 -5.97 -1.81 -13.24
CA ALA A 347 -6.58 -1.69 -14.54
C ALA A 347 -5.57 -1.96 -15.65
N SER A 348 -4.30 -1.80 -15.31
CA SER A 348 -3.20 -1.99 -16.26
C SER A 348 -2.91 -3.45 -16.54
N LEU A 349 -3.42 -4.34 -15.69
CA LEU A 349 -3.12 -5.76 -15.75
C LEU A 349 -3.89 -6.45 -16.87
N SER A 350 -3.20 -7.24 -17.67
CA SER A 350 -3.90 -8.05 -18.67
C SER A 350 -4.89 -9.01 -17.98
N THR A 351 -4.53 -9.56 -16.82
CA THR A 351 -5.43 -10.43 -16.04
C THR A 351 -6.78 -9.77 -15.80
N PHE A 352 -6.80 -8.46 -15.69
CA PHE A 352 -7.97 -7.72 -15.25
C PHE A 352 -8.93 -7.46 -16.38
N GLN A 353 -8.45 -7.51 -17.63
CA GLN A 353 -9.29 -7.14 -18.79
C GLN A 353 -10.56 -7.94 -18.94
N GLN A 354 -10.50 -9.20 -18.58
CA GLN A 354 -11.68 -10.05 -18.50
C GLN A 354 -12.57 -9.75 -17.31
N MET A 355 -12.14 -8.92 -16.37
CA MET A 355 -12.94 -8.70 -15.16
C MET A 355 -13.81 -7.46 -15.21
N TRP A 356 -13.60 -6.64 -16.23
CA TRP A 356 -14.44 -5.48 -16.44
C TRP A 356 -15.89 -5.90 -16.53
N ILE A 357 -16.81 -5.09 -16.01
CA ILE A 357 -18.22 -5.21 -16.44
C ILE A 357 -18.33 -4.54 -17.83
N THR A 358 -18.74 -5.31 -18.84
CA THR A 358 -18.90 -4.81 -20.23
C THR A 358 -20.30 -4.20 -20.42
N LYS A 359 -20.45 -3.34 -21.42
CA LYS A 359 -21.74 -2.72 -21.71
C LYS A 359 -22.77 -3.80 -21.97
N GLN A 360 -22.37 -4.75 -22.82
CA GLN A 360 -23.14 -5.95 -23.11
C GLN A 360 -23.65 -6.60 -21.82
N GLU A 361 -22.74 -6.96 -20.92
CA GLU A 361 -23.08 -7.62 -19.64
C GLU A 361 -24.06 -6.79 -18.78
N TYR A 362 -23.85 -5.48 -18.75
CA TYR A 362 -24.69 -4.62 -17.94
C TYR A 362 -26.09 -4.58 -18.50
N ASP A 363 -26.17 -4.53 -19.81
CA ASP A 363 -27.47 -4.55 -20.48
C ASP A 363 -28.18 -5.84 -20.15
N GLU A 364 -27.43 -6.92 -20.04
CA GLU A 364 -27.98 -8.25 -19.79
C GLU A 364 -28.31 -8.57 -18.32
N ALA A 365 -27.76 -7.81 -17.39
CA ALA A 365 -27.98 -8.15 -15.98
C ALA A 365 -28.47 -6.96 -15.16
N GLY A 366 -28.24 -5.75 -15.65
CA GLY A 366 -28.57 -4.54 -14.89
C GLY A 366 -27.55 -4.19 -13.82
N PRO A 367 -27.85 -3.17 -13.00
CA PRO A 367 -26.85 -2.68 -12.03
C PRO A 367 -26.45 -3.68 -10.95
N SER A 368 -27.31 -4.66 -10.63
CA SER A 368 -26.92 -5.66 -9.64
C SER A 368 -25.71 -6.55 -10.08
N ILE A 369 -25.33 -6.46 -11.36
CA ILE A 369 -24.13 -7.16 -11.88
C ILE A 369 -22.85 -6.76 -11.12
N VAL A 370 -22.88 -5.59 -10.52
CA VAL A 370 -21.74 -5.08 -9.85
C VAL A 370 -21.42 -5.93 -8.63
N HIS A 371 -22.41 -6.56 -8.01
CA HIS A 371 -22.09 -7.39 -6.84
C HIS A 371 -21.53 -8.72 -7.22
N ARG A 372 -21.85 -9.21 -8.41
CA ARG A 372 -21.24 -10.47 -8.84
C ARG A 372 -19.87 -10.27 -9.48
N LYS A 373 -19.64 -9.08 -10.05
CA LYS A 373 -18.36 -8.74 -10.71
C LYS A 373 -17.32 -7.96 -9.88
N CYS A 374 -17.77 -7.17 -8.91
CA CYS A 374 -16.84 -6.39 -8.09
C CYS A 374 -16.86 -6.81 -6.62
N PHE A 375 -15.80 -7.48 -6.20
CA PHE A 375 -15.70 -7.97 -4.83
C PHE A 375 -14.24 -8.16 -4.44
N THR B 5 40.74 35.24 6.43
CA THR B 5 39.39 34.88 6.94
C THR B 5 38.35 35.27 5.89
N THR B 6 38.78 35.36 4.63
CA THR B 6 37.90 35.91 3.53
C THR B 6 37.65 34.99 2.35
N ALA B 7 36.45 34.40 2.32
CA ALA B 7 36.01 33.45 1.28
C ALA B 7 36.29 33.91 -0.14
N LEU B 8 36.37 32.98 -1.06
CA LEU B 8 36.46 33.30 -2.48
C LEU B 8 35.33 32.54 -3.21
N VAL B 9 34.96 32.94 -4.44
CA VAL B 9 33.93 32.21 -5.20
C VAL B 9 34.45 31.96 -6.58
N CYS B 10 34.48 30.68 -6.94
CA CYS B 10 34.72 30.26 -8.31
C CYS B 10 33.57 29.42 -9.00
N ASP B 11 32.94 29.98 -10.05
CA ASP B 11 31.92 29.31 -10.86
C ASP B 11 32.56 28.88 -12.17
N ASN B 12 32.74 27.57 -12.31
CA ASN B 12 33.40 27.01 -13.47
C ASN B 12 32.41 26.60 -14.57
N GLY B 13 32.45 27.27 -15.71
CA GLY B 13 31.50 26.94 -16.82
C GLY B 13 32.18 26.33 -18.05
N SER B 14 31.40 25.87 -19.03
CA SER B 14 31.93 25.28 -20.26
C SER B 14 32.69 26.30 -21.03
N GLY B 15 32.15 27.50 -21.01
CA GLY B 15 32.73 28.60 -21.74
C GLY B 15 33.56 29.52 -20.89
N LEU B 16 33.09 29.82 -19.67
CA LEU B 16 33.69 30.89 -18.85
C LEU B 16 33.93 30.55 -17.38
N VAL B 17 35.02 31.04 -16.82
CA VAL B 17 35.21 31.00 -15.39
C VAL B 17 34.79 32.32 -14.79
N LYS B 18 33.97 32.23 -13.75
CA LYS B 18 33.53 33.42 -13.01
C LYS B 18 34.11 33.37 -11.60
N ALA B 19 34.92 34.35 -11.22
CA ALA B 19 35.64 34.28 -9.96
C ALA B 19 35.81 35.61 -9.26
N GLY B 20 35.71 35.61 -7.94
CA GLY B 20 35.82 36.85 -7.17
C GLY B 20 35.84 36.53 -5.68
N PHE B 21 35.43 37.49 -4.85
CA PHE B 21 35.47 37.38 -3.38
C PHE B 21 34.08 37.40 -2.79
N ALA B 22 33.87 36.72 -1.67
CA ALA B 22 32.52 36.65 -1.14
C ALA B 22 32.10 38.00 -0.59
N GLY B 23 30.81 38.29 -0.75
CA GLY B 23 30.22 39.61 -0.46
C GLY B 23 30.48 40.64 -1.55
N ASP B 24 31.13 40.22 -2.63
CA ASP B 24 31.27 41.03 -3.81
C ASP B 24 29.95 41.03 -4.54
N ASP B 25 29.74 42.09 -5.30
CA ASP B 25 28.54 42.27 -6.06
C ASP B 25 28.65 41.41 -7.30
N ALA B 26 29.86 41.21 -7.81
CA ALA B 26 30.05 40.55 -9.10
C ALA B 26 31.39 39.93 -9.16
N PRO B 27 31.61 38.99 -10.08
CA PRO B 27 32.92 38.39 -10.11
C PRO B 27 33.91 39.37 -10.64
N ARG B 28 35.00 39.56 -9.90
CA ARG B 28 36.09 40.47 -10.28
C ARG B 28 36.69 40.04 -11.63
N ALA B 29 36.67 38.73 -11.85
CA ALA B 29 37.29 38.12 -13.01
C ALA B 29 36.35 37.15 -13.71
N VAL B 30 36.15 37.42 -14.99
CA VAL B 30 35.51 36.48 -15.90
C VAL B 30 36.40 36.36 -17.14
N PHE B 31 36.77 35.13 -17.45
CA PHE B 31 37.63 34.85 -18.61
C PHE B 31 37.32 33.47 -19.17
N PRO B 32 37.74 33.20 -20.44
CA PRO B 32 37.31 31.98 -21.13
C PRO B 32 37.93 30.72 -20.48
N SER B 33 37.14 29.66 -20.36
CA SER B 33 37.58 28.42 -19.73
C SER B 33 38.27 27.54 -20.77
N ILE B 34 39.53 27.88 -21.08
CA ILE B 34 40.34 27.18 -22.07
C ILE B 34 41.83 27.03 -21.68
N VAL B 35 42.51 26.01 -22.20
CA VAL B 35 43.98 25.86 -22.07
C VAL B 35 44.67 25.60 -23.43
N GLY B 36 45.70 26.40 -23.76
CA GLY B 36 46.38 26.32 -25.07
C GLY B 36 47.91 26.12 -25.09
N ARG B 37 48.43 25.63 -26.24
CA ARG B 37 49.87 25.32 -26.54
C ARG B 37 50.16 25.42 -28.08
N PRO B 38 51.42 25.75 -28.50
CA PRO B 38 51.68 26.07 -29.93
C PRO B 38 51.13 25.04 -30.90
N ARG B 39 50.48 25.53 -31.95
CA ARG B 39 49.70 24.69 -32.88
C ARG B 39 50.52 23.65 -33.64
N LYS B 50 56.44 29.57 -20.96
CA LYS B 50 56.40 28.94 -22.27
C LYS B 50 55.69 27.60 -22.16
N ASP B 51 55.22 27.26 -20.96
CA ASP B 51 54.48 26.01 -20.74
C ASP B 51 53.09 25.91 -21.41
N SER B 52 52.18 26.73 -20.90
CA SER B 52 50.76 26.55 -21.15
C SER B 52 50.05 27.88 -20.95
N TYR B 53 49.02 28.13 -21.74
CA TYR B 53 48.41 29.45 -21.74
C TYR B 53 46.93 29.34 -21.43
N VAL B 54 46.49 30.09 -20.43
CA VAL B 54 45.17 29.92 -19.85
C VAL B 54 44.37 31.19 -20.05
N GLY B 55 43.13 30.96 -20.46
CA GLY B 55 42.22 32.04 -20.76
C GLY B 55 42.71 32.90 -21.91
N ASP B 56 42.72 34.20 -21.66
CA ASP B 56 43.02 35.17 -22.68
C ASP B 56 44.47 35.14 -23.14
N GLU B 57 45.32 34.51 -22.35
CA GLU B 57 46.69 34.31 -22.75
C GLU B 57 46.72 33.46 -24.00
N ALA B 58 45.74 32.55 -24.11
CA ALA B 58 45.69 31.62 -25.23
C ALA B 58 45.08 32.26 -26.47
N GLN B 59 44.35 33.34 -26.24
CA GLN B 59 43.79 34.12 -27.33
C GLN B 59 44.91 34.75 -28.18
N SER B 60 45.87 35.42 -27.55
CA SER B 60 47.04 35.92 -28.27
C SER B 60 47.70 34.85 -29.14
N ILE B 64 47.31 30.80 -33.21
CA ILE B 64 48.71 30.58 -32.90
C ILE B 64 48.89 29.27 -32.17
N LEU B 65 47.87 28.92 -31.41
CA LEU B 65 47.95 27.84 -30.45
C LEU B 65 46.82 26.84 -30.72
N THR B 66 46.92 25.63 -30.16
CA THR B 66 45.80 24.67 -30.16
C THR B 66 45.16 24.52 -28.76
N LEU B 67 43.83 24.38 -28.71
CA LEU B 67 43.03 24.48 -27.47
C LEU B 67 42.38 23.23 -26.92
N LYS B 68 42.20 23.24 -25.60
CA LYS B 68 41.26 22.35 -24.92
C LYS B 68 40.32 23.19 -24.06
N TYR B 69 39.06 22.79 -23.99
CA TYR B 69 38.13 23.30 -22.98
C TYR B 69 38.07 22.21 -21.94
N PRO B 70 38.52 22.49 -20.72
CA PRO B 70 38.57 21.43 -19.70
C PRO B 70 37.20 20.99 -19.19
N ILE B 71 36.19 21.77 -19.53
CA ILE B 71 34.83 21.44 -19.20
C ILE B 71 34.02 21.35 -20.49
N GLU B 72 33.38 20.22 -20.69
CA GLU B 72 32.50 20.06 -21.83
C GLU B 72 31.12 19.92 -21.28
N HIS B 73 30.17 20.59 -21.91
CA HIS B 73 28.78 20.45 -21.50
C HIS B 73 28.60 20.55 -20.01
N GLY B 74 29.41 21.34 -19.34
CA GLY B 74 29.16 21.61 -17.91
C GLY B 74 29.90 20.75 -16.89
N ILE B 75 30.47 19.63 -17.37
CA ILE B 75 31.21 18.71 -16.49
C ILE B 75 32.72 18.72 -16.75
N ILE B 76 33.50 18.59 -15.69
CA ILE B 76 34.95 18.60 -15.79
C ILE B 76 35.45 17.34 -16.47
N THR B 77 36.17 17.48 -17.58
CA THR B 77 36.64 16.32 -18.33
C THR B 77 38.14 16.28 -18.46
N ASN B 78 38.80 17.40 -18.18
CA ASN B 78 40.25 17.42 -18.25
C ASN B 78 40.84 17.93 -16.94
N TRP B 79 41.24 17.01 -16.05
CA TRP B 79 41.71 17.43 -14.72
C TRP B 79 43.00 18.18 -14.73
N ASP B 80 43.92 17.79 -15.62
CA ASP B 80 45.23 18.44 -15.73
C ASP B 80 45.00 19.89 -16.08
N ASP B 81 44.21 20.11 -17.12
CA ASP B 81 44.05 21.44 -17.61
C ASP B 81 43.17 22.29 -16.70
N MET B 82 42.25 21.62 -16.02
CA MET B 82 41.38 22.24 -15.01
C MET B 82 42.22 22.81 -13.87
N GLU B 83 43.24 22.05 -13.54
CA GLU B 83 44.12 22.49 -12.52
C GLU B 83 44.86 23.76 -12.96
N LYS B 84 45.20 23.86 -14.23
CA LYS B 84 45.89 25.04 -14.68
C LYS B 84 44.93 26.21 -14.72
N ILE B 85 43.66 25.91 -14.97
CA ILE B 85 42.61 26.92 -14.84
C ILE B 85 42.57 27.45 -13.43
N TRP B 86 42.50 26.56 -12.46
CA TRP B 86 42.40 26.99 -11.09
C TRP B 86 43.63 27.79 -10.66
N HIS B 87 44.81 27.34 -11.05
CA HIS B 87 46.03 28.08 -10.75
C HIS B 87 45.94 29.46 -11.29
N HIS B 88 45.57 29.60 -12.57
CA HIS B 88 45.46 30.93 -13.17
C HIS B 88 44.51 31.81 -12.42
N THR B 89 43.42 31.23 -11.95
CA THR B 89 42.41 32.01 -11.30
C THR B 89 42.95 32.60 -10.05
N PHE B 90 43.66 31.80 -9.29
CA PHE B 90 44.18 32.25 -8.02
C PHE B 90 45.32 33.24 -8.14
N TYR B 91 46.22 32.94 -9.04
CA TYR B 91 47.45 33.66 -9.05
C TYR B 91 47.51 34.77 -10.06
N ASN B 92 46.78 34.63 -11.16
CA ASN B 92 46.88 35.65 -12.20
C ASN B 92 45.72 36.62 -12.15
N GLU B 93 44.55 36.06 -11.94
CA GLU B 93 43.35 36.83 -12.02
C GLU B 93 43.09 37.42 -10.68
N LEU B 94 42.79 36.61 -9.68
CA LEU B 94 42.47 37.13 -8.37
C LEU B 94 43.67 37.57 -7.55
N ARG B 95 44.83 36.99 -7.82
CA ARG B 95 46.00 37.31 -7.08
C ARG B 95 45.76 37.22 -5.57
N VAL B 96 45.54 35.99 -5.13
CA VAL B 96 45.64 35.64 -3.71
C VAL B 96 46.59 34.46 -3.47
N ALA B 97 46.79 34.17 -2.20
CA ALA B 97 47.42 32.95 -1.82
C ALA B 97 46.28 31.99 -1.50
N PRO B 98 46.19 30.88 -2.25
CA PRO B 98 45.07 29.95 -2.16
C PRO B 98 44.83 29.49 -0.77
N GLU B 99 45.95 29.27 -0.07
CA GLU B 99 46.00 28.68 1.24
C GLU B 99 45.23 29.48 2.23
N GLU B 100 45.00 30.76 1.92
CA GLU B 100 44.48 31.68 2.93
C GLU B 100 43.00 31.92 2.78
N HIS B 101 42.39 31.25 1.81
CA HIS B 101 41.02 31.57 1.49
C HIS B 101 40.13 30.39 1.36
N PRO B 102 39.11 30.29 2.26
CA PRO B 102 38.09 29.28 2.07
C PRO B 102 37.49 29.55 0.70
N THR B 103 37.19 28.51 -0.04
CA THR B 103 36.86 28.67 -1.43
C THR B 103 35.59 27.89 -1.76
N LEU B 104 34.57 28.56 -2.28
CA LEU B 104 33.36 27.92 -2.79
C LEU B 104 33.44 27.67 -4.28
N LEU B 105 33.23 26.41 -4.65
CA LEU B 105 33.24 26.01 -6.04
C LEU B 105 31.85 25.68 -6.50
N THR B 106 31.64 25.65 -7.80
CA THR B 106 30.31 25.32 -8.24
C THR B 106 30.45 24.11 -9.10
N GLU B 107 29.31 23.43 -9.27
CA GLU B 107 29.26 22.26 -10.13
C GLU B 107 27.96 22.22 -10.92
N ALA B 108 28.03 21.49 -12.05
CA ALA B 108 26.86 21.17 -12.88
C ALA B 108 25.92 20.27 -12.12
N PRO B 109 24.63 20.36 -12.44
CA PRO B 109 23.70 19.45 -11.81
C PRO B 109 24.03 18.04 -12.23
N LEU B 110 23.75 17.05 -11.39
CA LEU B 110 24.04 15.62 -11.68
C LEU B 110 25.51 15.36 -12.01
N ASN B 111 26.38 16.11 -11.33
CA ASN B 111 27.83 15.93 -11.42
C ASN B 111 28.16 14.59 -10.83
N PRO B 112 28.87 13.74 -11.60
CA PRO B 112 29.25 12.40 -11.14
C PRO B 112 29.91 12.46 -9.76
N LYS B 113 29.61 11.49 -8.88
CA LYS B 113 30.16 11.52 -7.52
C LYS B 113 31.71 11.58 -7.53
N ALA B 114 32.28 10.79 -8.42
CA ALA B 114 33.69 10.92 -8.82
C ALA B 114 34.20 12.33 -8.96
N ASN B 115 33.45 13.20 -9.62
CA ASN B 115 33.95 14.55 -9.92
C ASN B 115 34.02 15.49 -8.78
N ARG B 116 32.97 15.47 -7.96
CA ARG B 116 32.90 16.29 -6.78
C ARG B 116 34.09 15.93 -5.91
N GLU B 117 34.38 14.62 -5.80
CA GLU B 117 35.50 14.13 -5.02
C GLU B 117 36.84 14.62 -5.56
N LYS B 118 37.06 14.52 -6.88
CA LYS B 118 38.37 14.85 -7.44
C LYS B 118 38.61 16.33 -7.31
N MET B 119 37.54 17.05 -7.46
CA MET B 119 37.60 18.46 -7.37
C MET B 119 37.98 18.81 -5.94
N THR B 120 37.36 18.13 -4.98
CA THR B 120 37.60 18.37 -3.57
C THR B 120 39.07 18.09 -3.28
N GLN B 121 39.51 16.96 -3.78
CA GLN B 121 40.83 16.50 -3.49
C GLN B 121 41.86 17.50 -4.01
N ILE B 122 41.68 18.01 -5.23
CA ILE B 122 42.71 18.86 -5.82
C ILE B 122 42.87 20.15 -5.01
N MET B 123 41.71 20.59 -4.55
CA MET B 123 41.57 21.78 -3.75
C MET B 123 42.36 21.69 -2.47
N PHE B 124 42.17 20.60 -1.74
CA PHE B 124 42.85 20.44 -0.49
C PHE B 124 44.32 20.09 -0.68
N GLU B 125 44.65 19.30 -1.69
CA GLU B 125 46.02 18.78 -1.79
C GLU B 125 46.99 19.59 -2.59
N THR B 126 46.50 20.23 -3.66
CA THR B 126 47.41 20.96 -4.47
C THR B 126 47.38 22.43 -4.17
N PHE B 127 46.23 22.91 -3.81
CA PHE B 127 46.08 24.34 -3.56
C PHE B 127 45.99 24.68 -2.11
N ASN B 128 45.97 23.65 -1.27
CA ASN B 128 45.99 23.79 0.20
C ASN B 128 44.99 24.77 0.70
N VAL B 129 43.77 24.74 0.15
CA VAL B 129 42.75 25.58 0.72
C VAL B 129 42.54 25.13 2.17
N PRO B 130 42.25 26.09 3.03
CA PRO B 130 42.00 25.80 4.42
C PRO B 130 40.64 25.17 4.62
N ALA B 131 39.74 25.46 3.69
CA ALA B 131 38.36 24.99 3.75
C ALA B 131 37.77 25.11 2.36
N MET B 132 36.72 24.35 2.09
CA MET B 132 36.01 24.50 0.85
C MET B 132 34.60 23.93 0.91
N TYR B 133 33.88 24.09 -0.21
CA TYR B 133 32.49 23.67 -0.41
C TYR B 133 32.22 23.72 -1.90
N VAL B 134 31.25 22.94 -2.30
CA VAL B 134 30.82 22.88 -3.68
C VAL B 134 29.30 22.89 -3.65
N ALA B 135 28.67 23.83 -4.35
CA ALA B 135 27.25 23.69 -4.58
C ALA B 135 26.93 23.68 -6.07
N ILE B 136 25.67 23.38 -6.32
CA ILE B 136 25.21 23.15 -7.64
C ILE B 136 24.81 24.46 -8.29
N GLN B 137 25.40 24.72 -9.46
CA GLN B 137 25.17 25.98 -10.15
C GLN B 137 23.77 26.48 -10.01
N ALA B 138 22.85 25.68 -10.49
CA ALA B 138 21.48 26.08 -10.53
C ALA B 138 20.90 26.47 -9.16
N VAL B 139 21.38 25.85 -8.09
CA VAL B 139 20.80 26.22 -6.82
C VAL B 139 21.29 27.60 -6.41
N LEU B 140 22.52 27.90 -6.76
CA LEU B 140 23.03 29.22 -6.48
C LEU B 140 22.20 30.29 -7.14
N SER B 141 21.93 30.10 -8.42
CA SER B 141 21.15 31.03 -9.15
C SER B 141 19.81 31.22 -8.49
N LEU B 142 19.17 30.11 -8.11
CA LEU B 142 17.90 30.18 -7.37
C LEU B 142 18.06 31.00 -6.11
N TYR B 143 19.15 30.85 -5.41
CA TYR B 143 19.36 31.64 -4.24
C TYR B 143 19.56 33.12 -4.58
N ALA B 144 20.26 33.39 -5.66
CA ALA B 144 20.45 34.78 -6.04
C ALA B 144 19.08 35.38 -6.40
N SER B 145 18.14 34.53 -6.84
CA SER B 145 16.80 34.95 -7.00
C SER B 145 16.07 35.12 -5.66
N GLY B 146 16.62 34.62 -4.57
CA GLY B 146 16.00 34.86 -3.29
C GLY B 146 14.98 33.79 -2.92
N ARG B 147 15.10 32.61 -3.50
CA ARG B 147 14.14 31.53 -3.26
C ARG B 147 14.86 30.28 -2.86
N THR B 148 14.15 29.37 -2.16
CA THR B 148 14.69 28.01 -1.92
C THR B 148 13.92 26.97 -2.67
N THR B 149 12.78 27.36 -3.21
CA THR B 149 12.02 26.40 -3.97
C THR B 149 11.80 27.08 -5.30
N GLY B 150 12.07 26.35 -6.38
CA GLY B 150 11.84 26.90 -7.74
C GLY B 150 12.45 26.04 -8.80
N ILE B 151 12.07 26.17 -10.07
CA ILE B 151 12.75 25.42 -11.12
C ILE B 151 13.59 26.36 -11.98
N VAL B 152 14.87 26.06 -12.10
CA VAL B 152 15.77 26.94 -12.78
C VAL B 152 16.04 26.49 -14.17
N LEU B 153 16.30 27.44 -15.03
CA LEU B 153 16.73 27.11 -16.34
C LEU B 153 18.06 27.76 -16.43
N ASP B 154 19.10 26.95 -16.52
CA ASP B 154 20.45 27.49 -16.61
C ASP B 154 20.84 27.23 -18.02
N SER B 155 21.22 28.27 -18.73
CA SER B 155 21.73 28.04 -20.03
C SER B 155 23.00 28.78 -20.18
N GLY B 156 24.06 28.02 -20.36
CA GLY B 156 25.32 28.63 -20.61
C GLY B 156 25.81 28.48 -22.02
N ASP B 157 27.07 28.12 -22.11
CA ASP B 157 27.74 28.07 -23.36
C ASP B 157 27.72 26.69 -23.97
N GLY B 158 27.59 25.68 -23.14
CA GLY B 158 27.67 24.35 -23.70
C GLY B 158 26.48 23.50 -23.40
N VAL B 159 25.70 23.95 -22.43
CA VAL B 159 24.66 23.13 -21.84
C VAL B 159 23.61 23.95 -21.21
N THR B 160 22.45 23.35 -21.19
CA THR B 160 21.27 23.94 -20.70
C THR B 160 20.53 22.89 -19.86
N HIS B 161 20.01 23.30 -18.71
CA HIS B 161 19.33 22.37 -17.78
C HIS B 161 18.09 22.97 -17.29
N ASN B 162 17.09 22.14 -17.05
CA ASN B 162 16.00 22.52 -16.15
C ASN B 162 16.28 21.81 -14.84
N VAL B 163 16.23 22.54 -13.76
CA VAL B 163 16.54 21.93 -12.51
C VAL B 163 15.50 22.36 -11.53
N PRO B 164 14.54 21.48 -11.26
CA PRO B 164 13.65 21.76 -10.13
C PRO B 164 14.40 21.66 -8.76
N ILE B 165 14.00 22.43 -7.80
CA ILE B 165 14.69 22.42 -6.54
C ILE B 165 13.67 22.69 -5.45
N TYR B 166 13.61 21.77 -4.48
CA TYR B 166 12.65 21.97 -3.41
C TYR B 166 13.37 22.18 -2.09
N GLU B 167 13.04 23.29 -1.42
CA GLU B 167 13.72 23.67 -0.18
C GLU B 167 15.24 23.47 -0.16
N GLY B 168 15.84 23.73 -1.30
CA GLY B 168 17.27 23.84 -1.37
C GLY B 168 17.77 22.68 -2.12
N TYR B 169 16.98 21.63 -2.17
CA TYR B 169 17.53 20.39 -2.67
C TYR B 169 17.19 20.22 -4.15
N ALA B 170 18.21 19.94 -4.95
CA ALA B 170 17.96 19.64 -6.35
C ALA B 170 17.16 18.31 -6.50
N LEU B 171 16.21 18.19 -7.45
CA LEU B 171 15.41 16.94 -7.60
C LEU B 171 15.86 16.10 -8.78
N PRO B 172 16.76 15.16 -8.52
CA PRO B 172 17.55 14.48 -9.55
C PRO B 172 16.75 13.76 -10.64
N HIS B 173 15.56 13.27 -10.29
CA HIS B 173 14.75 12.48 -11.20
C HIS B 173 14.10 13.35 -12.21
N ALA B 174 13.94 14.62 -11.89
CA ALA B 174 13.24 15.52 -12.78
C ALA B 174 14.19 16.50 -13.54
N ILE B 175 15.48 16.33 -13.32
CA ILE B 175 16.45 17.16 -13.98
C ILE B 175 16.51 16.90 -15.48
N MET B 176 16.50 17.95 -16.28
CA MET B 176 16.62 17.80 -17.71
C MET B 176 17.88 18.48 -18.20
N ARG B 177 18.57 17.85 -19.13
CA ARG B 177 19.78 18.40 -19.69
C ARG B 177 19.60 18.51 -21.19
N LEU B 178 20.20 19.53 -21.79
CA LEU B 178 20.09 19.72 -23.23
C LEU B 178 21.41 20.10 -23.77
N ASP B 179 21.94 19.35 -24.72
CA ASP B 179 23.27 19.67 -25.22
C ASP B 179 23.35 20.83 -26.20
N LEU B 180 22.20 21.41 -26.50
CA LEU B 180 22.19 22.70 -27.14
C LEU B 180 22.46 23.88 -26.15
N ALA B 181 23.31 24.85 -26.51
CA ALA B 181 23.43 26.13 -25.76
C ALA B 181 24.09 27.29 -26.52
N GLY B 182 24.60 28.27 -25.79
CA GLY B 182 25.23 29.47 -26.37
C GLY B 182 26.21 29.29 -27.52
N ARG B 183 27.13 28.33 -27.38
CA ARG B 183 28.18 28.14 -28.37
C ARG B 183 27.55 27.73 -29.64
N ASP B 184 26.59 26.81 -29.52
CA ASP B 184 25.75 26.41 -30.63
C ASP B 184 25.12 27.63 -31.34
N LEU B 185 24.63 28.58 -30.54
CA LEU B 185 23.89 29.67 -31.14
C LEU B 185 24.80 30.59 -31.90
N THR B 186 26.00 30.81 -31.38
CA THR B 186 26.96 31.60 -32.12
C THR B 186 27.21 30.94 -33.45
N ASP B 187 27.48 29.64 -33.38
CA ASP B 187 27.84 28.90 -34.57
C ASP B 187 26.73 29.02 -35.58
N TYR B 188 25.48 28.93 -35.10
CA TYR B 188 24.31 28.94 -35.99
C TYR B 188 24.20 30.29 -36.68
N LEU B 189 24.48 31.35 -35.94
CA LEU B 189 24.38 32.68 -36.48
C LEU B 189 25.42 32.89 -37.57
N MET B 190 26.61 32.33 -37.36
CA MET B 190 27.64 32.32 -38.38
C MET B 190 27.13 31.69 -39.68
N LYS B 191 26.45 30.55 -39.53
CA LYS B 191 25.91 29.83 -40.65
C LYS B 191 24.77 30.62 -41.30
N ILE B 192 23.83 31.16 -40.54
CA ILE B 192 22.73 31.90 -41.19
C ILE B 192 23.10 33.28 -41.71
N LEU B 193 24.18 33.86 -41.22
CA LEU B 193 24.67 35.10 -41.82
C LEU B 193 25.24 34.84 -43.20
N THR B 194 25.70 33.62 -43.40
CA THR B 194 26.07 33.08 -44.70
C THR B 194 24.99 33.27 -45.77
N GLU B 195 23.73 33.26 -45.38
CA GLU B 195 22.61 33.42 -46.30
C GLU B 195 22.56 34.78 -46.97
N ARG B 196 22.65 35.85 -46.17
CA ARG B 196 22.75 37.19 -46.74
C ARG B 196 24.12 37.36 -47.37
N GLY B 197 24.90 36.29 -47.38
CA GLY B 197 26.20 36.27 -48.05
C GLY B 197 27.25 36.98 -47.24
N TYR B 198 27.02 37.14 -45.95
CA TYR B 198 28.02 37.66 -45.05
C TYR B 198 28.95 36.50 -44.64
N SER B 199 30.25 36.65 -44.90
CA SER B 199 31.25 35.58 -44.74
C SER B 199 31.88 35.56 -43.36
N PHE B 200 31.55 34.54 -42.57
CA PHE B 200 32.06 34.33 -41.19
C PHE B 200 32.49 32.89 -40.88
N VAL B 201 33.80 32.71 -40.67
CA VAL B 201 34.40 31.41 -40.35
C VAL B 201 35.55 31.47 -39.33
N THR B 202 36.48 32.42 -39.51
CA THR B 202 37.72 32.48 -38.69
C THR B 202 37.48 32.74 -37.22
N THR B 203 38.54 32.49 -36.45
CA THR B 203 38.58 32.77 -35.02
C THR B 203 38.08 34.19 -34.78
N ALA B 204 38.70 35.16 -35.48
CA ALA B 204 38.38 36.58 -35.32
C ALA B 204 36.92 36.82 -35.68
N GLU B 205 36.49 36.19 -36.77
CA GLU B 205 35.13 36.30 -37.26
C GLU B 205 34.09 35.73 -36.31
N ARG B 206 34.37 34.58 -35.71
CA ARG B 206 33.45 33.97 -34.72
C ARG B 206 33.18 34.96 -33.56
N GLU B 207 34.22 35.68 -33.15
CA GLU B 207 34.09 36.69 -32.10
C GLU B 207 33.18 37.83 -32.49
N ILE B 208 33.28 38.24 -33.75
CA ILE B 208 32.45 39.30 -34.27
C ILE B 208 31.01 38.85 -34.21
N VAL B 209 30.76 37.65 -34.72
CA VAL B 209 29.44 37.09 -34.73
C VAL B 209 28.87 37.03 -33.32
N ARG B 210 29.67 36.55 -32.36
CA ARG B 210 29.18 36.46 -30.98
C ARG B 210 28.78 37.83 -30.47
N ASP B 211 29.52 38.87 -30.86
CA ASP B 211 29.20 40.20 -30.39
C ASP B 211 27.82 40.57 -30.88
N ILE B 212 27.60 40.35 -32.17
CA ILE B 212 26.35 40.70 -32.81
C ILE B 212 25.24 39.96 -32.10
N LYS B 213 25.45 38.67 -31.86
CA LYS B 213 24.51 37.83 -31.11
C LYS B 213 24.05 38.52 -29.83
N GLU B 214 25.01 38.92 -29.01
CA GLU B 214 24.69 39.38 -27.67
C GLU B 214 24.04 40.75 -27.75
N LYS B 215 24.42 41.55 -28.76
CA LYS B 215 23.98 42.95 -28.93
C LYS B 215 22.70 43.13 -29.70
N LEU B 216 22.41 42.21 -30.61
CA LEU B 216 21.36 42.45 -31.57
C LEU B 216 20.22 41.48 -31.54
N CYS B 217 20.49 40.26 -31.10
CA CYS B 217 19.48 39.22 -31.12
C CYS B 217 18.46 39.31 -30.03
N TYR B 218 17.31 38.68 -30.25
CA TYR B 218 16.22 38.72 -29.28
C TYR B 218 15.28 37.58 -29.59
N VAL B 219 14.37 37.31 -28.67
CA VAL B 219 13.37 36.25 -28.83
C VAL B 219 11.98 36.81 -29.21
N ALA B 220 11.53 36.44 -30.42
CA ALA B 220 10.25 36.93 -30.93
C ALA B 220 9.16 36.32 -30.12
N LEU B 221 8.20 37.12 -29.67
CA LEU B 221 7.16 36.57 -28.83
C LEU B 221 6.25 35.59 -29.61
N ASP B 222 6.06 35.90 -30.91
CA ASP B 222 5.38 35.06 -31.92
C ASP B 222 6.25 34.95 -33.17
N PHE B 223 6.81 33.77 -33.38
CA PHE B 223 7.88 33.63 -34.32
C PHE B 223 7.42 33.81 -35.72
N GLU B 224 6.39 33.06 -36.07
CA GLU B 224 5.90 33.05 -37.43
C GLU B 224 5.47 34.46 -37.83
N ASN B 225 4.87 35.16 -36.88
CA ASN B 225 4.43 36.49 -37.17
C ASN B 225 5.62 37.39 -37.37
N GLU B 226 6.65 37.21 -36.54
CA GLU B 226 7.80 38.08 -36.61
C GLU B 226 8.49 37.85 -37.93
N MET B 227 8.46 36.59 -38.38
CA MET B 227 9.10 36.25 -39.63
C MET B 227 8.41 36.96 -40.74
N ALA B 228 7.09 36.84 -40.73
CA ALA B 228 6.27 37.41 -41.75
C ALA B 228 6.32 38.95 -41.73
N THR B 229 6.78 39.52 -40.61
CA THR B 229 6.93 40.97 -40.48
C THR B 229 8.28 41.49 -40.94
N ALA B 230 9.29 40.65 -40.73
CA ALA B 230 10.63 40.90 -41.17
C ALA B 230 10.55 41.07 -42.64
N ALA B 231 9.88 40.09 -43.23
CA ALA B 231 9.62 39.96 -44.65
C ALA B 231 8.96 41.17 -45.25
N SER B 232 8.36 42.01 -44.42
CA SER B 232 7.64 43.19 -44.90
C SER B 232 8.36 44.47 -44.58
N SER B 233 7.98 45.03 -43.44
CA SER B 233 8.44 46.34 -43.05
C SER B 233 9.91 46.27 -42.64
N SER B 234 10.13 46.75 -41.43
CA SER B 234 11.32 46.58 -40.70
C SER B 234 11.45 47.82 -39.88
N SER B 235 11.02 47.71 -38.64
CA SER B 235 11.66 48.47 -37.61
C SER B 235 12.78 47.49 -37.27
N LEU B 236 12.63 46.30 -37.82
CA LEU B 236 13.39 45.15 -37.42
C LEU B 236 14.88 45.20 -37.83
N GLU B 237 15.17 45.67 -39.04
CA GLU B 237 16.54 45.57 -39.53
C GLU B 237 17.43 46.57 -38.79
N LYS B 238 18.62 46.11 -38.41
CA LYS B 238 19.52 46.94 -37.64
C LYS B 238 20.86 46.93 -38.33
N SER B 239 21.61 48.02 -38.19
CA SER B 239 22.95 48.07 -38.74
C SER B 239 23.99 47.82 -37.64
N TYR B 240 25.17 47.33 -38.03
CA TYR B 240 26.24 47.03 -37.08
C TYR B 240 27.58 47.34 -37.72
N GLU B 241 28.38 48.16 -37.05
CA GLU B 241 29.67 48.50 -37.62
C GLU B 241 30.64 47.43 -37.22
N LEU B 242 31.23 46.81 -38.23
CA LEU B 242 32.22 45.80 -37.99
C LEU B 242 33.51 46.45 -37.52
N PRO B 243 34.38 45.67 -36.86
CA PRO B 243 35.58 46.31 -36.36
C PRO B 243 36.47 46.92 -37.45
N ASP B 244 36.37 46.45 -38.70
CA ASP B 244 37.18 47.02 -39.80
C ASP B 244 36.62 48.32 -40.43
N GLY B 245 35.48 48.79 -39.92
CA GLY B 245 34.89 50.02 -40.43
C GLY B 245 33.67 49.80 -41.31
N GLN B 246 33.58 48.63 -41.95
CA GLN B 246 32.42 48.29 -42.78
C GLN B 246 31.16 48.16 -41.93
N VAL B 247 30.02 48.52 -42.49
CA VAL B 247 28.72 48.36 -41.81
C VAL B 247 27.82 47.34 -42.53
N ILE B 248 27.16 46.50 -41.74
CA ILE B 248 26.28 45.47 -42.25
C ILE B 248 24.87 45.77 -41.79
N THR B 249 23.90 45.07 -42.36
CA THR B 249 22.56 45.10 -41.82
C THR B 249 21.96 43.70 -41.58
N ILE B 250 21.36 43.56 -40.41
CA ILE B 250 20.85 42.29 -39.97
C ILE B 250 19.36 42.41 -39.70
N GLY B 251 18.61 41.40 -40.11
CA GLY B 251 17.16 41.40 -40.00
C GLY B 251 16.60 40.28 -39.16
N ASN B 252 15.91 39.35 -39.79
CA ASN B 252 15.24 38.29 -39.04
C ASN B 252 16.21 37.35 -38.34
N GLU B 253 17.48 37.42 -38.73
CA GLU B 253 18.53 36.66 -38.07
C GLU B 253 18.57 37.03 -36.59
N ARG B 254 18.17 38.26 -36.30
CA ARG B 254 18.05 38.76 -34.95
C ARG B 254 17.26 37.81 -34.07
N PHE B 255 16.15 37.27 -34.53
CA PHE B 255 15.36 36.41 -33.63
C PHE B 255 15.40 34.95 -34.02
N ARG B 256 15.90 34.70 -35.22
CA ARG B 256 15.97 33.35 -35.76
C ARG B 256 17.02 32.58 -35.03
N CYS B 257 18.09 33.28 -34.69
CA CYS B 257 19.23 32.67 -34.02
C CYS B 257 18.77 32.03 -32.72
N PRO B 258 18.25 32.85 -31.81
CA PRO B 258 17.85 32.22 -30.56
C PRO B 258 16.58 31.38 -30.66
N GLU B 259 15.80 31.56 -31.71
CA GLU B 259 14.57 30.78 -31.86
C GLU B 259 14.90 29.29 -31.72
N THR B 260 16.15 28.97 -32.07
CA THR B 260 16.65 27.61 -32.08
C THR B 260 16.44 26.96 -30.74
N LEU B 261 16.41 27.74 -29.67
CA LEU B 261 16.22 27.17 -28.35
C LEU B 261 14.86 26.62 -28.14
N PHE B 262 13.90 27.18 -28.88
CA PHE B 262 12.52 26.72 -28.85
C PHE B 262 12.23 25.71 -29.94
N GLN B 263 13.04 25.78 -31.00
CA GLN B 263 13.00 24.81 -32.10
C GLN B 263 14.42 24.29 -32.44
N PRO B 264 14.94 23.33 -31.61
CA PRO B 264 16.29 22.82 -31.83
C PRO B 264 16.45 22.21 -33.23
N SER B 265 15.32 21.92 -33.87
CA SER B 265 15.35 21.37 -35.22
C SER B 265 16.10 22.30 -36.19
N PHE B 266 16.28 23.56 -35.80
CA PHE B 266 16.97 24.53 -36.65
C PHE B 266 18.41 24.07 -36.95
N ILE B 267 18.99 23.35 -36.00
CA ILE B 267 20.32 22.81 -36.18
C ILE B 267 20.26 21.29 -36.21
N GLY B 268 19.12 20.79 -36.66
CA GLY B 268 18.90 19.37 -36.84
C GLY B 268 18.93 18.54 -35.56
N MET B 269 18.83 19.18 -34.40
CA MET B 269 18.80 18.43 -33.18
C MET B 269 17.41 17.94 -32.91
N GLU B 270 17.29 16.68 -32.52
CA GLU B 270 15.96 16.05 -32.49
C GLU B 270 15.21 16.28 -31.19
N SER B 271 15.93 16.83 -30.22
CA SER B 271 15.34 17.12 -28.95
C SER B 271 14.24 18.17 -29.00
N ALA B 272 13.34 18.09 -28.02
CA ALA B 272 12.32 19.12 -27.77
C ALA B 272 12.94 20.44 -27.35
N GLY B 273 12.14 21.50 -27.45
CA GLY B 273 12.53 22.86 -27.07
C GLY B 273 12.48 23.12 -25.58
N ILE B 274 13.02 24.27 -25.19
CA ILE B 274 13.25 24.60 -23.79
C ILE B 274 12.01 24.77 -22.92
N HIS B 275 10.94 25.16 -23.55
CA HIS B 275 9.67 25.25 -22.87
C HIS B 275 9.12 23.87 -22.68
N GLU B 276 9.25 22.99 -23.68
CA GLU B 276 8.76 21.61 -23.60
C GLU B 276 9.50 20.91 -22.45
N THR B 277 10.79 21.14 -22.37
CA THR B 277 11.58 20.49 -21.37
C THR B 277 11.17 21.00 -20.00
N THR B 278 10.85 22.28 -19.92
CA THR B 278 10.47 22.88 -18.64
C THR B 278 9.19 22.27 -18.17
N TYR B 279 8.23 22.18 -19.07
CA TYR B 279 6.96 21.54 -18.79
C TYR B 279 7.19 20.11 -18.31
N ASN B 280 7.98 19.37 -19.07
CA ASN B 280 8.21 17.99 -18.75
C ASN B 280 8.92 17.84 -17.45
N SER B 281 9.86 18.74 -17.18
CA SER B 281 10.57 18.67 -15.94
C SER B 281 9.60 18.86 -14.78
N ILE B 282 8.68 19.81 -14.91
CA ILE B 282 7.71 20.08 -13.83
C ILE B 282 6.73 18.93 -13.64
N MET B 283 6.31 18.35 -14.74
CA MET B 283 5.48 17.18 -14.67
C MET B 283 6.22 15.98 -14.09
N LYS B 284 7.55 16.00 -14.06
CA LYS B 284 8.29 14.94 -13.41
C LYS B 284 8.32 15.10 -11.90
N CYS B 285 7.74 16.14 -11.36
CA CYS B 285 7.88 16.33 -9.94
C CYS B 285 6.61 15.98 -9.28
N ASP B 286 6.64 15.92 -7.96
CA ASP B 286 5.44 15.58 -7.19
C ASP B 286 4.32 16.49 -7.55
N ILE B 287 3.14 15.94 -7.79
CA ILE B 287 2.03 16.74 -8.15
C ILE B 287 1.77 17.93 -7.20
N ASP B 288 1.92 17.76 -5.88
CA ASP B 288 1.64 18.84 -4.91
C ASP B 288 2.61 20.05 -4.91
N ILE B 289 3.70 19.93 -5.66
CA ILE B 289 4.65 21.00 -5.67
C ILE B 289 4.78 21.61 -7.04
N ARG B 290 4.08 21.07 -8.02
CA ARG B 290 4.17 21.64 -9.34
C ARG B 290 3.68 23.06 -9.40
N LYS B 291 2.58 23.32 -8.70
CA LYS B 291 2.04 24.65 -8.56
C LYS B 291 3.16 25.60 -8.21
N ASP B 292 3.96 25.17 -7.26
CA ASP B 292 5.05 25.96 -6.79
C ASP B 292 6.17 26.07 -7.76
N LEU B 293 6.35 25.10 -8.61
CA LEU B 293 7.38 25.27 -9.60
C LEU B 293 6.97 26.18 -10.73
N TYR B 294 5.72 26.05 -11.16
CA TYR B 294 5.24 26.85 -12.23
C TYR B 294 5.48 28.31 -11.92
N ALA B 295 5.12 28.67 -10.71
CA ALA B 295 5.10 30.04 -10.29
C ALA B 295 6.46 30.60 -9.85
N ASN B 296 7.53 29.87 -10.11
CA ASN B 296 8.84 30.28 -9.60
C ASN B 296 9.88 29.81 -10.55
N ASN B 297 9.70 30.16 -11.79
CA ASN B 297 10.53 29.62 -12.79
C ASN B 297 11.67 30.58 -13.10
N VAL B 298 12.87 30.29 -12.68
CA VAL B 298 13.92 31.30 -12.66
C VAL B 298 14.94 31.09 -13.75
N MET B 299 15.38 32.15 -14.41
CA MET B 299 16.28 31.98 -15.51
C MET B 299 17.68 32.34 -15.18
N SER B 300 18.62 31.68 -15.80
CA SER B 300 20.02 32.02 -15.54
C SER B 300 20.94 31.63 -16.65
N GLY B 301 22.01 32.39 -16.73
CA GLY B 301 23.13 32.05 -17.58
C GLY B 301 23.13 32.99 -18.72
N GLY B 302 24.31 33.14 -19.32
CA GLY B 302 24.51 34.07 -20.41
C GLY B 302 23.49 33.88 -21.51
N THR B 303 23.14 32.65 -21.78
CA THR B 303 22.26 32.41 -22.85
C THR B 303 20.82 32.75 -22.49
N THR B 304 20.45 33.03 -21.25
CA THR B 304 19.07 33.54 -21.05
C THR B 304 18.98 35.04 -21.13
N MET B 305 20.04 35.66 -21.64
CA MET B 305 20.14 37.11 -21.66
C MET B 305 19.42 37.77 -22.82
N TYR B 306 18.81 37.01 -23.72
CA TYR B 306 18.17 37.60 -24.87
C TYR B 306 16.93 38.33 -24.47
N PRO B 307 16.77 39.55 -24.95
CA PRO B 307 15.56 40.27 -24.56
C PRO B 307 14.34 39.46 -24.94
N GLY B 308 13.29 39.58 -24.12
CA GLY B 308 11.93 39.08 -24.45
C GLY B 308 11.72 37.58 -24.38
N ILE B 309 12.78 36.91 -23.96
CA ILE B 309 12.77 35.51 -23.73
C ILE B 309 11.86 35.19 -22.56
N ALA B 310 11.81 36.09 -21.60
CA ALA B 310 10.90 35.98 -20.47
C ALA B 310 9.52 35.87 -20.97
N ASP B 311 9.15 36.79 -21.85
CA ASP B 311 7.82 36.85 -22.40
C ASP B 311 7.46 35.63 -23.18
N ARG B 312 8.37 35.24 -24.05
CA ARG B 312 8.13 34.10 -24.84
C ARG B 312 7.84 32.89 -23.98
N MET B 313 8.67 32.75 -22.95
CA MET B 313 8.62 31.62 -22.05
C MET B 313 7.30 31.61 -21.31
N GLN B 314 6.92 32.76 -20.78
CA GLN B 314 5.65 32.85 -20.15
C GLN B 314 4.53 32.37 -21.05
N LYS B 315 4.55 32.78 -22.32
CA LYS B 315 3.46 32.36 -23.22
C LYS B 315 3.45 30.86 -23.39
N GLU B 316 4.62 30.30 -23.73
CA GLU B 316 4.70 28.90 -24.12
C GLU B 316 4.25 28.01 -23.01
N ILE B 317 4.72 28.33 -21.83
CA ILE B 317 4.38 27.57 -20.68
C ILE B 317 2.91 27.71 -20.38
N THR B 318 2.35 28.92 -20.39
CA THR B 318 0.93 29.06 -20.03
C THR B 318 0.09 28.22 -20.98
N ALA B 319 0.57 28.12 -22.21
CA ALA B 319 -0.09 27.33 -23.24
C ALA B 319 -0.12 25.86 -22.84
N LEU B 320 0.95 25.41 -22.17
CA LEU B 320 1.13 24.00 -21.96
C LEU B 320 0.57 23.58 -20.64
N ALA B 321 0.56 24.47 -19.69
CA ALA B 321 0.11 24.11 -18.39
C ALA B 321 -1.37 24.19 -18.31
N PRO B 322 -1.94 23.62 -17.25
CA PRO B 322 -3.31 23.87 -16.86
C PRO B 322 -3.65 25.35 -17.01
N SER B 323 -4.81 25.64 -17.56
CA SER B 323 -5.18 27.03 -17.70
C SER B 323 -5.31 27.80 -16.36
N THR B 324 -5.64 27.13 -15.24
CA THR B 324 -5.77 27.83 -13.93
C THR B 324 -4.41 28.10 -13.28
N MET B 325 -3.39 27.50 -13.87
CA MET B 325 -2.06 27.52 -13.33
C MET B 325 -1.37 28.85 -13.39
N LYS B 326 -0.91 29.32 -12.24
CA LYS B 326 -0.12 30.51 -12.18
C LYS B 326 1.28 30.19 -12.65
N ILE B 327 1.70 30.91 -13.67
CA ILE B 327 3.04 30.85 -14.22
C ILE B 327 3.73 32.20 -14.01
N LYS B 328 5.00 32.18 -13.67
CA LYS B 328 5.74 33.40 -13.43
C LYS B 328 7.15 33.07 -13.82
N ILE B 329 7.72 33.91 -14.66
CA ILE B 329 9.12 33.81 -14.98
C ILE B 329 9.91 34.86 -14.18
N ILE B 330 10.95 34.43 -13.49
CA ILE B 330 11.81 35.39 -12.89
C ILE B 330 13.10 35.39 -13.64
N ALA B 331 13.47 36.56 -14.14
CA ALA B 331 14.65 36.72 -14.93
C ALA B 331 15.28 37.97 -14.47
N PRO B 332 16.19 37.87 -13.53
CA PRO B 332 16.76 39.07 -12.98
C PRO B 332 17.81 39.53 -13.91
N PRO B 333 17.96 40.83 -13.95
CA PRO B 333 18.76 41.41 -14.96
C PRO B 333 20.14 40.81 -15.00
N GLU B 334 20.74 40.49 -13.86
CA GLU B 334 22.18 40.08 -13.82
C GLU B 334 22.33 38.57 -13.89
N ARG B 335 21.32 37.94 -14.46
CA ARG B 335 21.27 36.50 -14.42
C ARG B 335 22.41 35.90 -15.20
N LYS B 336 23.16 36.79 -15.84
CA LYS B 336 24.38 36.44 -16.51
C LYS B 336 25.35 35.77 -15.54
N TYR B 337 25.27 36.19 -14.29
CA TYR B 337 26.20 35.78 -13.22
C TYR B 337 25.47 35.36 -12.00
N SER B 338 24.25 34.87 -12.21
CA SER B 338 23.33 34.56 -11.14
C SER B 338 24.02 33.58 -10.21
N VAL B 339 24.64 32.59 -10.85
CA VAL B 339 25.31 31.53 -10.14
C VAL B 339 26.37 32.15 -9.31
N TRP B 340 27.32 32.84 -9.92
CA TRP B 340 28.37 33.45 -9.11
C TRP B 340 27.87 34.26 -7.93
N ILE B 341 26.88 35.11 -8.18
CA ILE B 341 26.37 36.02 -7.19
C ILE B 341 25.73 35.29 -6.08
N GLY B 342 24.98 34.29 -6.48
CA GLY B 342 24.40 33.37 -5.52
C GLY B 342 25.45 32.83 -4.56
N GLY B 343 26.59 32.41 -5.13
CA GLY B 343 27.72 31.87 -4.34
C GLY B 343 28.31 32.88 -3.36
N SER B 344 28.41 34.11 -3.85
CA SER B 344 28.89 35.16 -3.05
C SER B 344 27.96 35.35 -1.89
N ILE B 345 26.65 35.19 -2.12
CA ILE B 345 25.73 35.39 -1.01
C ILE B 345 25.83 34.29 0.03
N LEU B 346 25.94 33.08 -0.49
CA LEU B 346 25.97 31.93 0.37
C LEU B 346 27.18 31.97 1.23
N ALA B 347 28.33 32.14 0.55
CA ALA B 347 29.64 32.13 1.17
C ALA B 347 29.66 33.13 2.30
N SER B 348 28.87 34.16 2.16
CA SER B 348 28.89 35.22 3.10
C SER B 348 27.94 34.97 4.24
N LEU B 349 27.22 33.87 4.24
CA LEU B 349 26.31 33.66 5.35
C LEU B 349 26.98 33.24 6.67
N SER B 350 26.61 33.91 7.75
CA SER B 350 26.86 33.41 9.08
C SER B 350 26.49 31.93 9.24
N THR B 351 25.26 31.56 8.89
CA THR B 351 24.78 30.18 9.05
C THR B 351 25.64 29.19 8.27
N PHE B 352 26.35 29.68 7.27
CA PHE B 352 27.06 28.82 6.37
C PHE B 352 28.46 28.55 6.85
N GLN B 353 28.95 29.36 7.77
CA GLN B 353 30.35 29.21 8.19
C GLN B 353 30.66 27.87 8.83
N GLN B 354 29.69 27.36 9.58
CA GLN B 354 29.73 26.01 10.09
C GLN B 354 29.71 24.89 9.00
N MET B 355 29.38 25.23 7.76
CA MET B 355 29.16 24.19 6.79
C MET B 355 30.32 24.00 5.82
N TRP B 356 31.33 24.86 5.84
CA TRP B 356 32.54 24.60 5.04
C TRP B 356 33.14 23.28 5.37
N ILE B 357 33.77 22.65 4.39
CA ILE B 357 34.57 21.45 4.72
C ILE B 357 35.96 21.90 5.11
N THR B 358 36.39 21.58 6.33
CA THR B 358 37.67 22.06 6.85
C THR B 358 38.80 21.14 6.45
N LYS B 359 40.04 21.66 6.41
CA LYS B 359 41.23 20.85 6.10
C LYS B 359 41.30 19.64 7.02
N GLN B 360 41.06 19.89 8.31
CA GLN B 360 41.05 18.84 9.34
C GLN B 360 40.08 17.72 8.99
N GLU B 361 38.82 18.08 8.73
CA GLU B 361 37.78 17.15 8.37
C GLU B 361 38.19 16.38 7.11
N TYR B 362 38.80 17.02 6.12
CA TYR B 362 39.25 16.33 4.91
C TYR B 362 40.32 15.30 5.18
N ASP B 363 41.27 15.68 6.02
CA ASP B 363 42.37 14.80 6.32
C ASP B 363 41.85 13.53 6.90
N GLU B 364 40.90 13.66 7.82
CA GLU B 364 40.30 12.53 8.53
C GLU B 364 39.36 11.65 7.68
N ALA B 365 38.65 12.24 6.70
CA ALA B 365 37.59 11.51 5.96
C ALA B 365 37.82 11.32 4.46
N GLY B 366 38.80 12.02 3.91
CA GLY B 366 39.08 11.91 2.48
C GLY B 366 38.08 12.65 1.62
N PRO B 367 38.26 12.58 0.28
CA PRO B 367 37.42 13.32 -0.69
C PRO B 367 35.92 13.05 -0.54
N SER B 368 35.59 11.86 -0.02
CA SER B 368 34.22 11.40 0.13
C SER B 368 33.42 12.19 1.16
N ILE B 369 34.10 12.98 1.99
CA ILE B 369 33.40 13.84 2.96
C ILE B 369 32.43 14.82 2.27
N VAL B 370 32.76 15.13 1.01
CA VAL B 370 32.01 16.04 0.20
C VAL B 370 30.58 15.60 0.13
N HIS B 371 30.35 14.31 0.10
CA HIS B 371 29.01 13.83 -0.06
C HIS B 371 28.21 14.06 1.17
N ARG B 372 28.82 14.01 2.35
CA ARG B 372 27.98 14.26 3.51
C ARG B 372 27.80 15.75 3.81
N LYS B 373 28.73 16.59 3.35
CA LYS B 373 28.65 18.02 3.70
C LYS B 373 27.95 18.89 2.65
N CYS B 374 28.07 18.54 1.38
CA CYS B 374 27.56 19.39 0.29
C CYS B 374 26.40 18.76 -0.43
N PHE B 375 25.24 19.33 -0.18
CA PHE B 375 24.03 18.92 -0.89
C PHE B 375 22.97 20.05 -0.72
N THR C 5 30.47 2.08 4.12
CA THR C 5 29.66 0.81 4.18
C THR C 5 28.69 0.58 3.03
N THR C 6 28.65 1.47 2.06
CA THR C 6 27.89 1.23 0.85
C THR C 6 28.35 -0.02 0.08
N ALA C 7 27.38 -0.72 -0.48
CA ALA C 7 27.60 -1.95 -1.24
C ALA C 7 28.35 -1.72 -2.51
N LEU C 8 29.09 -2.74 -2.89
CA LEU C 8 29.90 -2.67 -4.05
C LEU C 8 29.29 -3.46 -5.14
N VAL C 9 29.46 -2.93 -6.33
CA VAL C 9 28.95 -3.58 -7.50
C VAL C 9 30.12 -3.83 -8.42
N CYS C 10 30.30 -5.11 -8.72
CA CYS C 10 31.40 -5.55 -9.54
C CYS C 10 30.94 -6.47 -10.69
N ASP C 11 31.03 -5.94 -11.92
CA ASP C 11 30.65 -6.68 -13.12
C ASP C 11 31.90 -7.22 -13.76
N ASN C 12 32.14 -8.52 -13.66
CA ASN C 12 33.35 -9.09 -14.26
C ASN C 12 33.09 -9.52 -15.68
N GLY C 13 33.61 -8.79 -16.64
CA GLY C 13 33.47 -9.18 -18.03
C GLY C 13 34.68 -9.94 -18.50
N SER C 14 34.60 -10.57 -19.68
CA SER C 14 35.73 -11.29 -20.28
C SER C 14 36.86 -10.34 -20.58
N GLY C 15 36.47 -9.12 -20.95
CA GLY C 15 37.40 -8.06 -21.29
C GLY C 15 37.63 -7.03 -20.20
N LEU C 16 36.55 -6.50 -19.63
CA LEU C 16 36.66 -5.35 -18.74
C LEU C 16 36.00 -5.64 -17.47
N VAL C 17 36.66 -5.30 -16.38
CA VAL C 17 36.04 -5.29 -15.08
C VAL C 17 35.28 -3.97 -14.97
N LYS C 18 34.05 -3.97 -14.49
CA LYS C 18 33.39 -2.72 -14.19
C LYS C 18 32.98 -2.72 -12.71
N ALA C 19 33.44 -1.73 -11.97
CA ALA C 19 33.27 -1.71 -10.52
C ALA C 19 32.88 -0.32 -10.01
N GLY C 20 32.24 -0.29 -8.85
CA GLY C 20 31.75 0.97 -8.29
C GLY C 20 30.78 0.73 -7.15
N PHE C 21 30.01 1.77 -6.85
CA PHE C 21 29.17 1.69 -5.69
C PHE C 21 27.73 1.73 -5.98
N ALA C 22 26.99 1.05 -5.13
CA ALA C 22 25.58 1.17 -5.18
C ALA C 22 25.14 2.63 -4.96
N GLY C 23 24.22 3.07 -5.79
CA GLY C 23 23.72 4.40 -5.68
C GLY C 23 24.15 5.05 -6.96
N ASP C 24 25.40 4.81 -7.31
CA ASP C 24 26.11 5.52 -8.39
C ASP C 24 25.58 5.28 -9.80
N ASP C 25 25.61 6.32 -10.64
CA ASP C 25 24.98 6.30 -11.97
C ASP C 25 25.80 5.56 -13.01
N ALA C 26 27.03 5.21 -12.63
CA ALA C 26 27.92 4.43 -13.48
C ALA C 26 29.13 3.92 -12.70
N PRO C 27 29.85 2.87 -13.26
CA PRO C 27 30.96 2.25 -12.52
C PRO C 27 32.07 3.23 -12.31
N ARG C 28 32.44 3.40 -11.05
CA ARG C 28 33.53 4.29 -10.71
C ARG C 28 34.87 3.87 -11.42
N ALA C 29 35.07 2.55 -11.56
CA ALA C 29 36.31 1.90 -12.09
C ALA C 29 36.10 0.85 -13.21
N VAL C 30 36.93 0.87 -14.23
CA VAL C 30 36.78 0.08 -15.45
C VAL C 30 38.20 -0.23 -15.95
N PHE C 31 38.63 -1.49 -15.85
CA PHE C 31 39.99 -1.84 -16.30
C PHE C 31 40.06 -3.18 -16.98
N PRO C 32 41.12 -3.42 -17.79
CA PRO C 32 41.22 -4.71 -18.48
C PRO C 32 41.35 -5.90 -17.51
N SER C 33 40.67 -6.98 -17.85
CA SER C 33 40.58 -8.15 -16.98
C SER C 33 41.68 -9.16 -17.29
N ILE C 34 42.91 -8.82 -16.86
CA ILE C 34 44.14 -9.53 -17.21
C ILE C 34 45.13 -9.60 -16.03
N VAL C 35 45.85 -10.71 -15.92
CA VAL C 35 46.91 -10.84 -14.94
C VAL C 35 48.20 -11.19 -15.68
N GLY C 36 49.25 -10.43 -15.40
CA GLY C 36 50.54 -10.54 -16.09
C GLY C 36 51.63 -10.85 -15.10
N ARG C 37 52.62 -11.58 -15.62
CA ARG C 37 53.83 -11.94 -14.88
C ARG C 37 55.01 -11.83 -15.79
N PRO C 38 56.18 -11.56 -15.23
CA PRO C 38 57.34 -11.41 -16.10
C PRO C 38 57.52 -12.60 -17.09
N ARG C 39 57.71 -12.27 -18.37
CA ARG C 39 57.98 -13.25 -19.40
C ARG C 39 59.45 -13.64 -19.34
N LYS C 50 56.29 -7.26 -7.28
CA LYS C 50 56.98 -7.97 -8.36
C LYS C 50 56.14 -9.15 -8.85
N ASP C 51 55.33 -9.72 -7.96
CA ASP C 51 54.57 -10.98 -8.16
C ASP C 51 53.73 -11.06 -9.44
N SER C 52 52.75 -10.17 -9.49
CA SER C 52 51.78 -10.18 -10.56
C SER C 52 51.31 -8.77 -10.80
N TYR C 53 51.06 -8.45 -12.05
CA TYR C 53 50.60 -7.12 -12.39
C TYR C 53 49.20 -7.21 -12.91
N VAL C 54 48.36 -6.32 -12.44
CA VAL C 54 46.93 -6.50 -12.61
C VAL C 54 46.35 -5.33 -13.38
N GLY C 55 45.52 -5.64 -14.36
CA GLY C 55 44.96 -4.64 -15.23
C GLY C 55 46.03 -3.92 -16.02
N ASP C 56 45.95 -2.60 -16.02
CA ASP C 56 46.81 -1.73 -16.83
C ASP C 56 48.33 -1.89 -16.54
N GLU C 57 48.65 -2.32 -15.33
CA GLU C 57 50.03 -2.49 -14.87
C GLU C 57 50.69 -3.51 -15.73
N ALA C 58 49.90 -4.50 -16.12
CA ALA C 58 50.40 -5.62 -16.87
C ALA C 58 50.46 -5.27 -18.32
N GLN C 59 49.54 -4.43 -18.73
CA GLN C 59 49.44 -4.04 -20.13
C GLN C 59 50.68 -3.23 -20.63
N SER C 60 51.11 -2.22 -19.88
CA SER C 60 52.37 -1.50 -20.17
C SER C 60 53.55 -2.48 -20.30
N ILE C 64 56.49 -6.86 -21.27
CA ILE C 64 57.59 -7.48 -20.54
C ILE C 64 57.00 -8.67 -19.84
N LEU C 65 55.70 -8.78 -19.98
CA LEU C 65 54.93 -9.60 -19.12
C LEU C 65 54.18 -10.62 -19.99
N THR C 66 53.82 -11.76 -19.38
CA THR C 66 52.91 -12.78 -19.95
C THR C 66 51.51 -12.67 -19.33
N LEU C 67 50.53 -12.59 -20.23
CA LEU C 67 49.16 -12.19 -19.92
C LEU C 67 48.15 -13.34 -20.01
N LYS C 68 47.27 -13.43 -19.01
CA LYS C 68 46.17 -14.41 -18.97
C LYS C 68 44.83 -13.68 -18.73
N TYR C 69 43.75 -14.16 -19.35
CA TYR C 69 42.38 -13.63 -19.09
C TYR C 69 41.70 -14.69 -18.26
N PRO C 70 41.47 -14.43 -16.95
CA PRO C 70 40.92 -15.50 -16.13
C PRO C 70 39.45 -15.71 -16.41
N ILE C 71 38.87 -14.89 -17.28
CA ILE C 71 37.51 -15.11 -17.73
C ILE C 71 37.48 -15.27 -19.26
N GLU C 72 36.95 -16.40 -19.71
CA GLU C 72 36.83 -16.70 -21.13
C GLU C 72 35.39 -16.82 -21.44
N HIS C 73 34.94 -16.17 -22.51
CA HIS C 73 33.53 -16.25 -22.89
C HIS C 73 32.59 -16.11 -21.75
N GLY C 74 32.97 -15.31 -20.78
CA GLY C 74 32.06 -14.96 -19.72
C GLY C 74 32.30 -15.79 -18.50
N ILE C 75 33.08 -16.86 -18.64
CA ILE C 75 33.23 -17.78 -17.52
C ILE C 75 34.60 -17.70 -16.89
N ILE C 76 34.61 -17.62 -15.55
CA ILE C 76 35.82 -17.74 -14.75
C ILE C 76 36.41 -19.11 -14.95
N THR C 77 37.59 -19.15 -15.50
CA THR C 77 38.26 -20.40 -15.73
C THR C 77 39.57 -20.49 -14.95
N ASN C 78 39.96 -19.41 -14.30
CA ASN C 78 41.20 -19.41 -13.56
C ASN C 78 41.01 -18.79 -12.20
N TRP C 79 40.94 -19.62 -11.17
CA TRP C 79 40.54 -19.14 -9.87
C TRP C 79 41.55 -18.37 -9.12
N ASP C 80 42.80 -18.76 -9.26
CA ASP C 80 43.87 -18.03 -8.59
C ASP C 80 44.06 -16.68 -9.16
N ASP C 81 44.00 -16.56 -10.48
CA ASP C 81 44.04 -15.26 -11.14
C ASP C 81 42.81 -14.42 -10.91
N MET C 82 41.66 -15.08 -10.85
CA MET C 82 40.44 -14.34 -10.52
C MET C 82 40.55 -13.73 -9.13
N GLU C 83 41.04 -14.52 -8.20
CA GLU C 83 41.27 -14.07 -6.85
C GLU C 83 42.12 -12.80 -6.83
N LYS C 84 43.19 -12.83 -7.63
CA LYS C 84 44.10 -11.70 -7.76
C LYS C 84 43.39 -10.51 -8.41
N ILE C 85 42.49 -10.76 -9.36
CA ILE C 85 41.72 -9.66 -9.97
C ILE C 85 40.92 -8.94 -8.91
N TRP C 86 40.25 -9.73 -8.04
CA TRP C 86 39.36 -9.17 -7.04
C TRP C 86 40.11 -8.40 -6.02
N HIS C 87 41.24 -8.92 -5.58
CA HIS C 87 42.02 -8.18 -4.62
C HIS C 87 42.41 -6.81 -5.15
N HIS C 88 42.82 -6.74 -6.42
CA HIS C 88 43.11 -5.46 -7.10
C HIS C 88 41.92 -4.54 -7.15
N THR C 89 40.79 -5.11 -7.49
CA THR C 89 39.55 -4.34 -7.56
C THR C 89 39.23 -3.68 -6.22
N PHE C 90 39.25 -4.43 -5.14
CA PHE C 90 38.94 -3.87 -3.84
C PHE C 90 39.98 -2.90 -3.41
N TYR C 91 41.22 -3.30 -3.46
CA TYR C 91 42.23 -2.57 -2.77
C TYR C 91 42.96 -1.53 -3.56
N ASN C 92 42.93 -1.64 -4.88
CA ASN C 92 43.74 -0.74 -5.68
C ASN C 92 42.85 0.13 -6.51
N GLU C 93 41.75 -0.41 -6.99
CA GLU C 93 40.90 0.40 -7.83
C GLU C 93 39.89 1.17 -7.00
N LEU C 94 39.10 0.47 -6.18
CA LEU C 94 38.04 1.10 -5.41
C LEU C 94 38.57 1.51 -4.07
N ARG C 95 39.65 0.89 -3.65
CA ARG C 95 40.29 1.26 -2.41
C ARG C 95 39.29 1.11 -1.25
N VAL C 96 38.78 -0.10 -1.05
CA VAL C 96 37.84 -0.38 0.01
C VAL C 96 38.21 -1.65 0.73
N ALA C 97 37.87 -1.71 2.00
CA ALA C 97 38.05 -2.95 2.75
C ALA C 97 36.77 -3.78 2.63
N PRO C 98 36.90 -4.95 2.00
CA PRO C 98 35.75 -5.73 1.64
C PRO C 98 34.89 -6.11 2.84
N GLU C 99 35.45 -6.22 4.04
CA GLU C 99 34.68 -6.58 5.24
C GLU C 99 33.60 -5.58 5.56
N GLU C 100 33.76 -4.38 5.03
CA GLU C 100 32.89 -3.31 5.40
C GLU C 100 31.84 -3.11 4.37
N HIS C 101 31.87 -3.94 3.33
CA HIS C 101 30.98 -3.77 2.18
C HIS C 101 30.20 -4.98 1.69
N PRO C 102 28.88 -4.91 1.75
CA PRO C 102 28.19 -5.93 1.01
C PRO C 102 28.60 -5.84 -0.44
N THR C 103 28.73 -7.00 -1.08
CA THR C 103 29.20 -6.99 -2.44
C THR C 103 28.35 -7.78 -3.37
N LEU C 104 27.92 -7.13 -4.43
CA LEU C 104 27.17 -7.80 -5.46
C LEU C 104 28.12 -8.08 -6.63
N LEU C 105 28.15 -9.34 -7.07
CA LEU C 105 28.94 -9.68 -8.22
C LEU C 105 28.02 -9.98 -9.32
N THR C 106 28.51 -10.03 -10.54
CA THR C 106 27.66 -10.50 -11.65
C THR C 106 28.19 -11.82 -12.15
N GLU C 107 27.36 -12.55 -12.89
CA GLU C 107 27.75 -13.81 -13.56
C GLU C 107 27.20 -13.95 -14.96
N ALA C 108 27.76 -14.88 -15.72
CA ALA C 108 27.33 -15.09 -17.07
C ALA C 108 26.09 -15.96 -17.11
N PRO C 109 25.33 -15.86 -18.21
CA PRO C 109 24.21 -16.78 -18.36
C PRO C 109 24.76 -18.20 -18.39
N LEU C 110 24.05 -19.15 -17.78
CA LEU C 110 24.45 -20.56 -17.78
C LEU C 110 25.77 -20.79 -17.09
N ASN C 111 26.03 -19.98 -16.09
CA ASN C 111 27.14 -20.26 -15.22
C ASN C 111 26.80 -21.47 -14.41
N PRO C 112 27.66 -22.49 -14.43
CA PRO C 112 27.52 -23.67 -13.59
C PRO C 112 27.44 -23.35 -12.14
N LYS C 113 26.64 -24.14 -11.44
CA LYS C 113 26.29 -23.82 -10.08
C LYS C 113 27.50 -23.93 -9.19
N ALA C 114 28.36 -24.87 -9.55
CA ALA C 114 29.66 -24.96 -8.91
C ALA C 114 30.49 -23.60 -8.88
N ASN C 115 30.44 -22.78 -9.96
CA ASN C 115 31.20 -21.52 -10.01
C ASN C 115 30.74 -20.57 -9.03
N ARG C 116 29.42 -20.43 -9.00
CA ARG C 116 28.90 -19.41 -8.15
C ARG C 116 29.14 -19.84 -6.73
N GLU C 117 29.19 -21.15 -6.47
CA GLU C 117 29.50 -21.56 -5.13
C GLU C 117 30.92 -21.19 -4.78
N LYS C 118 31.87 -21.37 -5.72
CA LYS C 118 33.31 -21.06 -5.46
C LYS C 118 33.44 -19.58 -5.26
N MET C 119 32.72 -18.90 -6.13
CA MET C 119 32.81 -17.51 -6.20
C MET C 119 32.32 -16.94 -4.88
N THR C 120 31.27 -17.53 -4.35
CA THR C 120 30.79 -17.17 -3.03
C THR C 120 31.75 -17.47 -1.91
N GLN C 121 32.33 -18.68 -1.94
CA GLN C 121 33.20 -19.13 -0.89
C GLN C 121 34.42 -18.22 -0.80
N ILE C 122 34.87 -17.79 -1.98
CA ILE C 122 35.99 -16.88 -2.05
C ILE C 122 35.65 -15.59 -1.38
N MET C 123 34.53 -15.03 -1.75
CA MET C 123 34.14 -13.76 -1.19
C MET C 123 34.05 -13.81 0.33
N PHE C 124 33.51 -14.89 0.86
CA PHE C 124 33.31 -14.99 2.30
C PHE C 124 34.55 -15.38 3.09
N GLU C 125 35.32 -16.32 2.59
CA GLU C 125 36.39 -16.83 3.40
C GLU C 125 37.69 -16.10 3.10
N THR C 126 37.80 -15.69 1.85
CA THR C 126 38.99 -15.03 1.34
C THR C 126 38.85 -13.54 1.54
N PHE C 127 37.71 -12.94 1.14
CA PHE C 127 37.54 -11.50 1.35
C PHE C 127 36.75 -11.11 2.60
N ASN C 128 36.14 -12.06 3.31
CA ASN C 128 35.38 -11.79 4.55
C ASN C 128 34.40 -10.67 4.40
N VAL C 129 33.78 -10.62 3.22
CA VAL C 129 32.69 -9.68 2.98
C VAL C 129 31.60 -10.02 3.98
N PRO C 130 30.82 -9.01 4.32
CA PRO C 130 29.80 -9.23 5.28
C PRO C 130 28.60 -9.91 4.63
N ALA C 131 28.48 -9.72 3.33
CA ALA C 131 27.30 -10.15 2.64
C ALA C 131 27.62 -9.99 1.19
N MET C 132 26.92 -10.77 0.37
CA MET C 132 27.16 -10.69 -1.05
C MET C 132 26.01 -11.24 -1.87
N TYR C 133 26.10 -11.10 -3.19
CA TYR C 133 24.95 -11.48 -3.97
C TYR C 133 25.02 -12.16 -5.31
N VAL C 134 25.88 -11.81 -6.25
CA VAL C 134 25.81 -12.48 -7.61
C VAL C 134 24.46 -12.44 -8.35
N ALA C 135 24.42 -11.78 -9.47
CA ALA C 135 23.24 -11.77 -10.27
C ALA C 135 23.65 -12.02 -11.71
N ILE C 136 22.66 -12.39 -12.52
CA ILE C 136 22.91 -12.66 -13.92
C ILE C 136 23.01 -11.39 -14.76
N GLN C 137 24.05 -11.36 -15.57
CA GLN C 137 24.39 -10.17 -16.31
C GLN C 137 23.23 -9.65 -17.12
N ALA C 138 22.71 -10.48 -18.02
CA ALA C 138 21.63 -10.03 -18.88
C ALA C 138 20.39 -9.62 -18.11
N VAL C 139 20.13 -10.31 -16.99
CA VAL C 139 19.01 -9.94 -16.11
C VAL C 139 19.15 -8.48 -15.62
N LEU C 140 20.35 -8.13 -15.17
CA LEU C 140 20.55 -6.81 -14.64
C LEU C 140 20.31 -5.78 -15.72
N SER C 141 20.68 -6.14 -16.94
CA SER C 141 20.56 -5.22 -18.04
C SER C 141 19.09 -4.97 -18.29
N LEU C 142 18.31 -6.04 -18.21
CA LEU C 142 16.87 -5.89 -18.39
C LEU C 142 16.30 -5.00 -17.32
N TYR C 143 16.70 -5.26 -16.08
CA TYR C 143 16.31 -4.45 -14.96
C TYR C 143 16.59 -2.99 -15.22
N ALA C 144 17.76 -2.70 -15.75
CA ALA C 144 18.14 -1.31 -15.98
C ALA C 144 17.30 -0.70 -17.09
N SER C 145 16.67 -1.52 -17.91
CA SER C 145 15.67 -0.95 -18.80
C SER C 145 14.28 -0.75 -18.14
N GLY C 146 14.19 -0.95 -16.83
CA GLY C 146 12.94 -0.73 -16.09
C GLY C 146 11.90 -1.83 -16.26
N ARG C 147 12.32 -2.95 -16.86
CA ARG C 147 11.46 -4.10 -17.19
C ARG C 147 11.78 -5.35 -16.37
N THR C 148 10.79 -6.24 -16.19
CA THR C 148 11.06 -7.60 -15.71
C THR C 148 10.94 -8.65 -16.81
N THR C 149 10.43 -8.26 -17.96
CA THR C 149 10.26 -9.21 -19.06
C THR C 149 10.76 -8.63 -20.37
N GLY C 150 11.59 -9.43 -21.04
CA GLY C 150 12.11 -9.08 -22.35
C GLY C 150 13.18 -10.06 -22.79
N ILE C 151 13.71 -9.85 -23.99
CA ILE C 151 14.80 -10.69 -24.43
C ILE C 151 16.03 -9.81 -24.65
N VAL C 152 17.11 -10.11 -23.93
CA VAL C 152 18.34 -9.31 -23.95
C VAL C 152 19.23 -9.87 -25.00
N LEU C 153 19.83 -8.98 -25.77
CA LEU C 153 21.02 -9.34 -26.53
C LEU C 153 22.22 -8.69 -25.84
N ASP C 154 22.99 -9.50 -25.14
CA ASP C 154 24.10 -9.02 -24.34
C ASP C 154 25.34 -9.45 -25.07
N SER C 155 26.15 -8.48 -25.42
CA SER C 155 27.32 -8.79 -26.20
C SER C 155 28.45 -7.97 -25.63
N GLY C 156 29.39 -8.66 -25.00
CA GLY C 156 30.56 -7.99 -24.54
C GLY C 156 31.75 -8.16 -25.42
N ASP C 157 32.86 -8.46 -24.77
CA ASP C 157 34.12 -8.60 -25.45
C ASP C 157 34.33 -10.04 -25.90
N GLY C 158 33.75 -10.98 -25.12
CA GLY C 158 34.14 -12.37 -25.18
C GLY C 158 33.02 -13.31 -25.53
N VAL C 159 31.80 -12.81 -25.47
CA VAL C 159 30.68 -13.66 -25.72
C VAL C 159 29.45 -12.82 -26.01
N THR C 160 28.52 -13.42 -26.75
CA THR C 160 27.21 -12.86 -26.99
C THR C 160 26.16 -13.88 -26.55
N HIS C 161 25.10 -13.39 -25.89
CA HIS C 161 23.95 -14.22 -25.47
C HIS C 161 22.65 -13.61 -25.89
N ASN C 162 21.69 -14.43 -26.28
CA ASN C 162 20.28 -14.00 -26.29
C ASN C 162 19.68 -14.59 -25.05
N VAL C 163 19.13 -13.74 -24.21
CA VAL C 163 18.64 -14.21 -22.96
C VAL C 163 17.22 -13.74 -22.81
N PRO C 164 16.29 -14.67 -22.99
CA PRO C 164 14.91 -14.35 -22.69
C PRO C 164 14.69 -14.43 -21.21
N ILE C 165 13.93 -13.46 -20.74
CA ILE C 165 13.66 -13.32 -19.35
C ILE C 165 12.18 -13.00 -19.22
N TYR C 166 11.47 -13.75 -18.40
CA TYR C 166 10.08 -13.48 -18.16
C TYR C 166 9.99 -13.34 -16.66
N GLU C 167 9.45 -12.25 -16.18
CA GLU C 167 9.29 -12.00 -14.74
C GLU C 167 10.59 -12.06 -13.95
N GLY C 168 11.72 -11.79 -14.58
CA GLY C 168 12.96 -11.80 -13.81
C GLY C 168 13.53 -13.19 -13.77
N TYR C 169 12.90 -14.08 -14.52
CA TYR C 169 13.47 -15.39 -14.67
C TYR C 169 14.05 -15.52 -16.08
N ALA C 170 15.36 -15.72 -16.11
CA ALA C 170 15.95 -16.11 -17.36
C ALA C 170 15.45 -17.50 -17.80
N LEU C 171 15.28 -17.66 -19.11
CA LEU C 171 14.71 -18.89 -19.64
C LEU C 171 15.78 -19.77 -20.25
N PRO C 172 16.30 -20.69 -19.45
CA PRO C 172 17.58 -21.19 -19.84
C PRO C 172 17.51 -22.04 -21.09
N HIS C 173 16.37 -22.67 -21.34
CA HIS C 173 16.31 -23.57 -22.47
C HIS C 173 16.27 -22.84 -23.78
N ALA C 174 16.12 -21.53 -23.68
CA ALA C 174 16.03 -20.70 -24.88
C ALA C 174 17.23 -19.76 -25.01
N ILE C 175 18.10 -19.77 -24.02
CA ILE C 175 19.28 -18.95 -24.07
C ILE C 175 20.17 -19.33 -25.25
N MET C 176 20.59 -18.35 -26.04
CA MET C 176 21.56 -18.61 -27.11
C MET C 176 22.92 -18.01 -26.74
N ARG C 177 23.99 -18.77 -26.95
CA ARG C 177 25.35 -18.25 -26.75
C ARG C 177 26.10 -18.30 -28.07
N LEU C 178 26.86 -17.26 -28.34
CA LEU C 178 27.64 -17.16 -29.55
C LEU C 178 29.00 -16.68 -29.16
N ASP C 179 30.01 -17.45 -29.52
CA ASP C 179 31.34 -17.07 -29.07
C ASP C 179 31.91 -15.82 -29.72
N LEU C 180 31.30 -15.40 -30.82
CA LEU C 180 31.64 -14.12 -31.48
C LEU C 180 31.20 -12.91 -30.65
N ALA C 181 32.14 -12.00 -30.39
CA ALA C 181 31.91 -10.71 -29.67
C ALA C 181 32.94 -9.60 -29.99
N GLY C 182 33.11 -8.64 -29.08
CA GLY C 182 33.98 -7.47 -29.33
C GLY C 182 35.42 -7.73 -29.80
N ARG C 183 36.11 -8.61 -29.11
CA ARG C 183 37.50 -8.86 -29.41
C ARG C 183 37.65 -9.38 -30.81
N ASP C 184 36.69 -10.19 -31.23
CA ASP C 184 36.73 -10.84 -32.52
C ASP C 184 36.56 -9.81 -33.58
N LEU C 185 35.73 -8.81 -33.27
CA LEU C 185 35.50 -7.71 -34.18
C LEU C 185 36.77 -6.86 -34.35
N THR C 186 37.45 -6.57 -33.24
CA THR C 186 38.76 -5.88 -33.27
C THR C 186 39.79 -6.62 -34.17
N ASP C 187 39.92 -7.93 -33.92
CA ASP C 187 40.87 -8.76 -34.65
C ASP C 187 40.56 -8.80 -36.13
N TYR C 188 39.29 -8.90 -36.47
CA TYR C 188 38.89 -8.86 -37.87
C TYR C 188 39.18 -7.51 -38.49
N LEU C 189 38.96 -6.43 -37.75
CA LEU C 189 39.27 -5.09 -38.29
C LEU C 189 40.76 -4.97 -38.59
N MET C 190 41.61 -5.48 -37.70
CA MET C 190 43.05 -5.54 -37.99
C MET C 190 43.36 -6.31 -39.26
N LYS C 191 42.58 -7.35 -39.56
CA LYS C 191 42.82 -8.15 -40.76
C LYS C 191 42.36 -7.43 -42.02
N ILE C 192 41.20 -6.79 -41.95
CA ILE C 192 40.73 -6.02 -43.10
C ILE C 192 41.50 -4.70 -43.28
N LEU C 193 42.13 -4.20 -42.21
CA LEU C 193 43.06 -3.06 -42.32
C LEU C 193 44.34 -3.44 -43.06
N THR C 194 44.66 -4.72 -43.02
CA THR C 194 45.70 -5.32 -43.81
C THR C 194 45.47 -5.10 -45.30
N GLU C 195 44.20 -4.97 -45.70
CA GLU C 195 43.82 -4.72 -47.10
C GLU C 195 44.34 -3.40 -47.63
N ARG C 196 44.11 -2.32 -46.88
CA ARG C 196 44.70 -1.05 -47.27
C ARG C 196 46.20 -1.06 -47.00
N GLY C 197 46.69 -2.18 -46.44
CA GLY C 197 48.13 -2.38 -46.23
C GLY C 197 48.70 -1.68 -45.02
N TYR C 198 47.82 -1.31 -44.10
CA TYR C 198 48.24 -0.80 -42.80
C TYR C 198 48.58 -1.99 -41.92
N SER C 199 49.74 -1.85 -41.28
CA SER C 199 50.34 -2.89 -40.42
C SER C 199 50.08 -2.63 -38.93
N PHE C 200 49.28 -3.49 -38.31
CA PHE C 200 49.07 -3.46 -36.86
C PHE C 200 49.27 -4.87 -36.30
N VAL C 201 50.18 -5.03 -35.34
CA VAL C 201 50.32 -6.29 -34.56
C VAL C 201 50.45 -6.10 -33.02
N THR C 202 51.44 -5.30 -32.59
CA THR C 202 51.83 -5.16 -31.16
C THR C 202 50.74 -4.69 -30.20
N THR C 203 51.09 -4.77 -28.91
CA THR C 203 50.28 -4.25 -27.78
C THR C 203 49.65 -2.92 -28.16
N ALA C 204 50.55 -1.97 -28.45
CA ALA C 204 50.25 -0.60 -28.77
C ALA C 204 49.34 -0.53 -30.00
N GLU C 205 49.74 -1.26 -31.04
CA GLU C 205 49.03 -1.25 -32.32
C GLU C 205 47.58 -1.73 -32.23
N ARG C 206 47.34 -2.84 -31.53
CA ARG C 206 45.96 -3.30 -31.38
C ARG C 206 45.06 -2.26 -30.73
N GLU C 207 45.58 -1.56 -29.72
CA GLU C 207 44.80 -0.54 -28.98
C GLU C 207 44.27 0.53 -29.91
N ILE C 208 45.10 0.88 -30.87
CA ILE C 208 44.72 1.87 -31.85
C ILE C 208 43.55 1.35 -32.67
N VAL C 209 43.66 0.11 -33.17
CA VAL C 209 42.61 -0.47 -34.01
C VAL C 209 41.28 -0.49 -33.27
N ARG C 210 41.35 -0.85 -32.00
CA ARG C 210 40.15 -0.92 -31.17
C ARG C 210 39.50 0.44 -31.03
N ASP C 211 40.33 1.47 -30.86
CA ASP C 211 39.81 2.84 -30.79
C ASP C 211 39.13 3.24 -32.10
N ILE C 212 39.75 2.88 -33.22
CA ILE C 212 39.19 3.13 -34.54
C ILE C 212 37.79 2.50 -34.66
N LYS C 213 37.71 1.23 -34.29
CA LYS C 213 36.45 0.49 -34.25
C LYS C 213 35.37 1.30 -33.51
N GLU C 214 35.68 1.67 -32.27
CA GLU C 214 34.72 2.31 -31.37
C GLU C 214 34.29 3.70 -31.81
N LYS C 215 35.18 4.38 -32.53
CA LYS C 215 34.96 5.78 -32.97
C LYS C 215 34.35 5.93 -34.34
N LEU C 216 34.60 4.97 -35.23
CA LEU C 216 34.24 5.14 -36.64
C LEU C 216 33.26 4.12 -37.23
N CYS C 217 33.16 2.96 -36.60
CA CYS C 217 32.34 1.89 -37.14
C CYS C 217 30.87 2.11 -36.81
N TYR C 218 30.00 1.66 -37.70
CA TYR C 218 28.55 1.78 -37.54
C TYR C 218 27.92 0.59 -38.29
N VAL C 219 26.63 0.39 -38.08
CA VAL C 219 25.95 -0.68 -38.76
C VAL C 219 25.15 -0.19 -39.96
N ALA C 220 25.49 -0.74 -41.12
CA ALA C 220 24.80 -0.48 -42.38
C ALA C 220 23.40 -1.02 -42.31
N LEU C 221 22.44 -0.23 -42.75
CA LEU C 221 21.05 -0.63 -42.70
C LEU C 221 20.79 -1.69 -43.75
N ASP C 222 21.36 -1.48 -44.94
CA ASP C 222 21.42 -2.52 -45.96
C ASP C 222 22.88 -2.62 -46.34
N PHE C 223 23.51 -3.70 -45.88
CA PHE C 223 24.91 -3.96 -46.15
C PHE C 223 25.27 -4.02 -47.64
N GLU C 224 24.54 -4.80 -48.43
CA GLU C 224 24.83 -4.97 -49.88
C GLU C 224 24.60 -3.67 -50.68
N ASN C 225 23.61 -2.90 -50.28
CA ASN C 225 23.41 -1.56 -50.79
C ASN C 225 24.57 -0.60 -50.43
N GLU C 226 25.02 -0.68 -49.17
CA GLU C 226 26.15 0.10 -48.67
C GLU C 226 27.45 -0.28 -49.36
N MET C 227 27.61 -1.57 -49.68
CA MET C 227 28.75 -2.08 -50.46
C MET C 227 28.69 -1.66 -51.92
N ALA C 228 27.54 -1.79 -52.58
CA ALA C 228 27.39 -1.29 -53.96
C ALA C 228 27.58 0.24 -54.06
N THR C 229 27.37 0.92 -52.93
CA THR C 229 27.56 2.38 -52.78
C THR C 229 28.99 2.79 -52.38
N ALA C 230 29.66 1.95 -51.60
CA ALA C 230 31.03 2.22 -51.14
C ALA C 230 31.92 2.08 -52.36
N ALA C 231 31.59 1.07 -53.16
CA ALA C 231 32.23 0.81 -54.45
C ALA C 231 31.96 1.96 -55.41
N SER C 232 31.24 2.97 -54.92
CA SER C 232 30.90 4.16 -55.70
C SER C 232 31.47 5.42 -55.01
N SER C 233 30.63 6.09 -54.22
CA SER C 233 30.88 7.46 -53.79
C SER C 233 31.94 7.61 -52.69
N SER C 234 31.74 8.66 -51.90
CA SER C 234 32.27 8.68 -50.56
C SER C 234 31.91 9.93 -49.82
N SER C 235 30.87 9.80 -49.02
CA SER C 235 30.80 10.48 -47.75
C SER C 235 31.34 9.40 -46.80
N LEU C 236 31.67 8.26 -47.41
CA LEU C 236 32.02 7.03 -46.71
C LEU C 236 33.32 7.14 -45.92
N GLU C 237 34.36 7.58 -46.61
CA GLU C 237 35.73 7.49 -46.10
C GLU C 237 35.98 8.55 -45.03
N LYS C 238 36.70 8.15 -43.99
CA LYS C 238 36.98 9.03 -42.86
C LYS C 238 38.46 8.95 -42.50
N SER C 239 38.98 9.98 -41.84
CA SER C 239 40.38 9.99 -41.42
C SER C 239 40.55 9.76 -39.93
N TYR C 240 41.76 9.40 -39.51
CA TYR C 240 42.07 9.16 -38.10
C TYR C 240 43.56 9.44 -37.85
N GLU C 241 43.85 10.16 -36.78
CA GLU C 241 45.22 10.51 -36.49
C GLU C 241 45.90 9.52 -35.53
N LEU C 242 47.02 8.98 -35.94
CA LEU C 242 47.86 8.11 -35.08
C LEU C 242 48.66 8.93 -34.04
N PRO C 243 49.18 8.27 -32.98
CA PRO C 243 49.88 9.02 -31.92
C PRO C 243 51.09 9.82 -32.39
N ASP C 244 51.83 9.27 -33.35
CA ASP C 244 53.03 9.93 -33.86
C ASP C 244 52.75 11.10 -34.80
N GLY C 245 51.47 11.34 -35.10
CA GLY C 245 51.06 12.43 -35.97
C GLY C 245 50.55 12.00 -37.33
N GLN C 246 50.87 10.77 -37.75
CA GLN C 246 50.48 10.25 -39.07
C GLN C 246 48.97 10.14 -39.20
N VAL C 247 48.42 10.45 -40.38
CA VAL C 247 46.96 10.32 -40.61
C VAL C 247 46.61 9.22 -41.60
N ILE C 248 45.60 8.44 -41.25
CA ILE C 248 45.14 7.29 -42.03
C ILE C 248 43.70 7.50 -42.53
N THR C 249 43.28 6.72 -43.53
CA THR C 249 41.92 6.77 -44.08
C THR C 249 41.23 5.39 -44.17
N ILE C 250 39.95 5.35 -43.80
CA ILE C 250 39.15 4.11 -43.71
C ILE C 250 37.85 4.25 -44.51
N GLY C 251 37.44 3.15 -45.17
CA GLY C 251 36.22 3.12 -45.98
C GLY C 251 35.16 2.11 -45.57
N ASN C 252 34.93 1.11 -46.42
CA ASN C 252 33.87 0.14 -46.17
C ASN C 252 34.09 -0.74 -44.92
N GLU C 253 35.34 -0.75 -44.44
CA GLU C 253 35.71 -1.41 -43.18
C GLU C 253 34.84 -0.92 -41.99
N ARG C 254 34.32 0.30 -42.09
CA ARG C 254 33.46 0.92 -41.06
C ARG C 254 32.20 0.11 -40.74
N PHE C 255 31.57 -0.47 -41.77
CA PHE C 255 30.34 -1.23 -41.60
C PHE C 255 30.52 -2.72 -41.86
N ARG C 256 31.61 -3.08 -42.54
CA ARG C 256 31.99 -4.49 -42.78
C ARG C 256 32.41 -5.20 -41.49
N CYS C 257 33.09 -4.46 -40.61
CA CYS C 257 33.53 -5.00 -39.33
C CYS C 257 32.34 -5.48 -38.52
N PRO C 258 31.39 -4.57 -38.16
CA PRO C 258 30.25 -5.09 -37.39
C PRO C 258 29.28 -5.98 -38.21
N GLU C 259 29.36 -5.97 -39.53
CA GLU C 259 28.54 -6.85 -40.33
C GLU C 259 28.75 -8.32 -39.96
N THR C 260 29.94 -8.62 -39.46
CA THR C 260 30.31 -9.96 -38.95
C THR C 260 29.27 -10.53 -37.97
N LEU C 261 28.64 -9.64 -37.20
CA LEU C 261 27.63 -10.05 -36.24
C LEU C 261 26.37 -10.58 -36.93
N PHE C 262 26.09 -10.09 -38.12
CA PHE C 262 25.00 -10.64 -38.89
C PHE C 262 25.46 -11.74 -39.86
N GLN C 263 26.76 -11.76 -40.19
CA GLN C 263 27.35 -12.78 -41.06
C GLN C 263 28.63 -13.35 -40.50
N PRO C 264 28.53 -14.27 -39.53
CA PRO C 264 29.71 -14.79 -38.81
C PRO C 264 30.66 -15.55 -39.70
N SER C 265 30.18 -15.96 -40.88
CA SER C 265 31.03 -16.51 -41.90
C SER C 265 32.24 -15.58 -42.18
N PHE C 266 32.09 -14.27 -41.91
CA PHE C 266 33.17 -13.26 -42.08
C PHE C 266 34.47 -13.55 -41.32
N ILE C 267 34.40 -14.16 -40.15
CA ILE C 267 35.62 -14.66 -39.51
C ILE C 267 35.72 -16.18 -39.57
N GLY C 268 35.01 -16.76 -40.52
CA GLY C 268 35.04 -18.19 -40.75
C GLY C 268 34.22 -18.96 -39.73
N MET C 269 33.29 -18.28 -39.07
CA MET C 269 32.43 -18.97 -38.12
C MET C 269 31.20 -19.48 -38.82
N GLU C 270 30.85 -20.70 -38.47
CA GLU C 270 29.77 -21.37 -39.14
C GLU C 270 28.42 -20.94 -38.58
N SER C 271 28.43 -20.38 -37.38
CA SER C 271 27.20 -19.98 -36.67
C SER C 271 26.26 -19.01 -37.43
N ALA C 272 24.98 -19.03 -37.03
CA ALA C 272 23.97 -18.08 -37.51
C ALA C 272 24.21 -16.69 -36.96
N GLY C 273 23.69 -15.70 -37.68
CA GLY C 273 23.76 -14.29 -37.28
C GLY C 273 22.88 -13.93 -36.11
N ILE C 274 23.13 -12.76 -35.51
CA ILE C 274 22.49 -12.38 -34.23
C ILE C 274 20.98 -12.20 -34.31
N HIS C 275 20.50 -11.83 -35.48
CA HIS C 275 19.08 -11.66 -35.70
C HIS C 275 18.42 -13.02 -35.66
N GLU C 276 19.11 -13.99 -36.27
CA GLU C 276 18.64 -15.36 -36.40
C GLU C 276 18.61 -16.05 -35.06
N THR C 277 19.68 -15.84 -34.28
CA THR C 277 19.76 -16.41 -32.95
C THR C 277 18.68 -15.79 -32.03
N THR C 278 18.41 -14.50 -32.20
CA THR C 278 17.37 -13.82 -31.43
C THR C 278 16.03 -14.48 -31.70
N TYR C 279 15.71 -14.60 -32.98
CA TYR C 279 14.49 -15.25 -33.41
C TYR C 279 14.37 -16.66 -32.83
N ASN C 280 15.42 -17.46 -33.01
CA ASN C 280 15.42 -18.83 -32.58
C ASN C 280 15.24 -18.93 -31.11
N SER C 281 15.84 -17.99 -30.40
CA SER C 281 15.69 -17.92 -28.96
C SER C 281 14.23 -17.69 -28.58
N ILE C 282 13.61 -16.69 -29.19
CA ILE C 282 12.19 -16.43 -28.92
C ILE C 282 11.35 -17.66 -29.22
N MET C 283 11.69 -18.32 -30.32
CA MET C 283 10.92 -19.46 -30.76
C MET C 283 11.16 -20.68 -29.86
N LYS C 284 12.18 -20.60 -29.02
CA LYS C 284 12.40 -21.64 -28.02
C LYS C 284 11.69 -21.28 -26.72
N CYS C 285 10.93 -20.19 -26.77
CA CYS C 285 10.12 -19.88 -25.63
C CYS C 285 8.72 -20.34 -25.83
N ASP C 286 8.05 -20.56 -24.72
CA ASP C 286 6.63 -20.75 -24.68
C ASP C 286 5.89 -19.73 -25.57
N ILE C 287 4.98 -20.23 -26.41
CA ILE C 287 4.35 -19.40 -27.42
C ILE C 287 3.55 -18.22 -26.85
N ASP C 288 3.00 -18.40 -25.65
CA ASP C 288 2.14 -17.40 -25.03
C ASP C 288 2.83 -16.08 -24.79
N ILE C 289 4.15 -16.11 -24.68
CA ILE C 289 4.87 -14.95 -24.20
C ILE C 289 5.67 -14.34 -25.29
N ARG C 290 5.63 -14.94 -26.46
CA ARG C 290 6.40 -14.43 -27.54
C ARG C 290 6.06 -13.01 -27.90
N LYS C 291 4.79 -12.64 -27.81
CA LYS C 291 4.38 -11.27 -28.11
C LYS C 291 5.14 -10.30 -27.23
N ASP C 292 5.29 -10.68 -25.98
CA ASP C 292 5.91 -9.81 -25.01
C ASP C 292 7.41 -9.74 -25.23
N LEU C 293 7.99 -10.78 -25.80
CA LEU C 293 9.40 -10.77 -26.08
C LEU C 293 9.69 -9.89 -27.27
N TYR C 294 8.88 -10.02 -28.30
CA TYR C 294 9.03 -9.22 -29.50
C TYR C 294 9.01 -7.75 -29.18
N ALA C 295 8.14 -7.40 -28.24
CA ALA C 295 7.88 -6.02 -27.86
C ALA C 295 8.92 -5.43 -26.89
N ASN C 296 9.89 -6.25 -26.49
CA ASN C 296 10.90 -5.88 -25.49
C ASN C 296 12.30 -6.46 -25.77
N ASN C 297 12.86 -6.16 -26.94
CA ASN C 297 14.22 -6.61 -27.25
C ASN C 297 15.28 -5.60 -26.82
N VAL C 298 15.88 -5.84 -25.65
CA VAL C 298 16.85 -4.94 -25.03
C VAL C 298 18.27 -5.34 -25.37
N MET C 299 19.10 -4.35 -25.70
CA MET C 299 20.52 -4.58 -25.95
C MET C 299 21.40 -4.00 -24.85
N SER C 300 22.49 -4.70 -24.57
CA SER C 300 23.45 -4.31 -23.54
C SER C 300 24.81 -4.86 -23.86
N GLY C 301 25.85 -4.27 -23.25
CA GLY C 301 27.23 -4.65 -23.58
C GLY C 301 27.88 -3.81 -24.67
N GLY C 302 29.20 -3.70 -24.60
CA GLY C 302 29.94 -2.75 -25.42
C GLY C 302 29.72 -2.97 -26.89
N THR C 303 29.51 -4.22 -27.27
CA THR C 303 29.47 -4.57 -28.67
C THR C 303 28.15 -4.14 -29.31
N THR C 304 27.22 -3.67 -28.50
CA THR C 304 25.95 -3.18 -29.05
C THR C 304 25.96 -1.65 -29.30
N MET C 305 27.13 -1.04 -29.16
CA MET C 305 27.26 0.42 -29.19
C MET C 305 27.34 1.07 -30.56
N TYR C 306 27.32 0.27 -31.63
CA TYR C 306 27.40 0.79 -33.00
C TYR C 306 26.15 1.60 -33.35
N PRO C 307 26.36 2.82 -33.85
CA PRO C 307 25.25 3.57 -34.38
C PRO C 307 24.52 2.76 -35.46
N GLY C 308 23.18 2.86 -35.43
CA GLY C 308 22.32 2.27 -36.47
C GLY C 308 21.93 0.83 -36.21
N ILE C 309 22.51 0.26 -35.17
CA ILE C 309 22.33 -1.16 -34.84
C ILE C 309 20.88 -1.41 -34.53
N ALA C 310 20.28 -0.43 -33.87
CA ALA C 310 18.88 -0.43 -33.46
C ALA C 310 17.99 -0.72 -34.66
N ASP C 311 18.17 0.13 -35.67
CA ASP C 311 17.33 0.08 -36.84
C ASP C 311 17.63 -1.14 -37.71
N ARG C 312 18.88 -1.59 -37.76
CA ARG C 312 19.20 -2.80 -38.51
C ARG C 312 18.55 -4.02 -37.88
N MET C 313 18.60 -4.09 -36.56
CA MET C 313 17.96 -5.20 -35.87
C MET C 313 16.46 -5.14 -36.08
N GLN C 314 15.90 -3.95 -35.90
CA GLN C 314 14.48 -3.74 -36.17
C GLN C 314 14.07 -4.37 -37.50
N LYS C 315 14.85 -4.08 -38.54
CA LYS C 315 14.64 -4.61 -39.89
C LYS C 315 14.71 -6.13 -39.94
N GLU C 316 15.77 -6.69 -39.36
CA GLU C 316 16.03 -8.13 -39.46
C GLU C 316 14.96 -8.94 -38.74
N ILE C 317 14.54 -8.41 -37.59
CA ILE C 317 13.52 -9.05 -36.79
C ILE C 317 12.16 -8.95 -37.50
N THR C 318 11.86 -7.78 -38.05
CA THR C 318 10.63 -7.63 -38.83
C THR C 318 10.55 -8.65 -39.97
N ALA C 319 11.68 -8.88 -40.64
CA ALA C 319 11.75 -9.85 -41.74
C ALA C 319 11.43 -11.31 -41.34
N LEU C 320 11.63 -11.65 -40.06
CA LEU C 320 11.43 -13.02 -39.57
C LEU C 320 10.12 -13.31 -38.81
N ALA C 321 9.54 -12.28 -38.20
CA ALA C 321 8.39 -12.48 -37.30
C ALA C 321 7.07 -12.54 -38.07
N PRO C 322 5.98 -13.04 -37.42
CA PRO C 322 4.61 -12.80 -37.91
C PRO C 322 4.47 -11.36 -38.36
N SER C 323 3.95 -11.14 -39.56
CA SER C 323 4.04 -9.84 -40.20
C SER C 323 3.35 -8.71 -39.42
N THR C 324 2.37 -9.07 -38.58
CA THR C 324 1.58 -8.09 -37.81
C THR C 324 2.06 -7.97 -36.36
N MET C 325 3.18 -8.62 -36.05
CA MET C 325 3.76 -8.60 -34.71
C MET C 325 4.33 -7.23 -34.26
N LYS C 326 4.08 -6.88 -33.00
CA LYS C 326 4.67 -5.71 -32.35
C LYS C 326 6.14 -5.93 -32.12
N ILE C 327 7.01 -5.17 -32.80
CA ILE C 327 8.46 -5.30 -32.66
C ILE C 327 9.12 -4.04 -32.08
N LYS C 328 9.82 -4.14 -30.94
CA LYS C 328 10.49 -2.94 -30.32
C LYS C 328 11.92 -3.28 -29.93
N ILE C 329 12.87 -2.47 -30.39
CA ILE C 329 14.26 -2.64 -29.98
C ILE C 329 14.59 -1.56 -28.98
N ILE C 330 15.03 -1.95 -27.79
CA ILE C 330 15.47 -1.00 -26.77
C ILE C 330 16.98 -0.98 -26.69
N ALA C 331 17.55 0.16 -27.03
CA ALA C 331 18.98 0.31 -27.04
C ALA C 331 19.29 1.57 -26.24
N PRO C 332 19.35 1.45 -24.90
CA PRO C 332 19.62 2.64 -24.08
C PRO C 332 21.02 3.16 -24.38
N PRO C 333 21.18 4.50 -24.40
CA PRO C 333 22.48 5.08 -24.73
C PRO C 333 23.60 4.60 -23.79
N GLU C 334 23.24 4.22 -22.58
CA GLU C 334 24.20 3.79 -21.59
C GLU C 334 24.45 2.30 -21.65
N ARG C 335 24.02 1.68 -22.75
CA ARG C 335 24.01 0.23 -22.78
C ARG C 335 25.40 -0.36 -22.69
N LYS C 336 26.40 0.49 -22.89
CA LYS C 336 27.77 0.15 -22.60
C LYS C 336 27.89 -0.38 -21.18
N TYR C 337 27.10 0.13 -20.24
CA TYR C 337 27.24 -0.28 -18.82
C TYR C 337 25.97 -0.75 -18.18
N SER C 338 25.05 -1.18 -19.04
CA SER C 338 23.72 -1.62 -18.64
C SER C 338 23.80 -2.59 -17.50
N VAL C 339 24.69 -3.57 -17.66
CA VAL C 339 24.79 -4.56 -16.65
C VAL C 339 25.04 -3.90 -15.31
N TRP C 340 26.09 -3.11 -15.28
CA TRP C 340 26.55 -2.63 -14.02
C TRP C 340 25.53 -1.76 -13.40
N ILE C 341 24.94 -0.90 -14.22
CA ILE C 341 24.02 0.05 -13.70
C ILE C 341 22.88 -0.67 -13.06
N GLY C 342 22.40 -1.70 -13.73
CA GLY C 342 21.42 -2.61 -13.19
C GLY C 342 21.81 -3.04 -11.79
N GLY C 343 23.04 -3.49 -11.64
CA GLY C 343 23.52 -3.83 -10.32
C GLY C 343 23.35 -2.70 -9.30
N SER C 344 23.72 -1.51 -9.73
CA SER C 344 23.77 -0.43 -8.80
C SER C 344 22.37 -0.15 -8.29
N ILE C 345 21.42 -0.11 -9.22
CA ILE C 345 20.04 0.19 -8.87
C ILE C 345 19.61 -0.87 -7.89
N LEU C 346 19.84 -2.13 -8.25
CA LEU C 346 19.33 -3.23 -7.47
C LEU C 346 19.89 -3.25 -6.06
N ALA C 347 21.19 -3.06 -5.94
CA ALA C 347 21.82 -3.12 -4.64
C ALA C 347 21.42 -1.93 -3.77
N SER C 348 20.88 -0.91 -4.43
CA SER C 348 20.39 0.27 -3.75
C SER C 348 19.02 0.13 -3.09
N LEU C 349 18.21 -0.83 -3.54
CA LEU C 349 16.78 -0.92 -3.14
C LEU C 349 16.58 -1.45 -1.74
N SER C 350 15.71 -0.80 -0.99
CA SER C 350 15.36 -1.25 0.34
C SER C 350 14.78 -2.66 0.28
N THR C 351 14.02 -2.93 -0.78
CA THR C 351 13.46 -4.26 -1.02
C THR C 351 14.50 -5.34 -1.23
N PHE C 352 15.65 -4.96 -1.71
CA PHE C 352 16.70 -5.90 -2.01
C PHE C 352 17.49 -6.29 -0.78
N GLN C 353 17.48 -5.45 0.24
CA GLN C 353 18.36 -5.65 1.39
C GLN C 353 18.17 -6.96 2.12
N GLN C 354 16.98 -7.48 2.07
CA GLN C 354 16.73 -8.77 2.64
C GLN C 354 17.42 -9.86 1.86
N MET C 355 17.85 -9.57 0.65
CA MET C 355 18.33 -10.61 -0.22
C MET C 355 19.82 -10.83 -0.23
N TRP C 356 20.54 -10.00 0.50
CA TRP C 356 21.96 -10.27 0.66
C TRP C 356 22.13 -11.56 1.36
N ILE C 357 23.14 -12.29 0.94
CA ILE C 357 23.59 -13.43 1.66
C ILE C 357 24.58 -12.95 2.70
N THR C 358 24.27 -13.18 3.96
CA THR C 358 25.11 -12.70 5.04
C THR C 358 26.14 -13.72 5.42
N LYS C 359 27.17 -13.23 6.11
CA LYS C 359 28.25 -14.07 6.59
C LYS C 359 27.68 -15.16 7.48
N GLN C 360 26.82 -14.78 8.41
CA GLN C 360 26.23 -15.76 9.28
C GLN C 360 25.48 -16.86 8.49
N GLU C 361 24.73 -16.45 7.47
CA GLU C 361 23.95 -17.39 6.65
C GLU C 361 24.90 -18.37 5.99
N TYR C 362 25.97 -17.83 5.42
CA TYR C 362 26.96 -18.64 4.77
C TYR C 362 27.53 -19.68 5.75
N ASP C 363 27.80 -19.25 6.97
CA ASP C 363 28.49 -20.11 7.90
C ASP C 363 27.66 -21.31 8.22
N GLU C 364 26.37 -21.10 8.37
CA GLU C 364 25.53 -22.18 8.80
C GLU C 364 25.01 -23.00 7.64
N ALA C 365 25.03 -22.43 6.44
CA ALA C 365 24.47 -23.12 5.28
C ALA C 365 25.48 -23.45 4.18
N GLY C 366 26.65 -22.80 4.23
CA GLY C 366 27.69 -23.02 3.25
C GLY C 366 27.32 -22.49 1.87
N PRO C 367 28.22 -22.66 0.89
CA PRO C 367 28.10 -21.97 -0.40
C PRO C 367 26.78 -22.18 -1.16
N SER C 368 26.12 -23.32 -0.96
CA SER C 368 24.91 -23.69 -1.73
C SER C 368 23.76 -22.72 -1.54
N ILE C 369 23.82 -21.99 -0.45
CA ILE C 369 22.80 -21.01 -0.12
C ILE C 369 22.63 -19.93 -1.18
N VAL C 370 23.67 -19.62 -1.96
CA VAL C 370 23.62 -18.53 -2.98
C VAL C 370 22.52 -18.69 -4.03
N HIS C 371 22.19 -19.94 -4.34
CA HIS C 371 21.19 -20.17 -5.36
C HIS C 371 19.82 -19.66 -4.93
N ARG C 372 19.53 -19.72 -3.63
CA ARG C 372 18.19 -19.35 -3.05
C ARG C 372 17.76 -17.85 -3.14
N LYS C 373 16.47 -17.53 -2.90
CA LYS C 373 15.85 -16.17 -3.04
C LYS C 373 15.67 -15.83 -4.52
N CYS C 374 15.50 -14.58 -4.96
CA CYS C 374 15.64 -14.37 -6.42
C CYS C 374 15.34 -13.15 -7.23
N PHE C 375 14.37 -12.37 -6.80
CA PHE C 375 13.89 -11.24 -7.55
C PHE C 375 14.62 -10.14 -6.82
N ASP D 3 -12.34 -4.14 32.02
CA ASP D 3 -11.92 -5.56 32.26
C ASP D 3 -11.47 -5.87 33.70
N GLU D 4 -11.92 -5.10 34.71
CA GLU D 4 -11.40 -5.25 36.11
C GLU D 4 -11.57 -6.66 36.73
N THR D 5 -12.75 -7.24 36.53
CA THR D 5 -13.05 -8.52 37.12
C THR D 5 -13.51 -9.55 36.10
N THR D 6 -13.36 -9.26 34.80
CA THR D 6 -13.81 -10.17 33.74
C THR D 6 -13.29 -11.57 33.95
N ALA D 7 -14.16 -12.54 33.71
CA ALA D 7 -13.78 -13.92 33.75
C ALA D 7 -12.77 -14.28 32.63
N LEU D 8 -11.87 -15.20 32.98
CA LEU D 8 -10.87 -15.73 32.07
C LEU D 8 -11.21 -17.15 31.64
N VAL D 9 -10.77 -17.53 30.45
CA VAL D 9 -11.01 -18.85 29.89
C VAL D 9 -9.68 -19.38 29.37
N CYS D 10 -9.25 -20.52 29.91
CA CYS D 10 -7.99 -21.19 29.54
C CYS D 10 -8.16 -22.67 29.09
N ASP D 11 -7.93 -22.93 27.81
CA ASP D 11 -8.15 -24.25 27.19
C ASP D 11 -6.81 -24.90 27.00
N ASN D 12 -6.54 -25.87 27.86
CA ASN D 12 -5.26 -26.52 27.89
C ASN D 12 -5.24 -27.79 27.00
N GLY D 13 -4.81 -27.63 25.76
CA GLY D 13 -4.69 -28.77 24.88
C GLY D 13 -3.30 -29.35 24.98
N SER D 14 -3.13 -30.52 24.38
CA SER D 14 -1.87 -31.21 24.42
C SER D 14 -0.81 -30.45 23.67
N GLY D 15 -1.25 -29.74 22.65
CA GLY D 15 -0.36 -29.00 21.77
C GLY D 15 -0.43 -27.49 21.95
N LEU D 16 -1.63 -26.95 22.04
CA LEU D 16 -1.77 -25.52 22.04
C LEU D 16 -2.58 -25.10 23.21
N VAL D 17 -2.09 -24.06 23.86
CA VAL D 17 -2.88 -23.37 24.87
C VAL D 17 -3.70 -22.29 24.18
N LYS D 18 -4.99 -22.31 24.45
CA LYS D 18 -5.89 -21.28 23.96
C LYS D 18 -6.39 -20.48 25.18
N ALA D 19 -6.14 -19.17 25.19
CA ALA D 19 -6.48 -18.31 26.34
C ALA D 19 -7.05 -16.94 25.94
N GLY D 20 -7.90 -16.39 26.81
CA GLY D 20 -8.54 -15.10 26.58
C GLY D 20 -9.53 -14.70 27.66
N PHE D 21 -10.39 -13.74 27.32
CA PHE D 21 -11.40 -13.21 28.26
C PHE D 21 -12.82 -13.54 27.83
N ALA D 22 -13.60 -13.97 28.80
CA ALA D 22 -14.95 -14.37 28.50
C ALA D 22 -15.66 -13.24 27.73
N GLY D 23 -16.45 -13.60 26.72
CA GLY D 23 -17.25 -12.64 25.98
C GLY D 23 -16.67 -12.28 24.62
N ASP D 24 -15.37 -12.53 24.45
CA ASP D 24 -14.73 -12.32 23.17
C ASP D 24 -15.18 -13.42 22.18
N ASP D 25 -15.12 -13.18 20.87
CA ASP D 25 -15.38 -14.26 19.85
C ASP D 25 -14.26 -15.23 19.77
N ALA D 26 -13.05 -14.77 20.12
CA ALA D 26 -11.80 -15.47 19.83
C ALA D 26 -10.85 -15.30 20.99
N PRO D 27 -9.98 -16.29 21.18
CA PRO D 27 -9.03 -16.17 22.27
C PRO D 27 -8.10 -15.01 22.03
N ARG D 28 -7.75 -14.35 23.11
CA ARG D 28 -6.75 -13.31 23.07
C ARG D 28 -5.37 -13.86 22.61
N ALA D 29 -5.02 -15.08 23.04
CA ALA D 29 -3.67 -15.67 22.81
C ALA D 29 -3.64 -17.19 22.50
N VAL D 30 -2.85 -17.59 21.49
CA VAL D 30 -2.68 -19.01 21.18
C VAL D 30 -1.23 -19.30 20.93
N PHE D 31 -0.71 -20.20 21.75
CA PHE D 31 0.68 -20.52 21.71
C PHE D 31 0.89 -21.99 22.01
N PRO D 32 2.05 -22.51 21.65
CA PRO D 32 2.41 -23.89 21.99
C PRO D 32 2.52 -24.20 23.49
N SER D 33 2.04 -25.38 23.87
CA SER D 33 2.03 -25.91 25.24
C SER D 33 3.35 -26.61 25.59
N ILE D 34 4.39 -25.81 25.80
CA ILE D 34 5.76 -26.32 26.08
C ILE D 34 6.51 -25.56 27.17
N VAL D 35 7.42 -26.25 27.86
CA VAL D 35 8.39 -25.63 28.80
C VAL D 35 9.84 -26.04 28.48
N GLY D 36 10.73 -25.06 28.32
CA GLY D 36 12.11 -25.34 27.93
C GLY D 36 13.20 -24.91 28.86
N ARG D 37 14.34 -25.59 28.74
CA ARG D 37 15.59 -25.33 29.48
C ARG D 37 16.78 -25.62 28.54
N PRO D 38 17.96 -25.02 28.77
CA PRO D 38 19.05 -25.02 27.76
C PRO D 38 19.50 -26.38 27.20
N ARG D 39 19.65 -26.46 25.88
CA ARG D 39 20.18 -27.66 25.22
C ARG D 39 21.69 -27.61 25.29
N SER D 52 13.57 -21.21 33.14
CA SER D 52 12.68 -21.89 32.21
C SER D 52 11.94 -20.94 31.24
N TYR D 53 11.70 -21.40 30.02
CA TYR D 53 10.97 -20.57 29.01
C TYR D 53 9.72 -21.25 28.50
N VAL D 54 8.72 -20.43 28.14
CA VAL D 54 7.34 -20.89 27.93
C VAL D 54 6.76 -20.42 26.61
N GLY D 55 6.11 -21.33 25.92
CA GLY D 55 5.49 -20.98 24.64
C GLY D 55 6.47 -20.61 23.53
N ASP D 56 6.13 -19.57 22.78
CA ASP D 56 6.93 -19.17 21.65
C ASP D 56 8.32 -18.76 22.08
N GLU D 57 8.43 -18.36 23.36
CA GLU D 57 9.72 -18.03 23.99
C GLU D 57 10.67 -19.21 23.85
N ALA D 58 10.12 -20.42 24.03
CA ALA D 58 10.94 -21.59 24.14
C ALA D 58 11.33 -22.08 22.75
N GLN D 59 10.51 -21.72 21.79
CA GLN D 59 10.73 -22.19 20.47
C GLN D 59 11.96 -21.49 19.89
N SER D 60 11.98 -20.16 19.99
CA SER D 60 13.14 -19.35 19.58
C SER D 60 14.45 -19.76 20.27
N ILE D 64 16.79 -23.32 21.03
CA ILE D 64 18.06 -23.16 21.75
C ILE D 64 18.05 -24.07 22.94
N LEU D 65 16.86 -24.63 23.15
CA LEU D 65 16.45 -25.21 24.42
C LEU D 65 16.06 -26.67 24.25
N THR D 66 15.98 -27.40 25.39
CA THR D 66 15.36 -28.75 25.47
C THR D 66 13.96 -28.62 26.13
N LEU D 67 12.95 -29.17 25.48
CA LEU D 67 11.56 -28.89 25.84
C LEU D 67 10.82 -30.06 26.49
N LYS D 68 9.79 -29.74 27.25
CA LYS D 68 8.80 -30.72 27.71
C LYS D 68 7.42 -30.27 27.27
N TYR D 69 6.56 -31.22 26.93
CA TYR D 69 5.14 -30.97 26.81
C TYR D 69 4.44 -31.46 28.08
N PRO D 70 3.96 -30.55 28.92
CA PRO D 70 3.41 -30.98 30.20
C PRO D 70 2.00 -31.55 30.06
N ILE D 71 1.42 -31.48 28.87
CA ILE D 71 0.17 -32.19 28.61
C ILE D 71 0.39 -33.27 27.57
N GLU D 72 0.10 -34.52 27.94
CA GLU D 72 0.15 -35.66 27.04
C GLU D 72 -1.27 -36.19 26.84
N HIS D 73 -1.67 -36.32 25.58
CA HIS D 73 -2.99 -36.86 25.25
C HIS D 73 -4.12 -36.19 26.02
N GLY D 74 -4.07 -34.87 26.18
CA GLY D 74 -5.16 -34.13 26.82
C GLY D 74 -5.10 -34.08 28.33
N ILE D 75 -4.26 -34.93 28.92
CA ILE D 75 -4.12 -35.04 30.38
C ILE D 75 -2.84 -34.34 30.87
N ILE D 76 -2.96 -33.55 31.94
CA ILE D 76 -1.78 -32.91 32.52
C ILE D 76 -0.92 -33.96 33.15
N THR D 77 0.35 -33.96 32.79
CA THR D 77 1.27 -34.94 33.33
C THR D 77 2.50 -34.34 34.04
N ASN D 78 2.83 -33.08 33.77
CA ASN D 78 3.91 -32.42 34.50
C ASN D 78 3.41 -31.18 35.19
N TRP D 79 3.25 -31.32 36.49
CA TRP D 79 2.54 -30.36 37.30
C TRP D 79 3.30 -29.10 37.58
N ASP D 80 4.59 -29.24 37.86
CA ASP D 80 5.47 -28.09 38.07
C ASP D 80 5.52 -27.25 36.81
N ASP D 81 5.67 -27.93 35.66
CA ASP D 81 5.77 -27.25 34.38
C ASP D 81 4.43 -26.67 33.92
N MET D 82 3.35 -27.38 34.24
CA MET D 82 2.02 -26.86 33.95
C MET D 82 1.79 -25.51 34.66
N GLU D 83 2.25 -25.42 35.91
CA GLU D 83 2.14 -24.17 36.66
C GLU D 83 2.85 -23.02 35.96
N LYS D 84 3.99 -23.34 35.38
CA LYS D 84 4.74 -22.35 34.66
C LYS D 84 3.96 -21.93 33.42
N ILE D 85 3.26 -22.88 32.78
CA ILE D 85 2.33 -22.57 31.66
C ILE D 85 1.27 -21.54 32.07
N TRP D 86 0.64 -21.77 33.22
CA TRP D 86 -0.38 -20.84 33.69
C TRP D 86 0.17 -19.50 34.08
N HIS D 87 1.29 -19.49 34.77
CA HIS D 87 1.93 -18.22 35.11
C HIS D 87 2.22 -17.39 33.88
N HIS D 88 2.78 -18.01 32.84
CA HIS D 88 3.03 -17.32 31.57
C HIS D 88 1.75 -16.78 30.98
N THR D 89 0.70 -17.56 31.08
CA THR D 89 -0.60 -17.17 30.55
C THR D 89 -1.03 -15.86 31.20
N PHE D 90 -0.96 -15.80 32.52
CA PHE D 90 -1.45 -14.64 33.27
C PHE D 90 -0.57 -13.43 33.07
N TYR D 91 0.73 -13.61 33.25
CA TYR D 91 1.60 -12.46 33.37
C TYR D 91 2.29 -12.04 32.07
N ASN D 92 2.45 -12.96 31.13
CA ASN D 92 3.18 -12.66 29.90
C ASN D 92 2.24 -12.54 28.72
N GLU D 93 1.25 -13.42 28.67
CA GLU D 93 0.32 -13.48 27.54
C GLU D 93 -0.85 -12.55 27.76
N LEU D 94 -1.65 -12.79 28.80
CA LEU D 94 -2.84 -11.97 28.99
C LEU D 94 -2.53 -10.69 29.72
N ARG D 95 -1.47 -10.75 30.53
CA ARG D 95 -1.04 -9.65 31.38
C ARG D 95 -2.16 -9.20 32.35
N VAL D 96 -2.41 -10.00 33.41
CA VAL D 96 -3.41 -9.72 34.48
C VAL D 96 -2.99 -10.09 35.92
N ALA D 97 -3.74 -9.54 36.87
CA ALA D 97 -3.72 -9.95 38.28
C ALA D 97 -4.71 -11.08 38.49
N PRO D 98 -4.23 -12.30 38.70
CA PRO D 98 -5.13 -13.46 38.85
C PRO D 98 -6.14 -13.31 39.97
N GLU D 99 -5.77 -12.60 41.03
CA GLU D 99 -6.64 -12.39 42.18
C GLU D 99 -7.85 -11.59 41.78
N GLU D 100 -7.77 -10.89 40.65
CA GLU D 100 -8.89 -10.05 40.26
C GLU D 100 -9.90 -10.79 39.40
N HIS D 101 -9.56 -12.02 39.00
CA HIS D 101 -10.31 -12.70 37.94
C HIS D 101 -10.73 -14.12 38.20
N PRO D 102 -12.06 -14.37 38.16
CA PRO D 102 -12.56 -15.73 38.11
C PRO D 102 -12.06 -16.36 36.84
N THR D 103 -11.65 -17.63 36.94
CA THR D 103 -10.99 -18.32 35.84
C THR D 103 -11.64 -19.67 35.51
N LEU D 104 -12.07 -19.84 34.26
CA LEU D 104 -12.55 -21.13 33.74
C LEU D 104 -11.43 -21.91 33.06
N LEU D 105 -11.27 -23.17 33.43
CA LEU D 105 -10.32 -24.08 32.76
C LEU D 105 -11.05 -25.18 31.98
N THR D 106 -10.38 -25.75 30.98
CA THR D 106 -10.86 -26.98 30.30
C THR D 106 -9.96 -28.16 30.60
N GLU D 107 -10.54 -29.33 30.47
CA GLU D 107 -9.87 -30.57 30.78
C GLU D 107 -10.40 -31.59 29.81
N ALA D 108 -9.69 -32.69 29.72
CA ALA D 108 -10.11 -33.76 28.84
C ALA D 108 -11.23 -34.59 29.50
N PRO D 109 -12.09 -35.22 28.66
CA PRO D 109 -13.01 -36.26 29.14
C PRO D 109 -12.29 -37.27 29.99
N LEU D 110 -12.94 -37.74 31.06
CA LEU D 110 -12.40 -38.80 31.91
C LEU D 110 -11.08 -38.41 32.59
N ASN D 111 -10.88 -37.11 32.80
CA ASN D 111 -9.79 -36.67 33.62
C ASN D 111 -9.97 -37.29 34.99
N PRO D 112 -8.96 -38.02 35.51
CA PRO D 112 -9.15 -38.64 36.84
C PRO D 112 -9.40 -37.61 37.92
N LYS D 113 -10.12 -38.06 38.93
CA LYS D 113 -10.58 -37.19 39.98
C LYS D 113 -9.43 -36.43 40.67
N ALA D 114 -8.31 -37.13 40.92
CA ALA D 114 -7.12 -36.53 41.55
C ALA D 114 -6.58 -35.30 40.80
N ASN D 115 -6.63 -35.37 39.46
CA ASN D 115 -6.18 -34.27 38.60
C ASN D 115 -7.06 -33.06 38.76
N ARG D 116 -8.37 -33.29 38.84
CA ARG D 116 -9.35 -32.22 39.01
C ARG D 116 -9.09 -31.48 40.30
N GLU D 117 -8.83 -32.24 41.34
CA GLU D 117 -8.61 -31.66 42.64
C GLU D 117 -7.30 -30.86 42.68
N LYS D 118 -6.25 -31.45 42.13
CA LYS D 118 -4.94 -30.83 42.11
C LYS D 118 -4.97 -29.48 41.38
N MET D 119 -5.62 -29.50 40.23
CA MET D 119 -5.80 -28.33 39.36
C MET D 119 -6.55 -27.20 40.09
N THR D 120 -7.59 -27.59 40.82
CA THR D 120 -8.39 -26.66 41.59
C THR D 120 -7.52 -25.99 42.64
N GLN D 121 -6.79 -26.82 43.37
CA GLN D 121 -5.96 -26.41 44.48
C GLN D 121 -4.92 -25.37 44.04
N ILE D 122 -4.29 -25.64 42.92
CA ILE D 122 -3.26 -24.74 42.45
C ILE D 122 -3.84 -23.37 42.04
N MET D 123 -5.00 -23.37 41.40
CA MET D 123 -5.68 -22.12 41.02
C MET D 123 -5.94 -21.21 42.22
N PHE D 124 -6.51 -21.81 43.26
CA PHE D 124 -6.84 -21.08 44.46
C PHE D 124 -5.65 -20.77 45.36
N GLU D 125 -4.74 -21.73 45.51
CA GLU D 125 -3.64 -21.59 46.46
C GLU D 125 -2.38 -20.91 45.95
N THR D 126 -2.01 -21.21 44.70
CA THR D 126 -0.84 -20.58 44.09
C THR D 126 -1.18 -19.23 43.47
N PHE D 127 -2.29 -19.14 42.76
CA PHE D 127 -2.62 -17.92 42.03
C PHE D 127 -3.65 -17.03 42.71
N ASN D 128 -4.22 -17.54 43.81
CA ASN D 128 -5.14 -16.76 44.65
C ASN D 128 -6.28 -16.17 43.85
N VAL D 129 -6.75 -16.97 42.89
CA VAL D 129 -7.91 -16.58 42.13
C VAL D 129 -9.08 -16.44 43.08
N PRO D 130 -9.95 -15.49 42.78
CA PRO D 130 -11.12 -15.29 43.60
C PRO D 130 -12.16 -16.37 43.35
N ALA D 131 -12.19 -16.92 42.14
CA ALA D 131 -13.16 -17.95 41.76
C ALA D 131 -12.65 -18.75 40.57
N MET D 132 -13.18 -19.96 40.42
CA MET D 132 -12.84 -20.81 39.26
C MET D 132 -13.92 -21.87 38.92
N TYR D 133 -13.76 -22.52 37.76
CA TYR D 133 -14.63 -23.63 37.29
C TYR D 133 -13.84 -24.52 36.30
N VAL D 134 -14.11 -25.82 36.30
CA VAL D 134 -13.45 -26.72 35.33
C VAL D 134 -14.44 -27.45 34.42
N ALA D 135 -14.27 -27.25 33.13
CA ALA D 135 -15.18 -27.82 32.12
C ALA D 135 -14.54 -28.81 31.14
N ILE D 136 -15.38 -29.66 30.59
CA ILE D 136 -14.92 -30.62 29.63
C ILE D 136 -14.80 -30.00 28.26
N GLN D 137 -13.62 -30.20 27.66
CA GLN D 137 -13.25 -29.74 26.32
C GLN D 137 -14.41 -29.93 25.34
N ALA D 138 -14.78 -31.18 25.13
CA ALA D 138 -15.96 -31.54 24.32
C ALA D 138 -17.29 -30.83 24.68
N VAL D 139 -17.61 -30.66 25.95
CA VAL D 139 -18.94 -30.13 26.26
C VAL D 139 -18.99 -28.67 25.82
N LEU D 140 -17.87 -27.99 26.00
CA LEU D 140 -17.83 -26.58 25.67
C LEU D 140 -18.00 -26.38 24.20
N SER D 141 -17.39 -27.28 23.42
CA SER D 141 -17.49 -27.26 21.96
C SER D 141 -18.96 -27.36 21.58
N LEU D 142 -19.65 -28.31 22.24
CA LEU D 142 -21.08 -28.55 22.04
C LEU D 142 -21.84 -27.28 22.33
N TYR D 143 -21.57 -26.70 23.49
CA TYR D 143 -22.25 -25.51 23.88
C TYR D 143 -22.12 -24.45 22.81
N ALA D 144 -20.91 -24.26 22.29
CA ALA D 144 -20.68 -23.20 21.32
C ALA D 144 -21.50 -23.39 20.03
N SER D 145 -21.88 -24.63 19.76
CA SER D 145 -22.62 -24.94 18.55
C SER D 145 -24.09 -24.68 18.77
N GLY D 146 -24.45 -24.38 20.02
CA GLY D 146 -25.84 -24.14 20.40
C GLY D 146 -26.58 -25.41 20.79
N ARG D 147 -25.84 -26.35 21.38
CA ARG D 147 -26.38 -27.64 21.84
C ARG D 147 -26.04 -27.87 23.32
N THR D 148 -26.90 -28.65 24.01
CA THR D 148 -26.55 -29.32 25.28
C THR D 148 -26.66 -30.83 25.14
N THR D 149 -27.27 -31.30 24.06
CA THR D 149 -27.35 -32.72 23.77
C THR D 149 -26.72 -33.07 22.39
N GLY D 150 -25.73 -33.96 22.38
CA GLY D 150 -25.14 -34.44 21.13
C GLY D 150 -23.94 -35.34 21.41
N ILE D 151 -23.25 -35.75 20.35
CA ILE D 151 -22.00 -36.46 20.48
C ILE D 151 -20.91 -35.69 19.73
N VAL D 152 -19.85 -35.40 20.47
CA VAL D 152 -18.77 -34.61 19.92
C VAL D 152 -17.64 -35.53 19.52
N LEU D 153 -17.03 -35.24 18.38
CA LEU D 153 -15.75 -35.82 18.05
C LEU D 153 -14.70 -34.74 18.24
N ASP D 154 -13.85 -34.87 19.27
CA ASP D 154 -12.80 -33.86 19.57
C ASP D 154 -11.43 -34.38 19.23
N SER D 155 -10.79 -33.76 18.25
CA SER D 155 -9.52 -34.27 17.77
C SER D 155 -8.53 -33.13 17.67
N GLY D 156 -7.59 -33.09 18.60
CA GLY D 156 -6.61 -32.05 18.58
C GLY D 156 -5.29 -32.55 18.09
N ASP D 157 -4.28 -32.20 18.86
CA ASP D 157 -2.94 -32.52 18.48
C ASP D 157 -2.48 -33.86 19.04
N GLY D 158 -2.96 -34.20 20.24
CA GLY D 158 -2.43 -35.34 20.96
C GLY D 158 -3.39 -36.49 21.21
N VAL D 159 -4.67 -36.21 21.02
CA VAL D 159 -5.72 -37.16 21.36
C VAL D 159 -7.05 -36.88 20.65
N THR D 160 -7.83 -37.94 20.47
CA THR D 160 -9.13 -37.90 19.83
C THR D 160 -10.17 -38.64 20.68
N HIS D 161 -11.36 -38.04 20.85
CA HIS D 161 -12.46 -38.59 21.65
C HIS D 161 -13.75 -38.51 20.95
N ASN D 162 -14.59 -39.52 21.15
CA ASN D 162 -16.00 -39.36 20.95
C ASN D 162 -16.54 -39.12 22.33
N VAL D 163 -17.30 -38.04 22.49
CA VAL D 163 -17.97 -37.77 23.75
C VAL D 163 -19.49 -37.55 23.58
N PRO D 164 -20.28 -38.57 23.95
CA PRO D 164 -21.74 -38.41 23.93
C PRO D 164 -22.22 -37.63 25.14
N ILE D 165 -23.10 -36.65 24.92
CA ILE D 165 -23.41 -35.70 25.96
C ILE D 165 -24.88 -35.45 25.95
N TYR D 166 -25.50 -35.54 27.13
CA TYR D 166 -26.95 -35.34 27.29
C TYR D 166 -27.17 -34.20 28.26
N GLU D 167 -27.85 -33.16 27.80
CA GLU D 167 -28.10 -32.01 28.65
C GLU D 167 -26.84 -31.57 29.38
N GLY D 168 -25.70 -31.60 28.71
CA GLY D 168 -24.43 -31.15 29.26
C GLY D 168 -23.66 -32.21 30.04
N TYR D 169 -24.28 -33.37 30.24
CA TYR D 169 -23.63 -34.45 30.95
C TYR D 169 -22.98 -35.39 29.96
N ALA D 170 -21.66 -35.42 29.99
CA ALA D 170 -20.93 -36.46 29.29
C ALA D 170 -21.25 -37.84 29.91
N LEU D 171 -21.33 -38.86 29.08
CA LEU D 171 -21.64 -40.19 29.56
C LEU D 171 -20.40 -41.04 29.62
N PRO D 172 -19.68 -41.07 30.78
CA PRO D 172 -18.41 -41.81 30.92
C PRO D 172 -18.35 -43.26 30.36
N HIS D 173 -19.43 -44.01 30.56
CA HIS D 173 -19.52 -45.37 30.07
C HIS D 173 -19.49 -45.45 28.56
N ALA D 174 -19.81 -44.34 27.89
CA ALA D 174 -19.92 -44.33 26.43
C ALA D 174 -18.74 -43.65 25.73
N ILE D 175 -17.85 -43.05 26.50
CA ILE D 175 -16.75 -42.26 25.94
C ILE D 175 -15.71 -43.15 25.24
N MET D 176 -15.25 -42.70 24.05
CA MET D 176 -14.14 -43.33 23.31
C MET D 176 -12.94 -42.41 23.27
N ARG D 177 -11.75 -42.94 23.58
CA ARG D 177 -10.46 -42.25 23.47
C ARG D 177 -9.55 -42.97 22.49
N LEU D 178 -8.99 -42.21 21.58
CA LEU D 178 -8.12 -42.76 20.59
C LEU D 178 -6.83 -41.97 20.62
N ASP D 179 -5.70 -42.61 20.89
CA ASP D 179 -4.49 -41.80 20.99
C ASP D 179 -3.93 -41.24 19.65
N LEU D 180 -4.41 -41.73 18.52
CA LEU D 180 -4.10 -41.17 17.21
C LEU D 180 -4.66 -39.74 17.06
N ALA D 181 -3.81 -38.74 16.76
CA ALA D 181 -4.26 -37.36 16.51
C ALA D 181 -3.44 -36.59 15.47
N GLY D 182 -3.48 -35.26 15.57
CA GLY D 182 -2.86 -34.38 14.57
C GLY D 182 -1.38 -34.63 14.49
N ARG D 183 -0.73 -34.75 15.65
CA ARG D 183 0.71 -34.97 15.76
C ARG D 183 1.06 -36.17 14.91
N ASP D 184 0.21 -37.19 15.06
CA ASP D 184 0.45 -38.46 14.46
C ASP D 184 0.25 -38.35 13.00
N LEU D 185 -0.68 -37.51 12.59
CA LEU D 185 -0.88 -37.32 11.17
C LEU D 185 0.27 -36.62 10.52
N THR D 186 0.84 -35.65 11.22
CA THR D 186 2.04 -34.95 10.74
C THR D 186 3.18 -35.96 10.55
N ASP D 187 3.44 -36.74 11.59
CA ASP D 187 4.45 -37.77 11.53
C ASP D 187 4.28 -38.69 10.37
N TYR D 188 3.07 -39.19 10.16
CA TYR D 188 2.82 -40.11 9.07
C TYR D 188 3.01 -39.44 7.73
N LEU D 189 2.59 -38.18 7.62
CA LEU D 189 2.79 -37.50 6.36
C LEU D 189 4.28 -37.44 6.06
N MET D 190 5.07 -37.09 7.08
CA MET D 190 6.53 -37.07 6.91
C MET D 190 6.93 -38.42 6.30
N LYS D 191 6.37 -39.50 6.85
CA LYS D 191 6.82 -40.81 6.50
C LYS D 191 6.48 -41.02 5.03
N ILE D 192 5.25 -40.78 4.67
CA ILE D 192 4.90 -41.15 3.31
C ILE D 192 5.50 -40.20 2.28
N LEU D 193 5.92 -38.99 2.70
CA LEU D 193 6.50 -38.06 1.73
C LEU D 193 7.81 -38.63 1.18
N THR D 194 8.31 -39.56 1.96
CA THR D 194 9.48 -40.28 1.67
C THR D 194 9.43 -40.99 0.36
N GLU D 195 8.22 -41.26 -0.11
CA GLU D 195 8.05 -42.07 -1.28
C GLU D 195 8.42 -41.28 -2.52
N ARG D 196 8.21 -39.96 -2.50
CA ARG D 196 8.62 -39.13 -3.64
C ARG D 196 10.08 -38.85 -3.47
N GLY D 197 10.58 -39.41 -2.37
CA GLY D 197 11.97 -39.28 -1.97
C GLY D 197 12.36 -37.99 -1.28
N TYR D 198 11.42 -37.36 -0.58
CA TYR D 198 11.71 -36.15 0.19
C TYR D 198 12.01 -36.53 1.62
N SER D 199 13.16 -36.07 2.11
CA SER D 199 13.45 -36.19 3.55
C SER D 199 13.13 -34.99 4.35
N PHE D 200 12.25 -35.24 5.32
CA PHE D 200 11.89 -34.25 6.30
C PHE D 200 12.11 -34.90 7.60
N VAL D 201 12.97 -34.33 8.40
CA VAL D 201 13.48 -35.09 9.50
C VAL D 201 13.61 -34.23 10.72
N THR D 202 14.23 -33.04 10.55
CA THR D 202 14.55 -32.13 11.66
C THR D 202 13.29 -31.61 12.29
N THR D 203 13.43 -31.10 13.51
CA THR D 203 12.32 -30.46 14.20
C THR D 203 11.75 -29.37 13.32
N ALA D 204 12.62 -28.57 12.72
CA ALA D 204 12.18 -27.52 11.84
C ALA D 204 11.47 -28.07 10.61
N GLU D 205 11.88 -29.25 10.15
CA GLU D 205 11.27 -29.81 8.95
C GLU D 205 9.92 -30.33 9.32
N ARG D 206 9.79 -30.84 10.56
CA ARG D 206 8.52 -31.41 11.05
C ARG D 206 7.46 -30.32 11.00
N GLU D 207 7.83 -29.10 11.38
CA GLU D 207 7.03 -27.91 11.16
C GLU D 207 6.58 -27.71 9.74
N ILE D 208 7.46 -27.90 8.78
CA ILE D 208 7.11 -27.57 7.43
C ILE D 208 6.08 -28.53 6.97
N VAL D 209 6.29 -29.78 7.33
CA VAL D 209 5.38 -30.79 6.94
C VAL D 209 4.04 -30.51 7.59
N ARG D 210 4.06 -30.07 8.87
CA ARG D 210 2.83 -29.72 9.57
C ARG D 210 2.08 -28.71 8.77
N ASP D 211 2.80 -27.72 8.26
CA ASP D 211 2.19 -26.76 7.39
C ASP D 211 1.66 -27.40 6.12
N ILE D 212 2.43 -28.23 5.49
CA ILE D 212 1.91 -28.84 4.30
C ILE D 212 0.55 -29.55 4.57
N LYS D 213 0.54 -30.37 5.63
CA LYS D 213 -0.62 -31.14 6.09
C LYS D 213 -1.77 -30.24 6.10
N GLU D 214 -1.59 -29.13 6.83
CA GLU D 214 -2.67 -28.20 7.15
C GLU D 214 -3.22 -27.50 5.94
N LYS D 215 -2.34 -27.18 4.99
CA LYS D 215 -2.78 -26.51 3.77
C LYS D 215 -3.31 -27.41 2.65
N LEU D 216 -2.81 -28.61 2.49
CA LEU D 216 -3.12 -29.29 1.25
C LEU D 216 -3.72 -30.69 1.37
N CYS D 217 -3.72 -31.18 2.57
CA CYS D 217 -4.38 -32.41 2.82
C CYS D 217 -5.87 -32.23 2.83
N TYR D 218 -6.54 -33.37 2.66
CA TYR D 218 -7.97 -33.45 2.64
C TYR D 218 -8.44 -34.87 2.79
N VAL D 219 -9.73 -35.04 3.12
CA VAL D 219 -10.29 -36.36 3.33
C VAL D 219 -11.06 -36.70 2.06
N ALA D 220 -10.71 -37.84 1.47
CA ALA D 220 -11.44 -38.34 0.32
C ALA D 220 -12.87 -38.73 0.73
N LEU D 221 -13.82 -38.52 -0.16
CA LEU D 221 -15.11 -39.14 0.08
C LEU D 221 -15.01 -40.67 0.10
N ASP D 222 -14.38 -41.22 -0.93
CA ASP D 222 -14.29 -42.66 -1.17
C ASP D 222 -12.85 -43.00 -1.43
N PHE D 223 -12.21 -43.63 -0.46
CA PHE D 223 -10.76 -43.69 -0.49
C PHE D 223 -10.28 -44.46 -1.68
N GLU D 224 -10.90 -45.60 -1.91
CA GLU D 224 -10.47 -46.50 -2.95
C GLU D 224 -10.63 -45.82 -4.29
N ASN D 225 -11.72 -45.09 -4.41
CA ASN D 225 -12.05 -44.43 -5.63
C ASN D 225 -11.08 -43.31 -5.83
N GLU D 226 -10.73 -42.63 -4.76
CA GLU D 226 -9.82 -41.53 -4.88
C GLU D 226 -8.44 -41.99 -5.35
N MET D 227 -8.01 -43.15 -4.88
CA MET D 227 -6.74 -43.73 -5.32
C MET D 227 -6.81 -44.05 -6.80
N ALA D 228 -7.87 -44.69 -7.24
CA ALA D 228 -7.95 -45.13 -8.63
C ALA D 228 -8.09 -43.97 -9.62
N THR D 229 -8.58 -42.87 -9.07
CA THR D 229 -8.88 -41.65 -9.78
C THR D 229 -7.60 -40.89 -10.01
N ALA D 230 -6.79 -40.90 -8.94
CA ALA D 230 -5.67 -40.01 -8.77
C ALA D 230 -4.77 -40.34 -9.91
N ALA D 231 -4.55 -41.63 -10.04
CA ALA D 231 -3.68 -42.21 -11.04
C ALA D 231 -4.02 -41.67 -12.46
N SER D 232 -5.16 -41.01 -12.60
CA SER D 232 -5.66 -40.60 -13.91
C SER D 232 -5.60 -39.11 -14.03
N SER D 233 -6.51 -38.45 -13.33
CA SER D 233 -6.79 -37.03 -13.44
C SER D 233 -5.61 -36.15 -13.13
N SER D 234 -5.88 -34.86 -13.09
CA SER D 234 -5.24 -34.08 -12.05
C SER D 234 -5.85 -32.75 -11.87
N SER D 235 -6.72 -32.79 -10.88
CA SER D 235 -6.89 -31.77 -9.90
C SER D 235 -5.80 -32.08 -8.89
N LEU D 236 -5.27 -33.32 -8.92
CA LEU D 236 -4.67 -33.93 -7.72
C LEU D 236 -3.40 -33.34 -7.21
N GLU D 237 -2.44 -33.22 -8.11
CA GLU D 237 -1.10 -32.85 -7.69
C GLU D 237 -0.91 -31.40 -7.52
N LYS D 238 -0.28 -31.09 -6.41
CA LYS D 238 -0.15 -29.72 -5.95
C LYS D 238 1.34 -29.50 -5.75
N SER D 239 1.83 -28.28 -5.94
CA SER D 239 3.23 -28.07 -5.61
C SER D 239 3.33 -27.11 -4.45
N TYR D 240 4.38 -27.18 -3.67
CA TYR D 240 4.46 -26.40 -2.45
C TYR D 240 5.89 -25.89 -2.33
N GLU D 241 6.05 -24.60 -2.03
CA GLU D 241 7.42 -24.02 -2.01
C GLU D 241 7.95 -23.99 -0.59
N LEU D 242 9.17 -24.48 -0.43
CA LEU D 242 9.74 -24.57 0.90
C LEU D 242 10.34 -23.24 1.29
N PRO D 243 10.66 -23.07 2.58
CA PRO D 243 11.39 -21.91 3.08
C PRO D 243 12.62 -21.60 2.24
N ASP D 244 13.36 -22.64 1.87
CA ASP D 244 14.65 -22.50 1.19
C ASP D 244 14.54 -22.29 -0.32
N GLY D 245 13.33 -22.05 -0.81
CA GLY D 245 13.11 -21.73 -2.21
C GLY D 245 12.83 -22.93 -3.10
N GLN D 246 12.99 -24.14 -2.57
CA GLN D 246 12.76 -25.34 -3.33
C GLN D 246 11.28 -25.63 -3.44
N VAL D 247 10.86 -26.21 -4.56
CA VAL D 247 9.47 -26.66 -4.70
C VAL D 247 9.30 -28.15 -4.65
N ILE D 248 8.38 -28.61 -3.84
CA ILE D 248 8.12 -30.04 -3.78
C ILE D 248 6.81 -30.24 -4.44
N THR D 249 6.47 -31.46 -4.77
CA THR D 249 5.20 -31.70 -5.33
C THR D 249 4.51 -32.84 -4.52
N ILE D 250 3.21 -32.70 -4.20
CA ILE D 250 2.48 -33.71 -3.41
C ILE D 250 1.18 -34.18 -4.13
N GLY D 251 0.87 -35.47 -3.98
CA GLY D 251 -0.23 -36.12 -4.68
C GLY D 251 -1.21 -36.85 -3.78
N ASN D 252 -1.27 -38.17 -3.90
CA ASN D 252 -2.24 -38.88 -3.06
C ASN D 252 -1.92 -38.80 -1.59
N GLU D 253 -0.75 -38.31 -1.24
CA GLU D 253 -0.39 -38.15 0.15
C GLU D 253 -1.33 -37.12 0.72
N ARG D 254 -1.86 -36.26 -0.14
CA ARG D 254 -2.74 -35.24 0.38
C ARG D 254 -3.82 -35.91 1.19
N PHE D 255 -4.39 -37.00 0.64
CA PHE D 255 -5.55 -37.62 1.24
C PHE D 255 -5.28 -38.90 1.96
N ARG D 256 -4.11 -39.48 1.67
CA ARG D 256 -3.68 -40.68 2.37
C ARG D 256 -3.23 -40.30 3.75
N CYS D 257 -2.86 -39.05 3.95
CA CYS D 257 -2.46 -38.66 5.26
C CYS D 257 -3.65 -38.80 6.17
N PRO D 258 -4.74 -38.05 5.91
CA PRO D 258 -5.76 -38.06 6.93
C PRO D 258 -6.65 -39.31 6.87
N GLU D 259 -6.59 -40.05 5.77
CA GLU D 259 -7.32 -41.29 5.71
C GLU D 259 -7.05 -42.08 6.98
N THR D 260 -5.93 -41.78 7.60
CA THR D 260 -5.45 -42.49 8.78
C THR D 260 -6.50 -42.48 9.90
N LEU D 261 -7.17 -41.35 9.99
CA LEU D 261 -8.15 -41.19 11.00
C LEU D 261 -9.23 -42.26 10.83
N PHE D 262 -9.49 -42.63 9.58
CA PHE D 262 -10.50 -43.60 9.28
C PHE D 262 -9.91 -44.98 9.21
N GLN D 263 -8.62 -45.09 8.94
CA GLN D 263 -7.97 -46.38 8.95
C GLN D 263 -6.69 -46.31 9.71
N PRO D 264 -6.75 -46.33 11.04
CA PRO D 264 -5.58 -46.21 11.91
C PRO D 264 -4.61 -47.33 11.69
N SER D 265 -5.01 -48.32 10.92
CA SER D 265 -4.06 -49.33 10.56
C SER D 265 -2.97 -48.73 9.74
N PHE D 266 -3.25 -47.62 9.07
CA PHE D 266 -2.25 -46.91 8.28
C PHE D 266 -0.99 -46.57 9.05
N ILE D 267 -1.12 -46.34 10.35
CA ILE D 267 0.05 -46.23 11.20
C ILE D 267 0.15 -47.35 12.20
N GLY D 268 -0.45 -48.48 11.88
CA GLY D 268 -0.22 -49.69 12.66
C GLY D 268 -0.99 -49.76 13.95
N MET D 269 -2.04 -48.97 14.04
CA MET D 269 -2.82 -48.96 15.23
C MET D 269 -3.99 -49.89 15.11
N GLU D 270 -4.28 -50.58 16.20
CA GLU D 270 -5.32 -51.60 16.21
C GLU D 270 -6.71 -51.05 16.32
N SER D 271 -6.84 -49.82 16.81
CA SER D 271 -8.17 -49.25 16.90
C SER D 271 -8.90 -49.14 15.56
N ALA D 272 -10.22 -49.24 15.66
CA ALA D 272 -11.09 -48.93 14.55
C ALA D 272 -11.03 -47.43 14.32
N GLY D 273 -11.38 -47.07 13.09
CA GLY D 273 -11.39 -45.68 12.68
C GLY D 273 -12.38 -44.81 13.42
N ILE D 274 -12.25 -43.51 13.21
CA ILE D 274 -13.08 -42.51 13.89
C ILE D 274 -14.60 -42.68 13.65
N HIS D 275 -14.97 -43.10 12.43
CA HIS D 275 -16.36 -43.25 12.11
C HIS D 275 -16.86 -44.37 12.93
N GLU D 276 -16.06 -45.41 13.06
CA GLU D 276 -16.49 -46.57 13.78
C GLU D 276 -16.59 -46.34 15.31
N THR D 277 -15.66 -45.59 15.86
CA THR D 277 -15.73 -45.30 17.29
C THR D 277 -16.92 -44.40 17.57
N THR D 278 -17.22 -43.49 16.62
CA THR D 278 -18.43 -42.63 16.64
C THR D 278 -19.67 -43.50 16.80
N TYR D 279 -19.84 -44.42 15.86
CA TYR D 279 -20.91 -45.36 15.85
C TYR D 279 -20.93 -46.12 17.17
N ASN D 280 -19.79 -46.67 17.56
CA ASN D 280 -19.76 -47.46 18.79
C ASN D 280 -20.07 -46.70 20.06
N SER D 281 -19.71 -45.42 20.09
CA SER D 281 -20.01 -44.61 21.25
C SER D 281 -21.51 -44.39 21.38
N ILE D 282 -22.16 -44.08 20.26
CA ILE D 282 -23.64 -43.93 20.19
C ILE D 282 -24.31 -45.20 20.70
N MET D 283 -23.79 -46.34 20.27
CA MET D 283 -24.35 -47.61 20.68
C MET D 283 -24.15 -47.94 22.17
N LYS D 284 -23.24 -47.26 22.86
CA LYS D 284 -23.06 -47.46 24.30
C LYS D 284 -23.90 -46.48 25.09
N CYS D 285 -24.71 -45.70 24.39
CA CYS D 285 -25.67 -44.81 25.02
C CYS D 285 -27.05 -45.42 24.98
N ASP D 286 -27.86 -45.05 25.97
CA ASP D 286 -29.25 -45.48 26.04
C ASP D 286 -29.92 -45.42 24.67
N ILE D 287 -30.64 -46.47 24.33
CA ILE D 287 -31.24 -46.60 23.02
C ILE D 287 -32.12 -45.42 22.58
N ASP D 288 -32.77 -44.76 23.52
CA ASP D 288 -33.77 -43.78 23.12
C ASP D 288 -33.17 -42.46 22.71
N ILE D 289 -31.93 -42.26 23.11
CA ILE D 289 -31.27 -41.00 22.89
C ILE D 289 -30.41 -41.06 21.64
N ARG D 290 -30.30 -42.25 21.05
CA ARG D 290 -29.55 -42.45 19.82
C ARG D 290 -29.99 -41.56 18.66
N LYS D 291 -31.29 -41.37 18.43
CA LYS D 291 -31.74 -40.47 17.35
C LYS D 291 -31.18 -39.08 17.47
N ASP D 292 -31.14 -38.62 18.71
CA ASP D 292 -30.65 -37.30 19.06
C ASP D 292 -29.15 -37.21 18.84
N LEU D 293 -28.46 -38.32 19.07
CA LEU D 293 -27.03 -38.33 18.91
C LEU D 293 -26.71 -38.26 17.45
N TYR D 294 -27.31 -39.16 16.67
CA TYR D 294 -27.06 -39.27 15.23
C TYR D 294 -27.28 -37.98 14.49
N ALA D 295 -28.21 -37.19 15.01
CA ALA D 295 -28.64 -35.95 14.38
C ALA D 295 -27.85 -34.75 14.90
N ASN D 296 -26.99 -35.01 15.87
CA ASN D 296 -26.16 -33.97 16.44
C ASN D 296 -24.72 -34.38 16.63
N ASN D 297 -24.08 -34.71 15.52
CA ASN D 297 -22.76 -35.17 15.61
C ASN D 297 -21.93 -33.98 15.32
N VAL D 298 -21.30 -33.45 16.37
CA VAL D 298 -20.46 -32.27 16.26
C VAL D 298 -18.96 -32.61 16.25
N MET D 299 -18.18 -32.01 15.33
CA MET D 299 -16.72 -32.15 15.27
C MET D 299 -16.04 -30.92 15.76
N SER D 300 -15.00 -31.14 16.58
CA SER D 300 -14.20 -30.07 17.14
C SER D 300 -12.73 -30.41 17.20
N GLY D 301 -11.87 -29.40 17.19
CA GLY D 301 -10.45 -29.62 17.37
C GLY D 301 -9.78 -29.50 16.03
N GLY D 302 -8.51 -29.11 16.07
CA GLY D 302 -7.82 -28.67 14.87
C GLY D 302 -7.85 -29.72 13.82
N THR D 303 -7.77 -30.97 14.28
CA THR D 303 -7.53 -32.06 13.38
C THR D 303 -8.81 -32.35 12.62
N THR D 304 -9.90 -31.67 12.96
CA THR D 304 -11.16 -31.91 12.26
C THR D 304 -11.34 -30.98 11.11
N MET D 305 -10.25 -30.31 10.78
CA MET D 305 -10.30 -29.29 9.79
C MET D 305 -10.23 -29.72 8.33
N TYR D 306 -9.92 -30.96 8.02
CA TYR D 306 -9.65 -31.26 6.62
C TYR D 306 -10.84 -31.01 5.70
N PRO D 307 -10.62 -30.43 4.52
CA PRO D 307 -11.65 -30.41 3.51
C PRO D 307 -12.16 -31.81 3.25
N GLY D 308 -13.48 -31.94 3.20
CA GLY D 308 -14.11 -33.22 2.91
C GLY D 308 -14.47 -34.03 4.12
N ILE D 309 -13.97 -33.65 5.29
CA ILE D 309 -14.08 -34.50 6.44
C ILE D 309 -15.53 -34.66 6.87
N ALA D 310 -16.29 -33.60 6.77
CA ALA D 310 -17.64 -33.72 7.25
C ALA D 310 -18.46 -34.66 6.34
N ASP D 311 -18.25 -34.53 5.04
CA ASP D 311 -18.96 -35.32 4.05
C ASP D 311 -18.62 -36.77 4.20
N ARG D 312 -17.37 -37.05 4.51
CA ARG D 312 -16.92 -38.39 4.64
C ARG D 312 -17.54 -38.96 5.88
N MET D 313 -17.56 -38.24 6.98
CA MET D 313 -18.18 -38.78 8.17
C MET D 313 -19.68 -39.06 7.94
N GLN D 314 -20.35 -38.12 7.28
CA GLN D 314 -21.74 -38.28 6.84
C GLN D 314 -21.96 -39.61 6.17
N LYS D 315 -21.21 -39.86 5.13
CA LYS D 315 -21.37 -41.07 4.37
C LYS D 315 -20.94 -42.30 5.16
N GLU D 316 -19.89 -42.23 5.98
CA GLU D 316 -19.50 -43.43 6.75
C GLU D 316 -20.44 -43.76 7.86
N ILE D 317 -20.89 -42.77 8.62
CA ILE D 317 -21.95 -43.06 9.61
C ILE D 317 -23.28 -43.47 8.95
N THR D 318 -23.57 -42.87 7.81
CA THR D 318 -24.68 -43.29 6.97
C THR D 318 -24.61 -44.76 6.75
N ALA D 319 -23.49 -45.27 6.30
CA ALA D 319 -23.45 -46.67 6.01
C ALA D 319 -23.47 -47.56 7.25
N LEU D 320 -23.26 -46.99 8.43
CA LEU D 320 -23.23 -47.76 9.66
C LEU D 320 -24.54 -47.87 10.35
N ALA D 321 -25.35 -46.83 10.25
CA ALA D 321 -26.56 -46.75 11.06
C ALA D 321 -27.73 -47.55 10.54
N PRO D 322 -28.68 -47.84 11.45
CA PRO D 322 -30.06 -48.09 11.11
C PRO D 322 -30.45 -47.28 9.87
N SER D 323 -30.85 -47.94 8.78
CA SER D 323 -31.11 -47.27 7.50
C SER D 323 -32.17 -46.15 7.57
N THR D 324 -32.80 -46.03 8.73
CA THR D 324 -33.93 -45.16 8.94
C THR D 324 -33.59 -43.95 9.81
N MET D 325 -32.37 -43.93 10.33
CA MET D 325 -31.98 -42.84 11.22
C MET D 325 -31.62 -41.44 10.58
N LYS D 326 -31.92 -40.34 11.29
CA LYS D 326 -31.54 -38.94 10.90
C LYS D 326 -30.05 -38.75 11.12
N ILE D 327 -29.27 -38.45 10.08
CA ILE D 327 -27.80 -38.26 10.19
C ILE D 327 -27.32 -36.83 9.87
N LYS D 328 -26.69 -36.19 10.86
CA LYS D 328 -26.23 -34.81 10.72
C LYS D 328 -24.84 -34.59 11.29
N ILE D 329 -23.98 -34.07 10.44
CA ILE D 329 -22.65 -33.68 10.84
C ILE D 329 -22.57 -32.18 10.97
N ILE D 330 -22.18 -31.74 12.16
CA ILE D 330 -22.01 -30.34 12.46
C ILE D 330 -20.53 -30.02 12.56
N ALA D 331 -20.03 -29.23 11.62
CA ALA D 331 -18.62 -28.93 11.57
C ALA D 331 -18.46 -27.44 11.30
N PRO D 332 -18.49 -26.64 12.37
CA PRO D 332 -18.37 -25.19 12.22
C PRO D 332 -16.96 -24.69 11.74
N PRO D 333 -16.90 -23.61 10.96
CA PRO D 333 -15.64 -23.01 10.62
C PRO D 333 -14.80 -22.63 11.82
N GLU D 334 -15.38 -22.47 12.98
CA GLU D 334 -14.56 -22.12 14.12
C GLU D 334 -14.14 -23.28 14.98
N ARG D 335 -14.27 -24.49 14.45
CA ARG D 335 -14.10 -25.70 15.26
C ARG D 335 -12.74 -25.91 15.86
N LYS D 336 -11.75 -25.19 15.37
CA LYS D 336 -10.39 -25.27 15.91
C LYS D 336 -10.38 -24.84 17.39
N TYR D 337 -11.33 -23.97 17.67
CA TYR D 337 -11.35 -23.22 18.88
C TYR D 337 -12.74 -23.32 19.45
N SER D 338 -13.49 -24.31 18.99
CA SER D 338 -14.81 -24.57 19.50
C SER D 338 -14.73 -24.64 21.00
N VAL D 339 -13.69 -25.32 21.48
CA VAL D 339 -13.56 -25.50 22.91
C VAL D 339 -13.46 -24.16 23.62
N TRP D 340 -12.52 -23.33 23.22
CA TRP D 340 -12.43 -22.03 23.84
C TRP D 340 -13.64 -21.13 23.68
N ILE D 341 -14.23 -21.06 22.49
CA ILE D 341 -15.41 -20.23 22.30
C ILE D 341 -16.56 -20.68 23.20
N GLY D 342 -16.73 -21.99 23.33
CA GLY D 342 -17.71 -22.57 24.24
C GLY D 342 -17.48 -22.08 25.64
N GLY D 343 -16.22 -22.09 26.08
CA GLY D 343 -15.83 -21.54 27.37
C GLY D 343 -16.21 -20.07 27.54
N SER D 344 -15.91 -19.27 26.51
CA SER D 344 -16.21 -17.84 26.51
C SER D 344 -17.68 -17.60 26.75
N ILE D 345 -18.51 -18.29 25.98
CA ILE D 345 -19.93 -18.10 26.09
C ILE D 345 -20.50 -18.56 27.45
N LEU D 346 -20.07 -19.72 27.92
CA LEU D 346 -20.58 -20.24 29.20
C LEU D 346 -20.34 -19.31 30.39
N ALA D 347 -19.10 -18.86 30.56
CA ALA D 347 -18.74 -18.03 31.70
C ALA D 347 -19.52 -16.73 31.70
N SER D 348 -20.01 -16.38 30.51
CA SER D 348 -20.64 -15.12 30.22
C SER D 348 -22.15 -15.15 30.50
N LEU D 349 -22.67 -16.34 30.82
CA LEU D 349 -24.12 -16.48 31.07
C LEU D 349 -24.57 -16.05 32.46
N SER D 350 -25.67 -15.31 32.51
CA SER D 350 -26.25 -14.92 33.79
C SER D 350 -26.50 -16.16 34.67
N THR D 351 -26.98 -17.22 34.04
CA THR D 351 -27.31 -18.43 34.76
C THR D 351 -26.09 -19.06 35.37
N PHE D 352 -24.95 -18.86 34.73
CA PHE D 352 -23.71 -19.50 35.15
C PHE D 352 -23.12 -18.79 36.36
N GLN D 353 -23.54 -17.56 36.59
CA GLN D 353 -22.90 -16.74 37.60
C GLN D 353 -22.95 -17.37 38.95
N GLN D 354 -24.06 -18.03 39.21
CA GLN D 354 -24.28 -18.80 40.42
C GLN D 354 -23.40 -20.07 40.52
N MET D 355 -22.74 -20.46 39.43
CA MET D 355 -22.11 -21.78 39.37
C MET D 355 -20.62 -21.78 39.70
N TRP D 356 -20.04 -20.59 39.74
CA TRP D 356 -18.64 -20.44 40.10
C TRP D 356 -18.34 -21.05 41.43
N ILE D 357 -17.17 -21.67 41.54
CA ILE D 357 -16.61 -21.98 42.87
C ILE D 357 -15.92 -20.73 43.43
N THR D 358 -16.34 -20.27 44.62
CA THR D 358 -15.69 -19.13 45.29
C THR D 358 -14.55 -19.57 46.23
N LYS D 359 -13.63 -18.64 46.50
CA LYS D 359 -12.52 -18.87 47.43
C LYS D 359 -13.04 -19.25 48.80
N GLN D 360 -14.10 -18.58 49.25
CA GLN D 360 -14.78 -18.92 50.50
C GLN D 360 -15.23 -20.39 50.53
N GLU D 361 -15.92 -20.83 49.47
CA GLU D 361 -16.32 -22.23 49.34
C GLU D 361 -15.12 -23.15 49.39
N TYR D 362 -14.06 -22.77 48.69
CA TYR D 362 -12.81 -23.54 48.67
C TYR D 362 -12.18 -23.67 50.07
N ASP D 363 -12.11 -22.57 50.81
CA ASP D 363 -11.50 -22.60 52.13
C ASP D 363 -12.24 -23.52 53.10
N GLU D 364 -13.57 -23.56 52.98
CA GLU D 364 -14.43 -24.33 53.88
C GLU D 364 -14.52 -25.83 53.55
N ALA D 365 -14.34 -26.17 52.27
CA ALA D 365 -14.48 -27.55 51.79
C ALA D 365 -13.17 -28.20 51.28
N GLY D 366 -12.26 -27.41 50.69
CA GLY D 366 -11.04 -27.95 50.09
C GLY D 366 -11.20 -28.37 48.63
N PRO D 367 -10.13 -28.96 48.03
CA PRO D 367 -10.08 -29.32 46.60
C PRO D 367 -11.25 -30.17 46.07
N SER D 368 -11.81 -31.04 46.92
CA SER D 368 -12.83 -32.01 46.51
C SER D 368 -14.14 -31.34 46.16
N ILE D 369 -14.26 -30.05 46.47
CA ILE D 369 -15.44 -29.28 46.14
C ILE D 369 -15.71 -29.36 44.63
N VAL D 370 -14.63 -29.59 43.87
CA VAL D 370 -14.69 -29.65 42.41
C VAL D 370 -15.68 -30.72 41.90
N HIS D 371 -15.81 -31.82 42.63
CA HIS D 371 -16.67 -32.91 42.16
C HIS D 371 -18.11 -32.57 42.26
N ARG D 372 -18.49 -31.86 43.31
CA ARG D 372 -19.91 -31.56 43.44
C ARG D 372 -20.28 -30.29 42.71
N LYS D 373 -19.29 -29.48 42.36
CA LYS D 373 -19.57 -28.21 41.70
C LYS D 373 -19.36 -28.27 40.19
N CYS D 374 -18.45 -29.14 39.72
CA CYS D 374 -18.17 -29.21 38.29
C CYS D 374 -18.63 -30.53 37.71
N PHE D 375 -19.74 -30.49 36.99
CA PHE D 375 -20.39 -31.69 36.47
C PHE D 375 -21.23 -31.38 35.24
N ALA E 7 -35.37 -13.41 0.49
CA ALA E 7 -36.47 -13.23 1.52
C ALA E 7 -36.94 -11.75 1.71
N LEU E 8 -38.24 -11.53 1.97
CA LEU E 8 -38.81 -10.16 2.08
C LEU E 8 -39.15 -9.67 3.50
N VAL E 9 -38.93 -8.38 3.74
CA VAL E 9 -39.18 -7.76 5.03
C VAL E 9 -40.12 -6.59 4.82
N CYS E 10 -41.29 -6.64 5.48
CA CYS E 10 -42.29 -5.56 5.51
C CYS E 10 -42.67 -5.04 6.91
N ASP E 11 -42.34 -3.77 7.15
CA ASP E 11 -42.57 -3.07 8.41
C ASP E 11 -43.75 -2.16 8.19
N ASN E 12 -44.90 -2.59 8.67
CA ASN E 12 -46.11 -1.80 8.56
C ASN E 12 -46.23 -0.85 9.73
N GLY E 13 -45.81 0.38 9.46
CA GLY E 13 -46.05 1.45 10.37
C GLY E 13 -47.38 2.12 10.08
N SER E 14 -47.82 2.97 11.01
CA SER E 14 -49.06 3.72 10.85
C SER E 14 -49.06 4.66 9.65
N GLY E 15 -47.91 5.29 9.41
CA GLY E 15 -47.81 6.37 8.43
C GLY E 15 -46.96 6.07 7.22
N LEU E 16 -45.87 5.34 7.45
CA LEU E 16 -45.01 4.78 6.40
C LEU E 16 -44.95 3.25 6.43
N VAL E 17 -45.22 2.64 5.28
CA VAL E 17 -44.92 1.24 5.03
C VAL E 17 -43.43 1.21 4.64
N LYS E 18 -42.66 0.32 5.27
CA LYS E 18 -41.27 0.10 4.90
C LYS E 18 -41.12 -1.34 4.36
N ALA E 19 -40.62 -1.49 3.12
CA ALA E 19 -40.43 -2.82 2.49
C ALA E 19 -39.08 -3.02 1.77
N GLY E 20 -38.60 -4.27 1.72
CA GLY E 20 -37.35 -4.58 1.02
C GLY E 20 -36.96 -6.04 1.11
N PHE E 21 -35.66 -6.30 0.88
CA PHE E 21 -35.09 -7.64 0.93
C PHE E 21 -34.17 -7.81 2.12
N ALA E 22 -34.39 -8.89 2.86
CA ALA E 22 -33.50 -9.29 3.94
C ALA E 22 -32.06 -9.25 3.45
N GLY E 23 -31.19 -8.60 4.21
CA GLY E 23 -29.79 -8.52 3.80
C GLY E 23 -29.33 -7.18 3.26
N ASP E 24 -30.28 -6.38 2.79
CA ASP E 24 -29.97 -5.03 2.33
C ASP E 24 -29.82 -4.06 3.51
N ASP E 25 -29.18 -2.91 3.22
CA ASP E 25 -28.98 -1.83 4.20
C ASP E 25 -30.26 -1.21 4.68
N ALA E 26 -31.19 -1.08 3.75
CA ALA E 26 -32.29 -0.21 3.96
C ALA E 26 -33.46 -0.73 3.20
N PRO E 27 -34.65 -0.32 3.64
CA PRO E 27 -35.80 -0.71 2.88
C PRO E 27 -35.69 -0.17 1.45
N ARG E 28 -35.91 -1.07 0.51
CA ARG E 28 -35.91 -0.74 -0.89
C ARG E 28 -37.11 0.15 -1.28
N ALA E 29 -38.19 0.10 -0.49
CA ALA E 29 -39.36 0.95 -0.71
C ALA E 29 -39.95 1.56 0.57
N VAL E 30 -40.10 2.89 0.62
CA VAL E 30 -40.79 3.57 1.72
C VAL E 30 -41.89 4.53 1.20
N PHE E 31 -43.13 4.29 1.61
CA PHE E 31 -44.26 4.99 1.01
C PHE E 31 -45.36 5.07 2.07
N PRO E 32 -46.38 5.95 1.89
CA PRO E 32 -47.47 6.16 2.87
C PRO E 32 -48.32 4.93 3.24
N TYR E 69 -55.90 5.64 6.53
CA TYR E 69 -54.77 4.83 6.93
C TYR E 69 -55.28 3.49 7.38
N PRO E 70 -54.87 2.43 6.66
CA PRO E 70 -55.17 1.08 7.10
C PRO E 70 -54.59 0.69 8.49
N ILE E 71 -53.58 1.43 8.95
CA ILE E 71 -53.01 1.19 10.26
C ILE E 71 -53.15 2.41 11.16
N GLU E 72 -53.78 2.21 12.32
CA GLU E 72 -53.94 3.24 13.36
C GLU E 72 -53.24 2.84 14.65
N HIS E 73 -52.40 3.74 15.15
CA HIS E 73 -51.57 3.53 16.35
C HIS E 73 -50.86 2.19 16.32
N GLY E 74 -50.35 1.83 15.15
CA GLY E 74 -49.55 0.62 14.95
C GLY E 74 -50.32 -0.66 14.66
N ILE E 75 -51.64 -0.61 14.84
CA ILE E 75 -52.52 -1.78 14.69
C ILE E 75 -53.27 -1.70 13.36
N ILE E 76 -53.27 -2.79 12.61
CA ILE E 76 -54.08 -2.88 11.40
C ILE E 76 -55.55 -2.79 11.79
N THR E 77 -56.25 -1.82 11.22
CA THR E 77 -57.66 -1.59 11.54
C THR E 77 -58.57 -1.67 10.32
N ASN E 78 -57.99 -1.62 9.14
CA ASN E 78 -58.72 -1.54 7.89
C ASN E 78 -58.20 -2.67 6.98
N TRP E 79 -58.87 -3.83 7.02
CA TRP E 79 -58.35 -5.03 6.33
C TRP E 79 -58.51 -5.01 4.84
N ASP E 80 -59.53 -4.28 4.36
CA ASP E 80 -59.70 -3.95 2.94
C ASP E 80 -58.51 -3.20 2.36
N ASP E 81 -58.23 -2.02 2.94
CA ASP E 81 -57.09 -1.20 2.52
C ASP E 81 -55.75 -1.86 2.84
N MET E 82 -55.71 -2.69 3.91
CA MET E 82 -54.50 -3.44 4.28
C MET E 82 -54.06 -4.38 3.15
N GLU E 83 -55.00 -5.20 2.68
CA GLU E 83 -54.76 -6.07 1.54
C GLU E 83 -54.38 -5.32 0.24
N LYS E 84 -55.01 -4.16 -0.03
CA LYS E 84 -54.61 -3.25 -1.14
C LYS E 84 -53.16 -2.76 -1.00
N ILE E 85 -52.79 -2.30 0.20
CA ILE E 85 -51.42 -1.84 0.50
C ILE E 85 -50.37 -2.98 0.38
N TRP E 86 -50.68 -4.18 0.90
CA TRP E 86 -49.85 -5.40 0.71
C TRP E 86 -49.71 -5.80 -0.75
N HIS E 87 -50.81 -5.86 -1.50
CA HIS E 87 -50.78 -6.19 -2.94
C HIS E 87 -49.95 -5.20 -3.66
N HIS E 88 -50.13 -3.92 -3.34
CA HIS E 88 -49.33 -2.83 -3.89
C HIS E 88 -47.85 -3.04 -3.60
N THR E 89 -47.54 -3.42 -2.36
CA THR E 89 -46.14 -3.70 -1.96
C THR E 89 -45.46 -4.78 -2.83
N PHE E 90 -46.14 -5.90 -3.07
CA PHE E 90 -45.55 -6.99 -3.84
C PHE E 90 -45.41 -6.67 -5.31
N TYR E 91 -46.48 -6.17 -5.93
CA TYR E 91 -46.55 -6.12 -7.38
C TYR E 91 -46.19 -4.75 -7.97
N ASN E 92 -46.44 -3.69 -7.20
CA ASN E 92 -46.23 -2.34 -7.71
C ASN E 92 -44.92 -1.77 -7.18
N GLU E 93 -44.64 -2.03 -5.90
CA GLU E 93 -43.43 -1.54 -5.25
C GLU E 93 -42.19 -2.49 -5.44
N LEU E 94 -42.16 -3.68 -4.80
CA LEU E 94 -41.00 -4.60 -4.89
C LEU E 94 -40.91 -5.41 -6.18
N ARG E 95 -42.05 -5.59 -6.83
CA ARG E 95 -42.16 -6.32 -8.11
C ARG E 95 -41.63 -7.75 -8.06
N VAL E 96 -42.28 -8.56 -7.22
CA VAL E 96 -41.92 -9.97 -6.98
C VAL E 96 -43.21 -10.83 -7.06
N ALA E 97 -43.07 -12.11 -7.38
CA ALA E 97 -44.18 -13.05 -7.29
C ALA E 97 -44.17 -13.69 -5.88
N PRO E 98 -45.16 -13.37 -5.04
CA PRO E 98 -45.15 -13.68 -3.60
C PRO E 98 -44.97 -15.15 -3.26
N GLU E 99 -45.43 -16.05 -4.14
CA GLU E 99 -45.31 -17.49 -3.91
C GLU E 99 -43.86 -17.94 -3.80
N GLU E 100 -42.94 -17.08 -4.24
CA GLU E 100 -41.53 -17.42 -4.29
C GLU E 100 -40.67 -16.80 -3.18
N HIS E 101 -41.30 -16.10 -2.24
CA HIS E 101 -40.54 -15.38 -1.20
C HIS E 101 -41.02 -15.61 0.21
N PRO E 102 -40.15 -16.13 1.10
CA PRO E 102 -40.50 -16.08 2.53
C PRO E 102 -40.60 -14.62 2.96
N THR E 103 -41.62 -14.32 3.77
CA THR E 103 -41.98 -12.94 4.14
C THR E 103 -42.13 -12.70 5.65
N LEU E 104 -41.29 -11.80 6.18
CA LEU E 104 -41.36 -11.39 7.58
C LEU E 104 -42.14 -10.06 7.72
N LEU E 105 -43.12 -10.03 8.63
CA LEU E 105 -43.90 -8.82 8.89
C LEU E 105 -43.63 -8.24 10.25
N THR E 106 -43.92 -6.95 10.42
CA THR E 106 -43.90 -6.34 11.76
C THR E 106 -45.26 -5.82 12.25
N GLU E 107 -45.31 -5.64 13.56
CA GLU E 107 -46.50 -5.30 14.29
C GLU E 107 -46.09 -4.47 15.50
N ALA E 108 -47.02 -3.70 16.04
CA ALA E 108 -46.79 -2.91 17.25
C ALA E 108 -46.64 -3.81 18.47
N PRO E 109 -45.94 -3.33 19.50
CA PRO E 109 -45.93 -4.05 20.77
C PRO E 109 -47.35 -4.19 21.27
N LEU E 110 -47.65 -5.30 21.94
CA LEU E 110 -49.00 -5.57 22.46
C LEU E 110 -50.12 -5.68 21.40
N ASN E 111 -49.75 -5.97 20.15
CA ASN E 111 -50.75 -6.25 19.09
C ASN E 111 -51.70 -7.38 19.49
N PRO E 112 -53.01 -7.14 19.38
CA PRO E 112 -53.99 -8.21 19.58
C PRO E 112 -53.61 -9.48 18.80
N LYS E 113 -53.67 -10.62 19.47
CA LYS E 113 -53.18 -11.85 18.85
C LYS E 113 -53.98 -12.28 17.58
N ALA E 114 -55.24 -11.88 17.54
CA ALA E 114 -56.08 -12.02 16.34
C ALA E 114 -55.56 -11.28 15.09
N ASN E 115 -54.92 -10.11 15.27
CA ASN E 115 -54.32 -9.41 14.12
C ASN E 115 -53.23 -10.23 13.48
N ARG E 116 -52.37 -10.81 14.33
CA ARG E 116 -51.28 -11.69 13.92
C ARG E 116 -51.82 -12.87 13.15
N GLU E 117 -52.94 -13.43 13.62
CA GLU E 117 -53.61 -14.54 12.97
C GLU E 117 -54.21 -14.17 11.61
N LYS E 118 -54.90 -13.04 11.54
CA LYS E 118 -55.54 -12.60 10.29
C LYS E 118 -54.49 -12.22 9.24
N MET E 119 -53.42 -11.59 9.72
CA MET E 119 -52.31 -11.23 8.89
C MET E 119 -51.59 -12.48 8.41
N THR E 120 -51.50 -13.52 9.28
CA THR E 120 -50.99 -14.86 8.92
C THR E 120 -51.87 -15.48 7.84
N GLN E 121 -53.17 -15.45 8.10
CA GLN E 121 -54.16 -15.98 7.17
C GLN E 121 -54.08 -15.31 5.80
N ILE E 122 -54.04 -13.97 5.80
CA ILE E 122 -53.96 -13.20 4.56
C ILE E 122 -52.68 -13.53 3.78
N MET E 123 -51.54 -13.57 4.47
CA MET E 123 -50.28 -13.91 3.80
C MET E 123 -50.25 -15.29 3.14
N PHE E 124 -50.72 -16.32 3.86
CA PHE E 124 -50.67 -17.68 3.33
C PHE E 124 -51.77 -17.98 2.35
N GLU E 125 -52.96 -17.43 2.61
CA GLU E 125 -54.09 -17.74 1.77
C GLU E 125 -54.33 -16.80 0.61
N THR E 126 -54.19 -15.50 0.82
CA THR E 126 -54.40 -14.52 -0.27
C THR E 126 -53.17 -14.44 -1.17
N PHE E 127 -51.99 -14.34 -0.56
CA PHE E 127 -50.77 -14.11 -1.29
C PHE E 127 -49.96 -15.39 -1.58
N ASN E 128 -50.29 -16.49 -0.89
CA ASN E 128 -49.66 -17.82 -1.11
C ASN E 128 -48.17 -17.87 -0.92
N VAL E 129 -47.69 -17.19 0.12
CA VAL E 129 -46.27 -17.22 0.46
C VAL E 129 -45.89 -18.63 0.90
N PRO E 130 -44.64 -19.03 0.61
CA PRO E 130 -44.15 -20.34 1.00
C PRO E 130 -43.83 -20.43 2.49
N ALA E 131 -43.68 -19.27 3.16
CA ALA E 131 -43.33 -19.18 4.57
C ALA E 131 -43.46 -17.75 5.08
N MET E 132 -43.51 -17.57 6.39
CA MET E 132 -43.59 -16.25 6.96
C MET E 132 -43.22 -16.18 8.44
N TYR E 133 -43.08 -14.95 8.94
CA TYR E 133 -42.87 -14.67 10.37
C TYR E 133 -43.41 -13.28 10.77
N VAL E 134 -43.83 -13.11 12.03
CA VAL E 134 -44.26 -11.81 12.51
C VAL E 134 -43.45 -11.39 13.73
N ALA E 135 -42.87 -10.20 13.67
CA ALA E 135 -42.02 -9.70 14.76
C ALA E 135 -42.36 -8.30 15.26
N ILE E 136 -41.99 -8.06 16.52
CA ILE E 136 -42.27 -6.81 17.26
C ILE E 136 -41.36 -5.71 16.75
N GLN E 137 -41.97 -4.62 16.24
CA GLN E 137 -41.25 -3.40 15.84
C GLN E 137 -40.04 -3.05 16.78
N ALA E 138 -40.33 -2.82 18.06
CA ALA E 138 -39.32 -2.37 19.05
C ALA E 138 -38.16 -3.35 19.28
N VAL E 139 -38.52 -4.63 19.32
CA VAL E 139 -37.53 -5.67 19.51
C VAL E 139 -36.56 -5.64 18.32
N LEU E 140 -37.10 -5.49 17.12
CA LEU E 140 -36.26 -5.43 15.92
C LEU E 140 -35.27 -4.28 15.92
N SER E 141 -35.73 -3.15 16.41
CA SER E 141 -34.88 -2.02 16.50
C SER E 141 -33.71 -2.30 17.40
N LEU E 142 -33.94 -2.94 18.56
CA LEU E 142 -32.87 -3.30 19.51
C LEU E 142 -31.92 -4.28 18.84
N TYR E 143 -32.50 -5.23 18.11
CA TYR E 143 -31.72 -6.17 17.34
C TYR E 143 -30.83 -5.42 16.37
N ALA E 144 -31.36 -4.41 15.71
CA ALA E 144 -30.55 -3.68 14.75
C ALA E 144 -29.37 -3.01 15.41
N SER E 145 -29.42 -2.78 16.72
CA SER E 145 -28.27 -2.27 17.46
C SER E 145 -27.37 -3.40 17.92
N GLY E 146 -27.75 -4.64 17.62
CA GLY E 146 -26.95 -5.81 17.97
C GLY E 146 -27.22 -6.36 19.37
N ARG E 147 -28.29 -5.87 20.00
CA ARG E 147 -28.59 -6.21 21.38
C ARG E 147 -29.88 -7.02 21.49
N THR E 148 -29.99 -7.76 22.59
CA THR E 148 -31.20 -8.53 22.95
C THR E 148 -31.68 -8.19 24.36
N THR E 149 -30.92 -7.39 25.10
CA THR E 149 -31.38 -6.84 26.38
C THR E 149 -31.25 -5.31 26.35
N GLY E 150 -32.31 -4.63 26.76
CA GLY E 150 -32.35 -3.16 26.81
C GLY E 150 -33.77 -2.61 26.98
N ILE E 151 -33.92 -1.29 27.01
CA ILE E 151 -35.24 -0.67 26.96
C ILE E 151 -35.35 0.29 25.76
N VAL E 152 -36.35 0.06 24.91
CA VAL E 152 -36.50 0.78 23.66
C VAL E 152 -37.57 1.83 23.76
N LEU E 153 -37.27 3.02 23.25
CA LEU E 153 -38.29 4.00 22.99
C LEU E 153 -38.51 4.04 21.48
N ASP E 154 -39.67 3.53 21.04
CA ASP E 154 -40.07 3.51 19.62
C ASP E 154 -41.14 4.56 19.34
N SER E 155 -40.80 5.55 18.50
CA SER E 155 -41.73 6.61 18.10
C SER E 155 -41.75 6.78 16.59
N GLY E 156 -42.86 6.40 15.98
CA GLY E 156 -43.03 6.57 14.55
C GLY E 156 -43.98 7.70 14.19
N ASP E 157 -44.93 7.40 13.32
CA ASP E 157 -45.87 8.40 12.84
C ASP E 157 -47.13 8.43 13.68
N GLY E 158 -47.52 7.27 14.22
CA GLY E 158 -48.82 7.11 14.90
C GLY E 158 -48.86 6.59 16.33
N VAL E 159 -47.76 6.00 16.80
CA VAL E 159 -47.69 5.50 18.16
C VAL E 159 -46.25 5.49 18.69
N THR E 160 -46.16 5.62 20.02
CA THR E 160 -44.90 5.64 20.73
C THR E 160 -45.00 4.62 21.88
N HIS E 161 -43.93 3.84 22.04
CA HIS E 161 -43.86 2.84 23.12
C HIS E 161 -42.57 2.89 23.87
N ASN E 162 -42.63 2.54 25.17
CA ASN E 162 -41.45 2.12 25.91
C ASN E 162 -41.53 0.61 26.06
N VAL E 163 -40.50 -0.11 25.59
CA VAL E 163 -40.47 -1.58 25.63
C VAL E 163 -39.19 -2.09 26.28
N PRO E 164 -39.27 -2.55 27.55
CA PRO E 164 -38.13 -3.25 28.13
C PRO E 164 -38.07 -4.69 27.61
N ILE E 165 -36.85 -5.13 27.24
CA ILE E 165 -36.60 -6.42 26.58
C ILE E 165 -35.48 -7.13 27.32
N TYR E 166 -35.74 -8.34 27.76
CA TYR E 166 -34.71 -9.09 28.43
C TYR E 166 -34.54 -10.41 27.71
N GLU E 167 -33.32 -10.61 27.21
CA GLU E 167 -32.95 -11.78 26.43
C GLU E 167 -34.02 -12.12 25.40
N GLY E 168 -34.33 -11.10 24.59
CA GLY E 168 -35.22 -11.24 23.43
C GLY E 168 -36.68 -11.00 23.76
N TYR E 169 -37.04 -11.22 25.02
CA TYR E 169 -38.44 -11.13 25.41
C TYR E 169 -38.83 -9.74 25.84
N ALA E 170 -39.74 -9.14 25.08
CA ALA E 170 -40.46 -7.96 25.55
C ALA E 170 -41.27 -8.36 26.80
N LEU E 171 -41.27 -7.49 27.80
CA LEU E 171 -41.95 -7.79 29.05
C LEU E 171 -43.30 -7.07 29.04
N PRO E 172 -44.39 -7.81 28.70
CA PRO E 172 -45.66 -7.16 28.39
C PRO E 172 -46.19 -6.24 29.52
N HIS E 173 -45.98 -6.63 30.78
CA HIS E 173 -46.41 -5.90 31.99
C HIS E 173 -45.77 -4.55 32.19
N ALA E 174 -44.64 -4.31 31.53
CA ALA E 174 -43.92 -3.05 31.70
C ALA E 174 -43.93 -2.16 30.45
N ILE E 175 -44.54 -2.66 29.38
CA ILE E 175 -44.65 -1.90 28.12
C ILE E 175 -45.49 -0.65 28.30
N MET E 176 -44.99 0.50 27.83
CA MET E 176 -45.77 1.75 27.87
C MET E 176 -46.21 2.19 26.47
N ARG E 177 -47.43 2.73 26.38
CA ARG E 177 -47.99 3.28 25.13
C ARG E 177 -48.42 4.74 25.32
N LEU E 178 -48.01 5.58 24.36
CA LEU E 178 -48.44 6.99 24.28
C LEU E 178 -48.88 7.24 22.84
N ASP E 179 -50.05 7.81 22.64
CA ASP E 179 -50.50 8.03 21.26
C ASP E 179 -49.83 9.21 20.53
N LEU E 180 -49.18 10.11 21.29
CA LEU E 180 -48.38 11.23 20.75
C LEU E 180 -47.15 10.75 19.96
N ALA E 181 -47.07 11.10 18.66
CA ALA E 181 -46.00 10.66 17.70
C ALA E 181 -45.77 11.66 16.52
N GLY E 182 -45.24 11.19 15.39
CA GLY E 182 -44.76 12.08 14.32
C GLY E 182 -45.78 13.00 13.67
N ARG E 183 -46.89 12.39 13.27
CA ARG E 183 -47.99 13.11 12.63
C ARG E 183 -48.53 14.16 13.56
N ASP E 184 -48.54 13.80 14.84
CA ASP E 184 -49.10 14.64 15.86
C ASP E 184 -48.18 15.82 16.13
N LEU E 185 -46.87 15.61 15.98
CA LEU E 185 -45.94 16.72 16.10
C LEU E 185 -46.03 17.68 14.90
N THR E 186 -46.26 17.12 13.71
CA THR E 186 -46.60 17.92 12.52
C THR E 186 -47.84 18.81 12.79
N ASP E 187 -48.93 18.19 13.28
CA ASP E 187 -50.15 18.92 13.69
C ASP E 187 -49.92 20.05 14.69
N TYR E 188 -49.15 19.79 15.75
CA TYR E 188 -48.81 20.84 16.72
C TYR E 188 -47.94 21.94 16.11
N LEU E 189 -47.02 21.61 15.19
CA LEU E 189 -46.26 22.65 14.48
C LEU E 189 -47.17 23.53 13.61
N MET E 190 -48.17 22.93 12.97
CA MET E 190 -49.25 23.67 12.30
C MET E 190 -49.98 24.66 13.25
N LYS E 191 -50.24 24.21 14.49
CA LYS E 191 -50.86 25.04 15.56
C LYS E 191 -49.96 26.19 16.05
N ILE E 192 -48.68 25.92 16.31
CA ILE E 192 -47.77 27.00 16.75
C ILE E 192 -47.31 27.95 15.63
N LEU E 193 -47.29 27.46 14.39
CA LEU E 193 -47.08 28.33 13.21
C LEU E 193 -48.26 29.27 12.97
N THR E 194 -49.40 28.97 13.62
CA THR E 194 -50.58 29.85 13.75
C THR E 194 -50.25 31.23 14.37
N GLU E 195 -49.31 31.24 15.31
CA GLU E 195 -48.85 32.47 15.95
C GLU E 195 -48.16 33.39 14.96
N ARG E 196 -47.22 32.85 14.17
CA ARG E 196 -46.56 33.62 13.09
C ARG E 196 -47.54 33.93 11.96
N GLY E 197 -48.78 33.47 12.11
CA GLY E 197 -49.83 33.76 11.14
C GLY E 197 -49.74 33.01 9.82
N TYR E 198 -49.07 31.85 9.82
CA TYR E 198 -49.08 30.97 8.66
C TYR E 198 -50.10 29.84 8.86
N SER E 199 -51.03 29.69 7.92
CA SER E 199 -52.04 28.63 8.00
C SER E 199 -51.84 27.45 7.07
N PHE E 200 -51.80 26.27 7.69
CA PHE E 200 -51.66 24.97 7.01
C PHE E 200 -52.74 24.02 7.48
N VAL E 201 -53.46 23.42 6.54
CA VAL E 201 -54.57 22.52 6.85
C VAL E 201 -54.64 21.28 5.92
N THR E 202 -54.58 21.51 4.61
CA THR E 202 -54.82 20.45 3.60
C THR E 202 -53.79 19.34 3.56
N THR E 203 -54.12 18.30 2.80
CA THR E 203 -53.23 17.20 2.45
C THR E 203 -51.86 17.74 2.11
N ALA E 204 -51.82 18.57 1.06
CA ALA E 204 -50.60 19.18 0.53
C ALA E 204 -49.88 20.03 1.56
N GLU E 205 -50.65 20.82 2.31
CA GLU E 205 -50.08 21.72 3.31
C GLU E 205 -49.45 20.99 4.51
N ARG E 206 -50.11 19.93 4.99
CA ARG E 206 -49.52 19.15 6.09
C ARG E 206 -48.15 18.55 5.71
N GLU E 207 -47.99 18.17 4.42
CA GLU E 207 -46.71 17.71 3.85
C GLU E 207 -45.59 18.76 3.97
N ILE E 208 -45.90 20.01 3.67
CA ILE E 208 -44.94 21.12 3.82
C ILE E 208 -44.49 21.20 5.28
N VAL E 209 -45.45 21.17 6.21
CA VAL E 209 -45.15 21.24 7.64
C VAL E 209 -44.38 20.02 8.15
N ARG E 210 -44.76 18.83 7.71
CA ARG E 210 -44.00 17.64 8.05
C ARG E 210 -42.55 17.83 7.61
N ASP E 211 -42.38 18.34 6.39
CA ASP E 211 -41.05 18.60 5.82
C ASP E 211 -40.24 19.59 6.65
N ILE E 212 -40.88 20.70 7.02
CA ILE E 212 -40.22 21.73 7.83
C ILE E 212 -39.78 21.17 9.19
N LYS E 213 -40.67 20.37 9.79
CA LYS E 213 -40.44 19.70 11.07
C LYS E 213 -39.17 18.87 10.98
N GLU E 214 -39.09 18.04 9.94
CA GLU E 214 -37.96 17.14 9.69
C GLU E 214 -36.66 17.88 9.35
N LYS E 215 -36.78 19.07 8.77
CA LYS E 215 -35.62 19.87 8.32
C LYS E 215 -35.00 20.81 9.35
N LEU E 216 -35.84 21.40 10.22
CA LEU E 216 -35.33 22.46 11.07
C LEU E 216 -35.52 22.34 12.58
N CYS E 217 -36.41 21.45 13.02
CA CYS E 217 -36.64 21.24 14.45
C CYS E 217 -35.47 20.53 15.18
N TYR E 218 -35.24 20.88 16.44
CA TYR E 218 -34.24 20.21 17.30
C TYR E 218 -34.73 20.19 18.77
N VAL E 219 -34.08 19.40 19.62
CA VAL E 219 -34.46 19.34 21.04
C VAL E 219 -33.48 20.12 21.91
N ALA E 220 -34.01 21.07 22.67
CA ALA E 220 -33.24 21.87 23.63
C ALA E 220 -32.88 21.06 24.87
N LEU E 221 -31.62 21.17 25.32
CA LEU E 221 -31.16 20.50 26.55
C LEU E 221 -31.78 21.13 27.80
N ASP E 222 -31.90 22.45 27.75
CA ASP E 222 -32.52 23.26 28.78
C ASP E 222 -33.54 24.13 28.07
N PHE E 223 -34.80 23.69 28.05
CA PHE E 223 -35.89 24.39 27.35
C PHE E 223 -36.03 25.84 27.80
N GLU E 224 -36.06 26.07 29.11
CA GLU E 224 -36.24 27.42 29.68
C GLU E 224 -35.06 28.34 29.34
N ASN E 225 -33.83 27.83 29.42
CA ASN E 225 -32.65 28.59 29.00
C ASN E 225 -32.66 28.84 27.49
N GLU E 226 -33.15 27.85 26.73
CA GLU E 226 -33.31 27.98 25.28
C GLU E 226 -34.33 29.02 24.90
N MET E 227 -35.45 29.04 25.63
CA MET E 227 -36.49 30.06 25.45
C MET E 227 -35.91 31.45 25.77
N ALA E 228 -35.28 31.59 26.94
CA ALA E 228 -34.66 32.86 27.38
C ALA E 228 -33.57 33.39 26.45
N THR E 229 -32.93 32.47 25.72
CA THR E 229 -31.84 32.74 24.77
C THR E 229 -32.32 33.12 23.35
N ALA E 230 -33.39 32.48 22.89
CA ALA E 230 -33.97 32.69 21.55
C ALA E 230 -34.40 34.13 21.48
N ALA E 231 -35.09 34.51 22.54
CA ALA E 231 -35.62 35.84 22.76
C ALA E 231 -34.52 36.88 22.79
N SER E 232 -33.27 36.40 22.83
CA SER E 232 -32.12 37.26 22.99
C SER E 232 -31.36 37.28 21.69
N SER E 233 -30.42 36.34 21.57
CA SER E 233 -29.48 36.32 20.49
C SER E 233 -30.17 35.94 19.19
N SER E 234 -29.52 35.03 18.49
CA SER E 234 -30.13 34.13 17.55
C SER E 234 -29.18 33.81 16.41
N SER E 235 -28.55 32.65 16.53
CA SER E 235 -28.26 31.87 15.35
C SER E 235 -29.49 30.96 15.29
N LEU E 236 -30.44 31.20 16.20
CA LEU E 236 -31.67 30.41 16.32
C LEU E 236 -32.59 30.50 15.09
N GLU E 237 -32.85 31.71 14.62
CA GLU E 237 -33.85 31.93 13.58
C GLU E 237 -33.34 31.56 12.18
N LYS E 238 -34.18 30.84 11.45
CA LYS E 238 -33.83 30.28 10.14
C LYS E 238 -34.93 30.61 9.16
N ILE E 250 -38.58 30.90 11.02
CA ILE E 250 -38.89 30.08 12.19
C ILE E 250 -37.88 30.32 13.31
N GLY E 251 -38.39 30.41 14.54
CA GLY E 251 -37.56 30.65 15.72
C GLY E 251 -37.70 29.57 16.78
N ASN E 252 -38.29 29.93 17.92
CA ASN E 252 -38.47 28.99 19.03
C ASN E 252 -39.37 27.75 18.76
N GLU E 253 -40.18 27.80 17.68
CA GLU E 253 -40.96 26.63 17.22
C GLU E 253 -40.07 25.43 16.86
N ARG E 254 -38.82 25.71 16.47
CA ARG E 254 -37.83 24.67 16.18
C ARG E 254 -37.76 23.68 17.34
N PHE E 255 -37.69 24.18 18.58
CA PHE E 255 -37.57 23.30 19.75
C PHE E 255 -38.83 23.10 20.59
N ARG E 256 -39.79 24.00 20.44
CA ARG E 256 -41.10 23.92 21.13
C ARG E 256 -41.91 22.76 20.59
N CYS E 257 -41.75 22.47 19.30
CA CYS E 257 -42.52 21.40 18.70
C CYS E 257 -42.16 20.06 19.33
N PRO E 258 -40.88 19.67 19.29
CA PRO E 258 -40.55 18.40 19.93
C PRO E 258 -40.56 18.43 21.47
N GLU E 259 -40.55 19.62 22.07
CA GLU E 259 -40.70 19.78 23.53
C GLU E 259 -41.95 19.07 24.05
N THR E 260 -42.97 19.02 23.18
CA THR E 260 -44.23 18.31 23.42
C THR E 260 -44.06 16.86 23.92
N LEU E 261 -43.01 16.18 23.44
CA LEU E 261 -42.70 14.81 23.87
C LEU E 261 -42.39 14.72 25.37
N PHE E 262 -41.68 15.71 25.90
CA PHE E 262 -41.29 15.74 27.31
C PHE E 262 -42.35 16.44 28.17
N GLN E 263 -43.15 17.31 27.53
CA GLN E 263 -44.28 18.00 28.18
C GLN E 263 -45.58 17.85 27.32
N PRO E 264 -46.26 16.68 27.39
CA PRO E 264 -47.50 16.46 26.63
C PRO E 264 -48.61 17.50 26.89
N SER E 265 -48.48 18.31 27.95
CA SER E 265 -49.42 19.39 28.20
C SER E 265 -49.50 20.39 27.06
N PHE E 266 -48.44 20.49 26.26
CA PHE E 266 -48.41 21.36 25.08
C PHE E 266 -49.55 21.07 24.07
N ILE E 267 -50.01 19.83 23.97
CA ILE E 267 -51.25 19.53 23.20
C ILE E 267 -52.32 18.96 24.12
N GLY E 268 -52.28 19.40 25.37
CA GLY E 268 -53.40 19.23 26.30
C GLY E 268 -53.50 17.88 26.98
N MET E 269 -52.41 17.13 26.98
CA MET E 269 -52.37 15.87 27.72
C MET E 269 -51.82 16.12 29.13
N GLU E 270 -52.40 15.51 30.15
CA GLU E 270 -51.78 15.50 31.48
C GLU E 270 -50.79 14.35 31.65
N SER E 271 -50.65 13.56 30.59
CA SER E 271 -49.73 12.44 30.51
C SER E 271 -48.29 12.80 30.91
N ALA E 272 -47.61 11.80 31.48
CA ALA E 272 -46.17 11.82 31.70
C ALA E 272 -45.44 11.98 30.37
N GLY E 273 -44.33 12.71 30.39
CA GLY E 273 -43.43 12.84 29.24
C GLY E 273 -42.67 11.54 28.95
N ILE E 274 -42.00 11.51 27.80
CA ILE E 274 -41.34 10.29 27.34
C ILE E 274 -40.21 9.79 28.25
N HIS E 275 -39.56 10.73 28.94
CA HIS E 275 -38.53 10.38 29.93
C HIS E 275 -39.12 9.68 31.11
N GLU E 276 -40.25 10.19 31.57
CA GLU E 276 -40.98 9.64 32.70
C GLU E 276 -41.57 8.26 32.40
N THR E 277 -42.12 8.09 31.20
CA THR E 277 -42.73 6.81 30.83
C THR E 277 -41.65 5.74 30.70
N THR E 278 -40.47 6.16 30.22
CA THR E 278 -39.30 5.29 30.13
C THR E 278 -38.98 4.78 31.55
N TYR E 279 -38.84 5.73 32.47
CA TYR E 279 -38.59 5.44 33.88
C TYR E 279 -39.66 4.56 34.50
N ASN E 280 -40.93 4.89 34.25
CA ASN E 280 -42.04 4.10 34.77
C ASN E 280 -42.01 2.67 34.28
N SER E 281 -41.65 2.51 33.00
CA SER E 281 -41.50 1.21 32.38
C SER E 281 -40.39 0.39 33.09
N ILE E 282 -39.24 1.01 33.32
CA ILE E 282 -38.12 0.46 34.11
C ILE E 282 -38.55 0.01 35.51
N MET E 283 -39.33 0.85 36.19
CA MET E 283 -39.78 0.57 37.55
C MET E 283 -40.84 -0.52 37.64
N LYS E 284 -41.46 -0.87 36.51
CA LYS E 284 -42.36 -2.02 36.41
C LYS E 284 -41.63 -3.35 36.13
N CYS E 285 -40.31 -3.28 35.97
CA CYS E 285 -39.47 -4.47 35.81
C CYS E 285 -38.80 -4.88 37.12
N ASP E 286 -38.46 -6.16 37.21
CA ASP E 286 -37.70 -6.72 38.32
C ASP E 286 -36.48 -5.84 38.66
N ILE E 287 -36.28 -5.54 39.94
CA ILE E 287 -35.19 -4.65 40.38
C ILE E 287 -33.80 -5.10 39.89
N ASP E 288 -33.60 -6.40 39.78
CA ASP E 288 -32.29 -6.96 39.45
C ASP E 288 -31.95 -6.91 37.98
N ILE E 289 -32.91 -6.51 37.15
CA ILE E 289 -32.69 -6.39 35.71
C ILE E 289 -32.63 -4.91 35.28
N ARG E 290 -32.83 -4.01 36.24
CA ARG E 290 -32.95 -2.57 35.92
C ARG E 290 -31.65 -1.91 35.45
N LYS E 291 -30.53 -2.24 36.09
CA LYS E 291 -29.24 -1.65 35.76
C LYS E 291 -28.89 -1.89 34.30
N ASP E 292 -29.29 -3.06 33.80
CA ASP E 292 -29.12 -3.49 32.41
C ASP E 292 -29.95 -2.64 31.45
N LEU E 293 -31.16 -2.28 31.90
CA LEU E 293 -32.05 -1.54 31.07
C LEU E 293 -31.56 -0.09 31.01
N TYR E 294 -31.10 0.44 32.15
CA TYR E 294 -30.56 1.82 32.22
C TYR E 294 -29.37 2.00 31.30
N ALA E 295 -28.55 0.96 31.26
CA ALA E 295 -27.32 0.93 30.49
C ALA E 295 -27.57 0.71 29.00
N ASN E 296 -28.81 0.42 28.62
CA ASN E 296 -29.14 0.15 27.22
C ASN E 296 -30.46 0.75 26.77
N ASN E 297 -30.54 2.07 26.79
CA ASN E 297 -31.74 2.74 26.34
C ASN E 297 -31.66 3.16 24.86
N VAL E 298 -32.31 2.41 23.98
CA VAL E 298 -32.23 2.68 22.55
C VAL E 298 -33.45 3.39 22.03
N MET E 299 -33.23 4.39 21.19
CA MET E 299 -34.32 5.09 20.51
C MET E 299 -34.48 4.61 19.07
N SER E 300 -35.74 4.43 18.63
CA SER E 300 -36.05 4.06 17.23
C SER E 300 -37.33 4.71 16.68
N GLY E 301 -37.46 4.76 15.34
CA GLY E 301 -38.61 5.41 14.67
C GLY E 301 -38.31 6.84 14.21
N GLY E 302 -39.01 7.27 13.16
CA GLY E 302 -38.71 8.57 12.53
C GLY E 302 -38.77 9.73 13.49
N THR E 303 -39.66 9.62 14.45
CA THR E 303 -39.90 10.73 15.34
C THR E 303 -38.81 10.89 16.40
N THR E 304 -37.87 9.96 16.47
CA THR E 304 -36.73 10.15 17.38
C THR E 304 -35.54 10.81 16.67
N MET E 305 -35.78 11.31 15.46
CA MET E 305 -34.70 11.78 14.59
C MET E 305 -34.15 13.18 14.85
N TYR E 306 -34.71 13.85 15.86
CA TYR E 306 -34.34 15.22 16.18
C TYR E 306 -32.91 15.34 16.74
N PRO E 307 -32.06 16.20 16.11
CA PRO E 307 -30.75 16.49 16.68
C PRO E 307 -30.83 16.87 18.18
N GLY E 308 -29.93 16.34 19.00
CA GLY E 308 -29.87 16.73 20.42
C GLY E 308 -30.82 16.00 21.35
N ILE E 309 -31.66 15.14 20.78
CA ILE E 309 -32.66 14.42 21.55
C ILE E 309 -32.01 13.47 22.56
N ALA E 310 -30.92 12.85 22.11
CA ALA E 310 -30.13 11.95 22.95
C ALA E 310 -29.63 12.71 24.17
N ASP E 311 -29.08 13.89 23.90
CA ASP E 311 -28.40 14.71 24.88
C ASP E 311 -29.39 15.16 25.97
N ARG E 312 -30.59 15.56 25.51
CA ARG E 312 -31.66 15.96 26.43
C ARG E 312 -32.17 14.79 27.27
N MET E 313 -32.39 13.65 26.63
CA MET E 313 -32.89 12.50 27.35
C MET E 313 -31.87 12.05 28.41
N GLN E 314 -30.57 12.12 28.06
CA GLN E 314 -29.48 11.82 29.02
C GLN E 314 -29.66 12.63 30.30
N LYS E 315 -29.88 13.93 30.15
CA LYS E 315 -30.17 14.83 31.28
C LYS E 315 -31.42 14.45 32.09
N GLU E 316 -32.52 14.19 31.39
CA GLU E 316 -33.81 13.86 32.03
C GLU E 316 -33.83 12.53 32.79
N ILE E 317 -33.25 11.50 32.20
CA ILE E 317 -33.17 10.16 32.85
C ILE E 317 -32.19 10.19 34.03
N THR E 318 -31.11 10.97 33.88
CA THR E 318 -30.18 11.26 34.97
C THR E 318 -30.98 11.74 36.19
N ALA E 319 -31.93 12.65 35.95
CA ALA E 319 -32.78 13.20 37.02
C ALA E 319 -33.75 12.20 37.69
N LEU E 320 -34.01 11.08 37.02
CA LEU E 320 -34.95 10.05 37.53
C LEU E 320 -34.30 8.90 38.33
N ALA E 321 -33.11 8.48 37.92
CA ALA E 321 -32.42 7.34 38.54
C ALA E 321 -31.67 7.69 39.84
N PRO E 322 -31.34 6.69 40.71
CA PRO E 322 -30.34 6.98 41.75
C PRO E 322 -29.04 7.52 41.12
N SER E 323 -28.44 8.54 41.74
CA SER E 323 -27.41 9.36 41.09
C SER E 323 -26.09 8.64 40.76
N THR E 324 -25.94 7.42 41.24
CA THR E 324 -24.76 6.61 40.94
C THR E 324 -24.96 5.70 39.72
N MET E 325 -26.20 5.65 39.20
CA MET E 325 -26.58 4.75 38.09
C MET E 325 -25.89 4.98 36.72
N LYS E 326 -25.47 3.87 36.11
CA LYS E 326 -24.85 3.83 34.79
C LYS E 326 -25.92 4.02 33.70
N ILE E 327 -25.90 5.19 33.02
CA ILE E 327 -26.95 5.57 32.01
C ILE E 327 -26.43 5.78 30.58
N LYS E 328 -27.05 5.11 29.62
CA LYS E 328 -26.62 5.22 28.23
C LYS E 328 -27.83 5.27 27.32
N ILE E 329 -27.84 6.30 26.47
CA ILE E 329 -28.89 6.46 25.47
C ILE E 329 -28.32 6.17 24.11
N ILE E 330 -28.92 5.21 23.43
CA ILE E 330 -28.44 4.80 22.14
C ILE E 330 -29.27 5.43 21.04
N ALA E 331 -28.57 6.23 20.22
CA ALA E 331 -29.18 6.93 19.09
C ALA E 331 -28.36 6.78 17.79
N PRO E 332 -28.61 5.69 17.04
CA PRO E 332 -28.02 5.49 15.72
C PRO E 332 -28.56 6.45 14.66
N PRO E 333 -27.69 6.91 13.74
CA PRO E 333 -28.16 7.79 12.65
C PRO E 333 -29.28 7.22 11.76
N GLU E 334 -29.46 5.90 11.74
CA GLU E 334 -30.44 5.28 10.84
C GLU E 334 -31.69 4.80 11.56
N ARG E 335 -31.83 5.22 12.81
CA ARG E 335 -32.91 4.72 13.67
C ARG E 335 -34.33 4.92 13.08
N LYS E 336 -34.42 5.73 12.03
CA LYS E 336 -35.61 5.87 11.22
C LYS E 336 -36.12 4.50 10.75
N TYR E 337 -35.19 3.59 10.50
CA TYR E 337 -35.55 2.31 9.95
C TYR E 337 -35.06 1.19 10.78
N SER E 338 -34.71 1.46 12.03
CA SER E 338 -34.13 0.46 12.93
C SER E 338 -34.94 -0.82 12.97
N VAL E 339 -36.25 -0.65 12.98
CA VAL E 339 -37.20 -1.75 12.94
C VAL E 339 -36.93 -2.59 11.69
N TRP E 340 -36.98 -1.97 10.51
CA TRP E 340 -36.79 -2.71 9.25
C TRP E 340 -35.45 -3.39 9.18
N ILE E 341 -34.43 -2.64 9.56
CA ILE E 341 -33.08 -3.10 9.55
C ILE E 341 -32.91 -4.29 10.48
N GLY E 342 -33.42 -4.22 11.71
CA GLY E 342 -33.42 -5.37 12.61
C GLY E 342 -34.08 -6.59 12.01
N GLY E 343 -35.08 -6.35 11.17
CA GLY E 343 -35.76 -7.42 10.42
C GLY E 343 -34.91 -7.99 9.31
N SER E 344 -34.28 -7.11 8.52
CA SER E 344 -33.34 -7.49 7.45
C SER E 344 -32.27 -8.40 8.01
N ILE E 345 -31.72 -7.97 9.14
CA ILE E 345 -30.77 -8.72 9.89
C ILE E 345 -31.31 -10.09 10.27
N LEU E 346 -32.43 -10.13 10.97
CA LEU E 346 -32.86 -11.41 11.53
C LEU E 346 -33.24 -12.38 10.42
N ALA E 347 -33.96 -11.89 9.41
CA ALA E 347 -34.32 -12.74 8.26
C ALA E 347 -33.10 -13.27 7.46
N SER E 348 -31.94 -12.63 7.62
CA SER E 348 -30.71 -13.00 6.91
C SER E 348 -29.89 -14.00 7.66
N LEU E 349 -30.21 -14.17 8.94
CA LEU E 349 -29.55 -15.17 9.75
C LEU E 349 -29.92 -16.62 9.45
N SER E 350 -28.90 -17.44 9.29
CA SER E 350 -29.09 -18.87 9.12
C SER E 350 -29.86 -19.50 10.29
N THR E 351 -29.60 -19.05 11.52
CA THR E 351 -30.25 -19.63 12.74
C THR E 351 -31.76 -19.47 12.68
N PHE E 352 -32.19 -18.45 11.94
CA PHE E 352 -33.60 -18.06 11.80
C PHE E 352 -34.35 -18.90 10.76
N GLN E 353 -33.63 -19.49 9.81
CA GLN E 353 -34.28 -20.21 8.70
C GLN E 353 -35.18 -21.36 9.16
N GLN E 354 -34.80 -22.00 10.27
CA GLN E 354 -35.63 -23.03 10.89
C GLN E 354 -36.88 -22.46 11.61
N MET E 355 -36.92 -21.14 11.80
CA MET E 355 -37.94 -20.49 12.64
C MET E 355 -39.12 -19.87 11.85
N TRP E 356 -39.00 -19.80 10.52
CA TRP E 356 -40.14 -19.45 9.67
C TRP E 356 -41.32 -20.36 9.94
N ILE E 357 -42.52 -19.81 9.83
CA ILE E 357 -43.73 -20.64 9.73
C ILE E 357 -43.85 -21.02 8.24
N THR E 358 -43.85 -22.31 7.95
CA THR E 358 -43.97 -22.76 6.55
C THR E 358 -45.43 -22.83 6.12
N LYS E 359 -45.68 -22.77 4.80
CA LYS E 359 -47.02 -22.94 4.21
C LYS E 359 -47.63 -24.23 4.71
N GLN E 360 -46.84 -25.31 4.66
CA GLN E 360 -47.26 -26.61 5.17
C GLN E 360 -47.67 -26.60 6.65
N GLU E 361 -46.84 -26.02 7.53
CA GLU E 361 -47.16 -25.87 8.97
C GLU E 361 -48.48 -25.09 9.19
N TYR E 362 -48.67 -24.00 8.44
CA TYR E 362 -49.92 -23.22 8.46
C TYR E 362 -51.14 -24.03 8.04
N ASP E 363 -51.03 -24.78 6.94
CA ASP E 363 -52.12 -25.58 6.41
C ASP E 363 -52.62 -26.59 7.46
N GLU E 364 -51.67 -27.17 8.20
CA GLU E 364 -51.95 -28.19 9.19
C GLU E 364 -52.40 -27.63 10.54
N ALA E 365 -51.92 -26.43 10.89
CA ALA E 365 -52.21 -25.85 12.22
C ALA E 365 -53.15 -24.62 12.26
N GLY E 366 -53.29 -23.92 11.14
CA GLY E 366 -54.21 -22.76 11.05
C GLY E 366 -53.56 -21.44 11.44
N PRO E 367 -54.28 -20.29 11.33
CA PRO E 367 -53.71 -18.96 11.68
C PRO E 367 -53.12 -18.88 13.10
N SER E 368 -53.67 -19.64 14.04
CA SER E 368 -53.24 -19.66 15.44
C SER E 368 -51.83 -20.20 15.67
N ILE E 369 -51.26 -20.88 14.67
CA ILE E 369 -49.86 -21.32 14.71
C ILE E 369 -48.90 -20.13 14.98
N VAL E 370 -49.32 -18.92 14.64
CA VAL E 370 -48.53 -17.68 14.87
C VAL E 370 -48.14 -17.46 16.35
N HIS E 371 -49.03 -17.81 17.27
CA HIS E 371 -48.73 -17.73 18.69
C HIS E 371 -47.84 -18.85 19.11
N LEU F 1 22.45 44.03 -1.57
CA LEU F 1 22.96 42.62 -1.28
C LEU F 1 23.02 42.24 0.18
N SER F 2 23.01 43.22 1.06
CA SER F 2 22.98 42.90 2.45
C SER F 2 21.63 42.31 2.75
N GLU F 3 20.74 42.35 1.79
CA GLU F 3 19.39 42.12 2.17
C GLU F 3 19.05 40.77 1.63
N ARG F 4 19.49 40.52 0.39
CA ARG F 4 19.40 39.19 -0.20
C ARG F 4 19.90 38.13 0.82
N LYS F 5 20.90 38.50 1.63
CA LYS F 5 21.50 37.60 2.60
C LYS F 5 20.59 37.25 3.74
N ASN F 6 19.78 38.18 4.20
CA ASN F 6 18.94 37.88 5.33
C ASN F 6 17.76 37.01 5.02
N VAL F 7 17.02 37.32 3.96
CA VAL F 7 15.90 36.47 3.54
C VAL F 7 16.38 35.03 3.40
N LEU F 8 17.51 34.85 2.73
CA LEU F 8 18.09 33.53 2.55
C LEU F 8 18.28 32.84 3.86
N GLN F 9 19.05 33.48 4.72
CA GLN F 9 19.35 32.91 6.00
C GLN F 9 18.11 32.59 6.78
N LEU F 10 17.00 33.24 6.50
CA LEU F 10 15.79 32.89 7.24
C LEU F 10 15.04 31.76 6.53
N LYS F 11 15.47 31.46 5.32
CA LYS F 11 14.76 30.51 4.50
C LYS F 11 15.50 29.21 4.45
N LEU F 12 16.76 29.25 4.85
CA LEU F 12 17.55 28.06 4.88
C LEU F 12 17.40 27.38 6.21
N GLN F 13 16.95 28.13 7.22
CA GLN F 13 16.56 27.50 8.48
C GLN F 13 15.08 27.27 8.55
N GLN F 14 14.40 27.62 7.48
CA GLN F 14 13.07 27.16 7.36
C GLN F 14 13.03 25.79 6.71
N ARG F 15 14.16 25.13 6.47
CA ARG F 15 14.03 23.93 5.64
C ARG F 15 13.92 22.59 6.33
N ARG F 16 13.05 21.74 5.80
CA ARG F 16 12.97 20.35 6.25
C ARG F 16 14.15 19.55 5.68
N THR F 17 14.45 18.45 6.35
CA THR F 17 15.59 17.64 6.02
C THR F 17 15.19 16.63 4.99
N ARG F 18 16.13 16.31 4.11
CA ARG F 18 15.78 15.48 2.94
C ARG F 18 15.18 14.16 3.32
N GLU F 19 15.75 13.55 4.35
CA GLU F 19 15.15 12.37 5.00
C GLU F 19 13.67 12.62 5.04
N GLU F 20 13.26 13.79 5.52
CA GLU F 20 11.86 14.06 5.75
C GLU F 20 11.14 14.21 4.45
N LEU F 21 11.91 14.49 3.41
CA LEU F 21 11.31 14.95 2.20
C LEU F 21 11.03 13.81 1.30
N VAL F 22 11.94 12.85 1.31
CA VAL F 22 11.73 11.63 0.60
C VAL F 22 10.71 10.85 1.40
N SER F 23 10.71 11.14 2.69
CA SER F 23 9.75 10.63 3.62
C SER F 23 8.38 11.11 3.25
N GLN F 24 8.32 12.20 2.49
CA GLN F 24 7.03 12.72 2.05
C GLN F 24 6.81 12.57 0.57
N GLY F 25 7.70 11.82 -0.07
CA GLY F 25 7.60 11.51 -1.49
C GLY F 25 7.97 12.68 -2.38
N ILE F 26 8.69 13.63 -1.83
CA ILE F 26 9.08 14.76 -2.58
C ILE F 26 10.45 14.44 -3.13
N MET F 27 11.29 13.89 -2.27
CA MET F 27 12.57 13.38 -2.69
C MET F 27 12.44 11.94 -3.12
N PRO F 28 13.23 11.51 -4.11
CA PRO F 28 13.44 10.08 -4.34
C PRO F 28 14.52 9.60 -3.40
N PRO F 29 14.67 8.27 -3.27
CA PRO F 29 15.56 7.88 -2.20
C PRO F 29 16.95 8.19 -2.53
N LEU F 30 17.53 9.11 -1.76
CA LEU F 30 18.96 9.27 -1.76
C LEU F 30 19.55 7.85 -1.69
N LYS F 31 20.64 7.61 -2.41
CA LYS F 31 21.31 6.29 -2.43
C LYS F 31 20.88 5.40 -3.59
N SER F 32 19.66 5.60 -4.12
CA SER F 32 19.27 4.99 -5.40
C SER F 32 20.03 5.82 -6.39
N PRO F 33 20.26 5.32 -7.62
CA PRO F 33 21.00 6.14 -8.56
C PRO F 33 20.10 7.26 -9.09
N ALA F 34 20.67 8.47 -9.20
CA ALA F 34 19.88 9.64 -9.44
C ALA F 34 19.45 9.77 -10.87
N ALA F 35 20.31 9.47 -11.85
CA ALA F 35 19.77 9.13 -13.18
C ALA F 35 19.20 7.75 -12.97
N PHE F 36 18.08 7.44 -13.58
CA PHE F 36 17.41 6.12 -13.31
C PHE F 36 16.60 6.14 -12.02
N HIS F 37 15.84 7.20 -11.84
CA HIS F 37 14.77 7.11 -10.90
C HIS F 37 13.59 6.65 -11.65
N GLU F 38 13.57 7.03 -12.92
CA GLU F 38 12.52 6.57 -13.85
C GLU F 38 12.52 5.03 -13.98
N GLN F 39 13.58 4.46 -14.55
CA GLN F 39 13.62 3.03 -14.74
C GLN F 39 13.53 2.32 -13.43
N ARG F 40 14.17 2.85 -12.39
CA ARG F 40 14.08 2.24 -11.09
C ARG F 40 12.61 2.11 -10.73
N ARG F 41 11.86 3.21 -10.88
CA ARG F 41 10.43 3.23 -10.54
C ARG F 41 9.72 2.22 -11.41
N SER F 42 9.80 2.37 -12.75
CA SER F 42 9.30 1.37 -13.76
C SER F 42 9.47 -0.05 -13.29
N LEU F 43 10.69 -0.34 -12.93
CA LEU F 43 11.02 -1.63 -12.50
C LEU F 43 10.28 -2.01 -11.21
N GLU F 44 10.29 -1.18 -10.19
CA GLU F 44 9.56 -1.55 -8.98
C GLU F 44 8.10 -1.83 -9.32
N ARG F 45 7.57 -1.04 -10.25
CA ARG F 45 6.18 -1.09 -10.67
C ARG F 45 5.95 -2.45 -11.29
N ALA F 46 6.58 -2.73 -12.45
CA ALA F 46 6.51 -4.07 -13.01
C ALA F 46 6.57 -5.07 -11.87
N ARG F 47 7.72 -5.19 -11.20
CA ARG F 47 7.80 -6.13 -10.07
C ARG F 47 6.39 -6.29 -9.41
N THR F 48 5.77 -5.20 -9.00
CA THR F 48 4.48 -5.28 -8.33
C THR F 48 3.38 -5.78 -9.21
N GLU F 49 3.32 -5.28 -10.44
CA GLU F 49 2.29 -5.69 -11.41
C GLU F 49 2.26 -7.20 -11.56
N ASP F 50 3.45 -7.75 -11.57
CA ASP F 50 3.64 -9.15 -11.74
C ASP F 50 3.11 -9.88 -10.54
N TYR F 51 3.47 -9.43 -9.35
CA TYR F 51 2.95 -10.05 -8.14
C TYR F 51 1.47 -10.05 -8.14
N LEU F 52 0.92 -8.92 -8.50
CA LEU F 52 -0.51 -8.86 -8.67
C LEU F 52 -1.06 -9.89 -9.70
N LYS F 53 -0.58 -9.86 -10.95
CA LYS F 53 -1.06 -10.77 -12.00
C LYS F 53 -1.13 -12.22 -11.55
N ARG F 54 -0.22 -12.60 -10.64
CA ARG F 54 -0.16 -13.94 -10.03
C ARG F 54 -1.18 -13.99 -8.92
N LYS F 55 -0.97 -13.24 -7.84
CA LYS F 55 -1.80 -13.37 -6.65
C LYS F 55 -3.28 -13.26 -6.96
N ILE F 56 -3.56 -12.85 -8.19
CA ILE F 56 -4.92 -12.71 -8.68
C ILE F 56 -5.48 -14.03 -9.18
N ARG F 57 -4.78 -14.71 -10.09
CA ARG F 57 -5.29 -15.98 -10.52
C ARG F 57 -5.45 -16.91 -9.32
N SER F 58 -4.54 -16.81 -8.35
CA SER F 58 -4.60 -17.51 -7.07
C SER F 58 -5.72 -17.03 -6.14
N ARG F 59 -6.44 -15.98 -6.54
CA ARG F 59 -7.60 -15.47 -5.77
C ARG F 59 -8.61 -16.55 -5.46
N PRO F 60 -8.88 -16.77 -4.16
CA PRO F 60 -9.87 -17.67 -3.63
C PRO F 60 -11.31 -17.22 -3.90
N GLU F 61 -12.27 -18.02 -3.44
CA GLU F 61 -13.66 -17.71 -3.65
C GLU F 61 -14.16 -17.24 -2.32
N ARG F 62 -15.18 -16.39 -2.35
CA ARG F 62 -15.72 -15.89 -1.09
C ARG F 62 -15.94 -17.08 -0.14
N ALA F 63 -16.58 -18.11 -0.71
CA ALA F 63 -16.91 -19.37 -0.06
C ALA F 63 -15.82 -19.85 0.86
N GLU F 64 -14.64 -19.88 0.26
CA GLU F 64 -13.52 -20.55 0.80
C GLU F 64 -13.02 -19.81 2.01
N LEU F 65 -13.15 -18.50 1.99
CA LEU F 65 -12.66 -17.72 3.10
C LEU F 65 -13.55 -18.05 4.25
N VAL F 66 -14.83 -18.14 3.96
CA VAL F 66 -15.80 -18.37 5.01
C VAL F 66 -15.61 -19.75 5.59
N ARG F 67 -15.18 -20.69 4.74
CA ARG F 67 -14.84 -22.05 5.16
C ARG F 67 -13.74 -21.94 6.21
N MET F 68 -12.87 -20.98 6.05
CA MET F 68 -11.74 -20.84 6.96
C MET F 68 -12.04 -19.96 8.14
N HIS F 69 -13.21 -19.35 8.09
CA HIS F 69 -13.72 -18.52 9.15
C HIS F 69 -13.04 -17.21 9.06
N ILE F 70 -12.82 -16.77 7.84
CA ILE F 70 -12.20 -15.51 7.64
C ILE F 70 -13.26 -14.46 7.65
N LEU F 71 -14.26 -14.70 6.80
CA LEU F 71 -15.44 -13.88 6.69
C LEU F 71 -16.49 -14.53 7.53
N GLU F 72 -17.45 -13.72 7.99
CA GLU F 72 -18.62 -14.33 8.60
C GLU F 72 -19.48 -15.03 7.57
N GLU F 73 -20.15 -16.05 8.07
CA GLU F 73 -21.15 -16.77 7.36
C GLU F 73 -22.54 -16.13 7.61
N THR F 74 -23.24 -15.78 6.53
CA THR F 74 -22.71 -15.77 5.14
C THR F 74 -23.40 -14.63 4.43
N SER F 75 -24.70 -14.47 4.57
CA SER F 75 -25.23 -13.20 4.18
C SER F 75 -24.84 -12.31 5.38
N ALA F 76 -25.20 -11.03 5.42
CA ALA F 76 -26.20 -10.37 4.59
C ALA F 76 -25.58 -9.40 3.61
N GLU F 77 -24.94 -8.34 4.13
CA GLU F 77 -24.24 -7.34 3.32
C GLU F 77 -23.19 -6.64 4.16
N PRO F 78 -21.98 -6.37 3.57
CA PRO F 78 -20.90 -5.66 4.19
C PRO F 78 -21.24 -5.02 5.53
N SER F 79 -22.03 -3.97 5.46
CA SER F 79 -22.28 -3.12 6.61
C SER F 79 -23.08 -3.79 7.71
N LEU F 80 -24.07 -4.60 7.33
CA LEU F 80 -24.95 -5.23 8.32
C LEU F 80 -24.19 -6.19 9.21
N GLN F 81 -23.36 -6.98 8.53
CA GLN F 81 -22.54 -8.03 9.12
C GLN F 81 -21.99 -7.67 10.49
N ALA F 82 -21.19 -6.62 10.52
CA ALA F 82 -20.59 -6.17 11.74
C ALA F 82 -21.49 -6.37 12.98
N LYS F 83 -22.69 -5.79 12.92
CA LYS F 83 -23.64 -5.83 14.03
C LYS F 83 -24.17 -7.25 14.08
N GLN F 84 -24.71 -7.70 12.94
CA GLN F 84 -25.31 -9.02 12.80
C GLN F 84 -24.57 -10.11 13.56
N LEU F 85 -23.25 -10.08 13.51
CA LEU F 85 -22.44 -10.99 14.30
C LEU F 85 -22.64 -10.78 15.79
N LYS F 86 -22.67 -9.52 16.23
CA LYS F 86 -22.93 -9.19 17.64
C LYS F 86 -24.23 -9.86 18.04
N LEU F 87 -25.19 -9.77 17.14
CA LEU F 87 -26.50 -10.36 17.35
C LEU F 87 -26.43 -11.88 17.36
N LYS F 88 -25.63 -12.44 16.48
CA LYS F 88 -25.50 -13.91 16.44
C LYS F 88 -25.08 -14.37 17.83
N ARG F 89 -23.96 -13.85 18.31
CA ARG F 89 -23.47 -14.21 19.63
C ARG F 89 -24.51 -13.89 20.73
N ALA F 90 -25.12 -12.70 20.67
CA ALA F 90 -26.18 -12.38 21.63
C ALA F 90 -27.33 -13.42 21.67
N ARG F 91 -27.99 -13.62 20.53
CA ARG F 91 -29.16 -14.52 20.41
C ARG F 91 -28.87 -15.91 20.95
N LEU F 92 -27.67 -16.38 20.64
CA LEU F 92 -27.25 -17.68 21.07
C LEU F 92 -26.97 -17.79 22.56
N ALA F 93 -26.22 -16.83 23.12
CA ALA F 93 -25.87 -16.92 24.54
C ALA F 93 -27.13 -17.00 25.36
N ASP F 94 -28.12 -16.24 24.93
CA ASP F 94 -29.38 -16.21 25.61
C ASP F 94 -30.10 -17.55 25.46
N ASP F 95 -30.22 -18.04 24.23
CA ASP F 95 -30.74 -19.38 23.87
C ASP F 95 -30.10 -20.48 24.77
N LEU F 96 -28.91 -20.19 25.29
CA LEU F 96 -28.16 -21.16 26.05
C LEU F 96 -28.49 -20.99 27.54
N ASN F 97 -28.84 -19.76 27.90
CA ASN F 97 -28.99 -19.32 29.29
C ASN F 97 -29.96 -20.18 30.13
N GLU F 98 -31.21 -20.23 29.70
CA GLU F 98 -32.23 -21.08 30.32
C GLU F 98 -31.90 -22.57 30.12
N LYS F 99 -31.28 -22.89 28.98
CA LYS F 99 -31.00 -24.27 28.58
C LYS F 99 -30.18 -24.88 29.68
N ILE F 100 -29.21 -24.13 30.17
CA ILE F 100 -28.41 -24.57 31.30
C ILE F 100 -29.17 -24.39 32.62
N ALA F 101 -29.93 -23.29 32.73
CA ALA F 101 -30.70 -23.01 33.94
C ALA F 101 -31.56 -24.22 34.24
N GLN F 102 -32.36 -24.63 33.24
CA GLN F 102 -33.25 -25.78 33.37
C GLN F 102 -32.56 -27.09 32.95
N ARG F 103 -31.47 -27.37 33.64
CA ARG F 103 -30.69 -28.56 33.35
C ARG F 103 -31.02 -29.64 34.37
N PRO F 104 -31.65 -30.74 33.90
CA PRO F 104 -31.92 -31.93 34.71
C PRO F 104 -30.84 -32.25 35.76
N GLY F 105 -31.24 -32.70 36.95
CA GLY F 105 -30.27 -33.15 37.95
C GLY F 105 -29.81 -34.54 37.55
N PRO F 106 -28.77 -35.06 38.21
CA PRO F 106 -28.17 -36.33 37.78
C PRO F 106 -29.19 -37.45 37.86
N MET F 107 -30.01 -37.39 38.91
CA MET F 107 -31.13 -38.29 39.17
C MET F 107 -32.09 -38.48 38.00
N GLU F 108 -32.44 -37.37 37.36
CA GLU F 108 -33.29 -37.38 36.18
C GLU F 108 -32.75 -38.34 35.14
N LEU F 109 -31.45 -38.22 34.85
CA LEU F 109 -30.78 -39.08 33.91
C LEU F 109 -30.79 -40.53 34.37
N VAL F 110 -30.25 -40.76 35.57
CA VAL F 110 -30.07 -42.13 36.06
C VAL F 110 -31.38 -42.88 35.89
N GLU F 111 -32.47 -42.26 36.37
CA GLU F 111 -33.82 -42.84 36.28
C GLU F 111 -34.33 -42.90 34.83
N LYS F 112 -33.84 -42.00 33.98
CA LYS F 112 -34.19 -41.99 32.57
C LYS F 112 -33.40 -43.06 31.79
N ASN F 113 -32.83 -44.03 32.52
CA ASN F 113 -32.07 -45.17 31.96
C ASN F 113 -30.69 -44.84 31.34
N ILE F 114 -29.96 -43.90 31.95
CA ILE F 114 -28.65 -43.42 31.47
C ILE F 114 -27.78 -43.24 32.70
N LEU F 115 -26.56 -43.77 32.73
CA LEU F 115 -25.67 -43.58 33.90
C LEU F 115 -26.00 -44.54 35.02
N PRO F 116 -24.97 -44.96 35.79
CA PRO F 116 -25.15 -45.91 36.89
C PRO F 116 -25.61 -45.30 38.21
N VAL F 117 -26.08 -46.15 39.13
CA VAL F 117 -26.29 -45.79 40.53
C VAL F 117 -25.04 -45.18 41.15
PG ATP G . -11.56 10.47 2.43
O1G ATP G . -10.79 9.22 2.01
O2G ATP G . -11.58 10.85 3.89
O3G ATP G . -12.94 10.43 1.82
PB ATP G . -9.92 11.89 0.50
O1B ATP G . -9.66 10.57 -0.20
O2B ATP G . -10.43 12.89 -0.49
O3B ATP G . -10.86 11.79 1.82
PA ATP G . -7.18 12.31 0.73
O1A ATP G . -7.04 12.73 -0.74
O2A ATP G . -6.64 10.94 1.09
O3A ATP G . -8.65 12.44 1.34
O5' ATP G . -6.36 13.29 1.70
C5' ATP G . -6.73 14.65 1.94
C4' ATP G . -6.45 15.07 3.41
O4' ATP G . -5.07 14.81 3.70
C3' ATP G . -6.65 16.55 3.74
O3' ATP G . -7.23 16.66 5.05
C2' ATP G . -5.24 17.13 3.70
O2' ATP G . -5.00 18.30 4.49
C1' ATP G . -4.48 15.97 4.28
N9 ATP G . -3.07 16.07 3.89
C8 ATP G . -2.56 16.14 2.64
N7 ATP G . -1.20 16.22 2.72
C5 ATP G . -0.88 16.22 4.04
C6 ATP G . 0.36 16.30 4.82
N6 ATP G . 1.54 16.39 4.13
N1 ATP G . 0.25 16.26 6.19
C2 ATP G . -0.93 16.17 6.84
N3 ATP G . -2.10 16.09 6.19
C4 ATP G . -2.12 16.11 4.82
CA CA H . -10.03 8.43 -0.13
PG ATP I . 27.71 26.22 -18.87
O1G ATP I . 26.99 26.72 -17.66
O2G ATP I . 26.92 25.84 -20.12
O3G ATP I . 28.79 25.25 -18.49
PB ATP I . 28.95 28.80 -18.89
O1B ATP I . 28.49 28.79 -17.42
O2B ATP I . 30.33 29.08 -19.46
O3B ATP I . 28.52 27.43 -19.59
PA ATP I . 27.58 31.24 -19.08
O1A ATP I . 28.84 31.89 -18.55
O2A ATP I . 26.38 31.16 -18.19
O3A ATP I . 28.02 29.81 -19.67
O5' ATP I . 27.18 31.95 -20.46
C5' ATP I . 28.11 31.94 -21.54
C4' ATP I . 27.34 32.06 -22.85
O4' ATP I . 26.33 33.06 -22.75
C3' ATP I . 28.24 32.44 -24.04
O3' ATP I . 27.89 31.61 -25.17
C2' ATP I . 27.91 33.89 -24.32
O2' ATP I . 28.08 34.28 -25.68
C1' ATP I . 26.45 33.88 -23.92
N9 ATP I . 25.99 35.24 -23.64
C8 ATP I . 26.57 36.11 -22.82
N7 ATP I . 25.87 37.27 -22.80
C5 ATP I . 24.83 37.15 -23.64
C6 ATP I . 23.71 38.02 -24.09
N6 ATP I . 23.53 39.28 -23.66
N1 ATP I . 22.87 37.50 -24.97
C2 ATP I . 23.03 36.24 -25.44
N3 ATP I . 24.01 35.38 -25.09
C4 ATP I . 24.93 35.79 -24.20
CA CA J . 27.57 27.92 -15.94
PG ATP K . 31.71 -10.14 -21.87
O1G ATP K . 30.41 -9.55 -21.34
O2G ATP K . 31.62 -10.62 -23.31
O3G ATP K . 32.43 -11.05 -20.91
PB ATP K . 32.80 -7.59 -21.20
O1B ATP K . 31.69 -7.52 -20.16
O2B ATP K . 34.20 -7.33 -20.76
O3B ATP K . 32.82 -9.00 -21.97
PA ATP K . 31.77 -5.28 -22.45
O1A ATP K . 32.48 -4.60 -21.30
O2A ATP K . 30.28 -5.42 -22.44
O3A ATP K . 32.45 -6.73 -22.52
O5' ATP K . 32.15 -4.71 -23.91
C5' ATP K . 33.54 -4.57 -24.26
C4' ATP K . 33.76 -4.68 -25.76
O4' ATP K . 32.92 -3.73 -26.42
C3' ATP K . 35.20 -4.35 -26.17
O3' ATP K . 35.64 -5.27 -27.19
C2' ATP K . 35.12 -2.95 -26.74
O2' ATP K . 36.03 -2.71 -27.81
C1' ATP K . 33.70 -2.91 -27.28
N9 ATP K . 33.20 -1.52 -27.34
C8 ATP K . 33.23 -0.58 -26.37
N7 ATP K . 32.68 0.58 -26.80
C5 ATP K . 32.26 0.40 -28.09
C6 ATP K . 31.58 1.19 -29.16
N6 ATP K . 31.20 2.48 -28.99
N1 ATP K . 31.34 0.60 -30.35
C2 ATP K . 31.72 -0.68 -30.59
N3 ATP K . 32.33 -1.48 -29.68
C4 ATP K . 32.63 -1.00 -28.43
CA CA L . 29.76 -8.54 -19.44
PG ATP M . -5.67 -31.88 22.28
O1G ATP M . -7.10 -31.34 22.24
O2G ATP M . -5.43 -33.08 21.42
O3G ATP M . -5.08 -31.96 23.69
PB ATP M . -5.01 -29.30 21.24
O1B ATP M . -6.31 -28.84 21.89
O2B ATP M . -3.78 -28.58 21.62
O3B ATP M . -4.74 -30.86 21.45
PA ATP M . -6.04 -28.34 18.84
O1A ATP M . -5.70 -26.92 19.30
O2A ATP M . -7.51 -28.77 18.96
O3A ATP M . -5.10 -29.37 19.64
O5' ATP M . -5.56 -28.59 17.31
C5' ATP M . -4.16 -28.72 17.06
C4' ATP M . -3.92 -29.74 15.98
O4' ATP M . -4.72 -29.25 14.90
C3' ATP M . -2.50 -29.83 15.44
O3' ATP M . -2.14 -31.19 15.23
C2' ATP M . -2.61 -29.22 14.07
O2' ATP M . -1.69 -29.76 13.12
C1' ATP M . -4.02 -29.60 13.72
N9 ATP M . -4.52 -28.69 12.74
C8 ATP M . -4.65 -27.39 12.91
N7 ATP M . -5.14 -26.87 11.76
C5 ATP M . -5.33 -27.82 10.87
C6 ATP M . -5.81 -27.88 9.47
N6 ATP M . -6.24 -26.82 8.79
N1 ATP M . -5.85 -29.05 8.85
C2 ATP M . -5.43 -30.11 9.58
N3 ATP M . -4.98 -30.14 10.88
C4 ATP M . -4.91 -29.01 11.55
CA CA N . -8.21 -29.54 22.82
PG ATP O . -45.55 3.63 13.87
O1G ATP O . -44.27 2.94 14.27
O2G ATP O . -45.91 4.76 14.81
O3G ATP O . -46.70 2.70 13.55
PB ATP O . -44.22 4.40 11.33
O1B ATP O . -43.36 3.17 11.58
O2B ATP O . -44.96 4.61 10.02
O3B ATP O . -45.29 4.54 12.54
PA ATP O . -41.88 5.90 10.96
O1A ATP O . -41.85 5.42 9.53
O2A ATP O . -40.99 5.35 12.07
O3A ATP O . -43.36 5.74 11.51
O5' ATP O . -41.62 7.48 10.85
C5' ATP O . -42.49 8.34 10.12
C4' ATP O . -42.63 9.57 10.98
O4' ATP O . -41.35 10.03 11.44
C3' ATP O . -43.28 10.70 10.20
O3' ATP O . -44.16 11.38 11.08
C2' ATP O . -42.11 11.61 9.89
O2' ATP O . -42.48 12.97 9.73
C1' ATP O . -41.24 11.43 11.13
N9 ATP O . -39.88 11.85 10.79
C8 ATP O . -39.19 11.41 9.72
N7 ATP O . -37.97 12.01 9.66
C5 ATP O . -37.88 12.85 10.71
C6 ATP O . -36.85 13.79 11.24
N6 ATP O . -35.64 13.97 10.66
N1 ATP O . -37.16 14.48 12.37
C2 ATP O . -38.36 14.32 12.97
N3 ATP O . -39.33 13.49 12.56
C4 ATP O . -39.16 12.75 11.45
CA CA P . -42.77 2.08 13.54
#